data_9QBJ
#
_entry.id   9QBJ
#
_cell.length_a   1.00
_cell.length_b   1.00
_cell.length_c   1.00
_cell.angle_alpha   90.00
_cell.angle_beta   90.00
_cell.angle_gamma   90.00
#
_symmetry.space_group_name_H-M   'P 1'
#
loop_
_entity.id
_entity.type
_entity.pdbx_description
1 polymer 'Nanobody ALFA-H6'
2 polymer 'Fab antibody 8D3_2_H-H6'
3 polymer 'Fa antibody 8D3_2_L'
4 polymer 'Maltose/maltodextrin-binding periplasmic protein,Immunoglobulin G-binding protein A,Immunoglobulin G-binding protein G'
5 polymer 'Maltose/maltodextrin-binding periplasmic protein,Immunoglobulin G-binding protein A,Immunoglobulin G-binding protein G'
6 branched alpha-D-glucopyranose-(1-4)-beta-D-glucopyranose
#
loop_
_entity_poly.entity_id
_entity_poly.type
_entity_poly.pdbx_seq_one_letter_code
_entity_poly.pdbx_strand_id
1 'polypeptide(L)'
;EVQLQESGGGLVQPGGSLRLSCTASGVTISALNAMAMGWYRQAPGERRVMVAAVSERGNAMYRESVQGRFTVTRDFTNKM
VSLQMDNLKPEDTAVYYCHVLEDRVDSFHDYWGQGTQVTVSSLEGTKHHHHHH
;
C,D
2 'polypeptide(L)'
;DVQLVESGGGLVQPGKSLRLSCAASGFTFSNFGMHWVRQAPEMGLEWVAYISSGSTTKYYGDTVKGRFTISRDNPKNTLY
LQMNSLRSEDTAMYYCARRPLYDGDYGYPMDYWGQGTSVTVSSASTKGPSVFPLAPSSKSTSGGTAALGCLVKDYFPEPV
TVSWNSGALTSGVHTFPAVLQSSGLYSLSSVVTVPSSSLGTQTYICNVNHKPSNTKVDKKVEPKSCGSGTKHHHHHH
;
E,G
3 'polypeptide(L)'
;NIMLTQSPSSLAVSAGERVTMSCKSTQSILYNSNQKTYLAWYQQKPGQSPKLLIYWASTRASGVPDRFTGSGSGTDFTLT
INSVQPEDLAVYYCHQYLSAWTFGGGTKLEIKRTVAAPSVFIFPPSDEQLKSGTASVVCLLNNFYPREAKVQWKVDNALQ
SGNSQESVTEQDSKDSTYSLSSTLTLSKADYEKHKVYACEVTHQGLSSPVTKSFNRGEC
;
F,H
4 'polypeptide(L)'
;MHHHHHHGSKIEEGKLVIWINGDKGYNGLAEVGKKFEKDTGIKVTVEHPDKLEEKFPQVAATGDGPDIIFWAHDRFGGYA
QSGLLAEITPDKAFQDKLYPFTWDAVRYNGKLIAYPIAVEALSLIYNKDLLPNPPKTWEEIPALDKELKAKGKSALMFNL
QEPYFTWPLIAADGGYAFKYENGKYDIKDVGVDNAGAKAGLTFLVDLIKNKHMNADTDYSIAEAAFNKGETAMTINGPWA
WSNIDTSKVNYGVTVLPTFKGQPSKPFVGVLSAGINAASPNKELAKEFLENYLLTDEGLEAVNKDKPLGAVALKSYEEEL
AKDPRIAATMENAQKGEIMPNIPQMSAFWYAVRTAVINAASGRQTVDQALAFAQILIMPNLTEEQRNGFIQSLKDDPSVS
KEILAEAKKLNEHQAPKGGSGGAGSGDQQSAFYEILNMPNLNEAQRNGFIQSLKDDPSQSTNVLGEAKKLNESQAGGGSG
GGSGGSAVTTYKLVINGKTLKGETTTKAVDAETAEKAFKQYANDNGVDGVWTYDDATKTFTVT
;
I
5 'polypeptide(L)'
;MHHHHHHGSKIEEGKLVIWINGDKGYNGLAEVGKKFEKDTGIKVTVEHPDKLEEKFPQVAATGDGPDIIFWAHDRFGGYA
QSGLLAEITPDKAFQDKLYPFTWDAVRYNGKLIAYPIAVEALSLIYNKDLLPNPPKTWEEIPALDKELKAKGKSALMFNL
QEPYFTWPLIAADGGYAFKYENGKYDIKDVGVDNAGAKAGLTFLVDLIKNKHMNADTDYSIAEAAFNKGETAMTINGPWA
WSNIDTSKVNYGVTVLPTFKGQPSKPFVGVLSAGINAASPNKELAKEFLENYLLTDEGLEAVNKDKPLGAVALKSYEEEL
AKDPRIAATMENAQKGEIMPNIPQMSAFWYAVRTAVINAASGRQTVDQALAFAQILIMPNLTEEQRNGFIQSLKDDPSVS
KEILAEAKKLNEHQAPKGGSGGAGSGDQQSAFYEILNMPNLNEAQRNGFIQSLKDDPSQSTNVLGEAKKLNESQAGGGSG
GGSGGSAVTTYKLVINGKTLKGETTTKAVDAETAEKAFKQYANDNGVDGVWTYDDATKTFTVTE
;
J
#
loop_
_chem_comp.id
_chem_comp.type
_chem_comp.name
_chem_comp.formula
BGC D-saccharide, beta linking beta-D-glucopyranose 'C6 H12 O6'
GLC D-saccharide, alpha linking alpha-D-glucopyranose 'C6 H12 O6'
#
# COMPACT_ATOMS: atom_id res chain seq x y z
N VAL A 2 30.86 -38.79 23.90
CA VAL A 2 29.70 -38.51 23.06
C VAL A 2 29.83 -37.13 22.43
N GLN A 3 30.25 -37.10 21.17
CA GLN A 3 30.42 -35.84 20.44
C GLN A 3 29.14 -35.51 19.67
N LEU A 4 28.67 -34.27 19.82
CA LEU A 4 27.46 -33.80 19.16
C LEU A 4 27.85 -32.83 18.05
N GLN A 5 27.30 -33.04 16.86
CA GLN A 5 27.56 -32.19 15.70
C GLN A 5 26.25 -31.60 15.22
N GLU A 6 26.23 -30.28 15.04
CA GLU A 6 25.05 -29.54 14.63
C GLU A 6 25.11 -29.20 13.15
N SER A 7 23.93 -28.98 12.56
CA SER A 7 23.83 -28.57 11.18
C SER A 7 22.55 -27.77 10.98
N GLY A 8 22.60 -26.79 10.09
CA GLY A 8 21.48 -25.92 9.83
C GLY A 8 21.56 -24.63 10.63
N GLY A 9 20.80 -23.63 10.18
CA GLY A 9 20.73 -22.34 10.82
C GLY A 9 20.86 -21.23 9.80
N GLY A 10 21.18 -20.04 10.28
CA GLY A 10 21.34 -18.90 9.40
C GLY A 10 20.32 -17.81 9.61
N LEU A 11 19.98 -17.07 8.56
CA LEU A 11 19.07 -15.94 8.63
C LEU A 11 17.72 -16.32 8.05
N VAL A 12 16.65 -16.04 8.81
CA VAL A 12 15.30 -16.40 8.44
C VAL A 12 14.39 -15.19 8.61
N GLN A 13 13.46 -15.01 7.67
CA GLN A 13 12.37 -14.05 7.82
C GLN A 13 11.34 -14.61 8.80
N PRO A 14 10.79 -13.78 9.69
CA PRO A 14 9.80 -14.30 10.65
C PRO A 14 8.55 -14.81 9.95
N GLY A 15 7.96 -15.84 10.55
CA GLY A 15 6.92 -16.60 9.89
C GLY A 15 7.42 -17.69 8.99
N GLY A 16 8.73 -17.74 8.71
CA GLY A 16 9.30 -18.78 7.90
C GLY A 16 9.58 -20.04 8.69
N SER A 17 10.21 -21.01 8.03
CA SER A 17 10.52 -22.29 8.61
C SER A 17 12.01 -22.58 8.52
N LEU A 18 12.50 -23.35 9.48
CA LEU A 18 13.91 -23.72 9.51
C LEU A 18 14.07 -25.05 10.25
N ARG A 19 14.92 -25.92 9.71
CA ARG A 19 15.15 -27.24 10.28
C ARG A 19 16.60 -27.35 10.72
N LEU A 20 16.81 -27.66 12.00
CA LEU A 20 18.12 -27.90 12.55
C LEU A 20 18.28 -29.40 12.82
N SER A 21 19.50 -29.90 12.63
N SER A 21 19.50 -29.90 12.63
CA SER A 21 19.80 -31.31 12.83
CA SER A 21 19.79 -31.31 12.83
C SER A 21 20.98 -31.46 13.76
C SER A 21 20.98 -31.46 13.76
N CYS A 22 20.98 -32.55 14.53
CA CYS A 22 22.09 -32.86 15.41
C CYS A 22 22.37 -34.36 15.38
N THR A 23 23.64 -34.72 15.30
N THR A 23 23.64 -34.71 15.28
CA THR A 23 24.09 -36.10 15.21
CA THR A 23 24.08 -36.11 15.23
C THR A 23 25.04 -36.39 16.37
C THR A 23 25.02 -36.38 16.39
N ALA A 24 24.81 -37.52 17.05
CA ALA A 24 25.64 -37.96 18.16
C ALA A 24 26.58 -39.06 17.70
N SER A 25 27.80 -39.03 18.22
N SER A 25 27.80 -39.03 18.22
CA SER A 25 28.83 -40.00 17.85
CA SER A 25 28.83 -40.00 17.85
C SER A 25 29.61 -40.40 19.09
C SER A 25 29.60 -40.41 19.10
N GLY A 26 30.30 -41.53 18.98
CA GLY A 26 31.09 -42.04 20.09
C GLY A 26 30.32 -42.76 21.16
N VAL A 27 29.12 -43.27 20.85
CA VAL A 27 28.30 -43.99 21.81
C VAL A 27 27.53 -45.07 21.06
N THR A 28 27.21 -46.15 21.75
CA THR A 28 26.51 -47.27 21.13
C THR A 28 25.00 -47.01 21.12
N ILE A 29 24.28 -47.87 20.39
CA ILE A 29 22.86 -47.62 20.13
C ILE A 29 22.04 -47.64 21.42
N SER A 30 22.12 -48.75 22.17
CA SER A 30 21.31 -48.88 23.38
C SER A 30 21.68 -47.83 24.42
N ALA A 31 22.98 -47.54 24.55
CA ALA A 31 23.41 -46.50 25.49
C ALA A 31 22.85 -45.14 25.09
N LEU A 32 22.76 -44.86 23.79
CA LEU A 32 22.15 -43.60 23.37
C LEU A 32 20.64 -43.62 23.59
N ASN A 33 20.00 -44.79 23.48
CA ASN A 33 18.61 -44.87 23.90
C ASN A 33 18.44 -44.78 25.41
N ALA A 34 19.54 -44.81 26.16
CA ALA A 34 19.49 -44.55 27.59
C ALA A 34 19.68 -43.07 27.93
N MET A 35 19.77 -42.20 26.93
CA MET A 35 19.95 -40.77 27.13
C MET A 35 18.68 -40.01 26.72
N ALA A 36 18.52 -38.82 27.29
CA ALA A 36 17.48 -37.88 26.87
C ALA A 36 18.12 -36.77 26.04
N MET A 37 17.59 -36.56 24.84
CA MET A 37 18.24 -35.67 23.88
C MET A 37 17.32 -34.49 23.57
N GLY A 38 17.90 -33.29 23.51
CA GLY A 38 17.07 -32.12 23.31
C GLY A 38 17.84 -30.95 22.73
N TRP A 39 17.13 -29.84 22.59
CA TRP A 39 17.68 -28.59 22.11
C TRP A 39 17.51 -27.52 23.18
N TYR A 40 18.60 -26.81 23.47
CA TYR A 40 18.63 -25.61 24.29
C TYR A 40 18.91 -24.41 23.40
N ARG A 41 18.70 -23.21 23.93
CA ARG A 41 19.06 -22.01 23.19
C ARG A 41 19.59 -20.96 24.15
N GLN A 42 20.45 -20.09 23.62
CA GLN A 42 21.05 -19.03 24.41
C GLN A 42 21.11 -17.75 23.60
N ALA A 43 20.65 -16.65 24.20
CA ALA A 43 20.74 -15.30 23.69
C ALA A 43 21.86 -14.55 24.39
N PRO A 44 22.46 -13.55 23.74
CA PRO A 44 23.53 -12.77 24.40
C PRO A 44 23.01 -12.02 25.61
N GLY A 45 23.51 -12.39 26.78
CA GLY A 45 23.14 -11.77 28.03
C GLY A 45 22.23 -12.61 28.92
N GLU A 46 21.74 -13.75 28.44
CA GLU A 46 20.90 -14.63 29.24
C GLU A 46 21.48 -16.03 29.24
N ARG A 47 21.14 -16.79 30.29
CA ARG A 47 21.62 -18.15 30.43
C ARG A 47 20.91 -19.08 29.45
N ARG A 48 21.49 -20.27 29.27
CA ARG A 48 20.87 -21.27 28.41
C ARG A 48 19.56 -21.76 29.02
N VAL A 49 18.52 -21.86 28.18
CA VAL A 49 17.23 -22.40 28.58
C VAL A 49 16.86 -23.51 27.60
N MET A 50 16.00 -24.41 28.06
CA MET A 50 15.62 -25.58 27.27
C MET A 50 14.44 -25.20 26.38
N VAL A 51 14.58 -25.42 25.08
CA VAL A 51 13.51 -25.15 24.13
C VAL A 51 12.78 -26.42 23.70
N ALA A 52 13.46 -27.58 23.71
CA ALA A 52 12.78 -28.83 23.43
C ALA A 52 13.56 -29.99 24.04
N ALA A 53 12.85 -31.07 24.34
CA ALA A 53 13.52 -32.26 24.89
C ALA A 53 12.70 -33.50 24.55
N VAL A 54 13.41 -34.60 24.31
CA VAL A 54 12.80 -35.92 24.10
C VAL A 54 13.50 -36.88 25.04
N SER A 55 12.74 -37.50 25.94
CA SER A 55 13.30 -38.45 26.88
C SER A 55 13.53 -39.79 26.20
N GLU A 56 13.94 -40.79 26.98
CA GLU A 56 14.17 -42.12 26.45
C GLU A 56 12.89 -42.90 26.23
N ARG A 57 11.78 -42.45 26.83
CA ARG A 57 10.47 -43.06 26.60
C ARG A 57 9.87 -42.67 25.25
N GLY A 58 10.49 -41.74 24.52
CA GLY A 58 9.93 -41.22 23.30
C GLY A 58 8.92 -40.11 23.48
N ASN A 59 8.73 -39.62 24.71
CA ASN A 59 7.85 -38.50 24.95
C ASN A 59 8.58 -37.18 24.74
N ALA A 60 7.80 -36.13 24.49
CA ALA A 60 8.33 -34.81 24.16
C ALA A 60 7.93 -33.80 25.23
N MET A 61 8.82 -32.83 25.46
CA MET A 61 8.59 -31.76 26.43
C MET A 61 9.06 -30.45 25.81
N TYR A 62 8.22 -29.41 25.90
CA TYR A 62 8.48 -28.15 25.23
C TYR A 62 8.40 -27.01 26.22
N ARG A 63 9.14 -25.94 25.92
CA ARG A 63 8.97 -24.68 26.64
C ARG A 63 7.61 -24.08 26.32
N GLU A 64 7.07 -23.34 27.30
CA GLU A 64 5.71 -22.80 27.16
C GLU A 64 5.62 -21.83 25.99
N SER A 65 6.60 -20.93 25.87
CA SER A 65 6.56 -19.89 24.85
C SER A 65 6.77 -20.41 23.43
N VAL A 66 7.20 -21.66 23.28
CA VAL A 66 7.51 -22.22 21.96
C VAL A 66 6.65 -23.42 21.61
N GLN A 67 5.68 -23.79 22.46
CA GLN A 67 4.85 -24.95 22.19
C GLN A 67 3.97 -24.70 20.98
N GLY A 68 3.87 -25.69 20.11
CA GLY A 68 3.11 -25.58 18.87
C GLY A 68 3.90 -25.08 17.69
N ARG A 69 4.63 -23.98 17.87
CA ARG A 69 5.45 -23.44 16.79
C ARG A 69 6.66 -24.33 16.50
N PHE A 70 7.27 -24.87 17.55
CA PHE A 70 8.44 -25.73 17.42
C PHE A 70 8.05 -27.19 17.58
N THR A 71 8.76 -28.06 16.88
CA THR A 71 8.64 -29.51 17.10
C THR A 71 10.04 -30.11 17.12
N VAL A 72 10.17 -31.21 17.87
CA VAL A 72 11.42 -31.94 17.97
C VAL A 72 11.14 -33.41 17.69
N THR A 73 12.01 -34.04 16.89
CA THR A 73 11.85 -35.44 16.54
C THR A 73 13.17 -36.18 16.75
N ARG A 74 13.04 -37.45 17.15
CA ARG A 74 14.18 -38.29 17.51
C ARG A 74 14.18 -39.54 16.64
N ASP A 75 15.19 -39.66 15.78
CA ASP A 75 15.48 -40.89 15.05
C ASP A 75 16.59 -41.60 15.82
N PHE A 76 16.18 -42.44 16.77
CA PHE A 76 17.13 -43.15 17.61
C PHE A 76 17.92 -44.21 16.86
N THR A 77 17.38 -44.72 15.74
CA THR A 77 18.12 -45.73 14.98
C THR A 77 19.35 -45.12 14.31
N ASN A 78 19.25 -43.87 13.87
CA ASN A 78 20.34 -43.19 13.17
C ASN A 78 21.11 -42.24 14.07
N LYS A 79 20.91 -42.33 15.39
CA LYS A 79 21.61 -41.48 16.37
C LYS A 79 21.37 -39.99 16.10
N MET A 80 20.17 -39.66 15.65
CA MET A 80 19.92 -38.39 14.98
C MET A 80 18.69 -37.70 15.55
N VAL A 81 18.72 -36.37 15.58
CA VAL A 81 17.62 -35.59 16.15
C VAL A 81 17.42 -34.33 15.31
N SER A 82 16.16 -33.90 15.19
CA SER A 82 15.85 -32.70 14.43
C SER A 82 14.93 -31.79 15.23
N LEU A 83 15.05 -30.50 14.93
CA LEU A 83 14.17 -29.46 15.46
C LEU A 83 13.62 -28.66 14.29
N GLN A 84 12.30 -28.70 14.12
CA GLN A 84 11.62 -27.93 13.08
C GLN A 84 11.00 -26.70 13.73
N MET A 85 11.35 -25.52 13.24
CA MET A 85 10.88 -24.25 13.77
C MET A 85 10.02 -23.57 12.72
N ASP A 86 8.76 -23.33 13.06
CA ASP A 86 7.80 -22.71 12.16
C ASP A 86 7.19 -21.48 12.84
N ASN A 87 6.89 -20.47 12.02
CA ASN A 87 6.29 -19.20 12.47
C ASN A 87 7.24 -18.60 13.52
N LEU A 88 8.37 -18.14 13.00
CA LEU A 88 9.41 -17.59 13.85
C LEU A 88 9.11 -16.14 14.21
N LYS A 89 9.81 -15.63 15.22
CA LYS A 89 9.70 -14.26 15.70
C LYS A 89 11.10 -13.69 15.87
N PRO A 90 11.24 -12.36 15.83
CA PRO A 90 12.56 -11.76 16.06
C PRO A 90 13.18 -12.11 17.41
N GLU A 91 12.37 -12.38 18.42
CA GLU A 91 12.89 -12.77 19.73
C GLU A 91 13.49 -14.16 19.75
N ASP A 92 13.32 -14.94 18.68
CA ASP A 92 13.84 -16.30 18.61
C ASP A 92 15.29 -16.37 18.15
N THR A 93 15.89 -15.23 17.81
CA THR A 93 17.30 -15.20 17.43
C THR A 93 18.18 -15.62 18.60
N ALA A 94 18.98 -16.66 18.39
CA ALA A 94 19.80 -17.23 19.47
C ALA A 94 20.77 -18.25 18.86
N VAL A 95 21.63 -18.77 19.72
CA VAL A 95 22.49 -19.90 19.39
C VAL A 95 21.84 -21.15 19.98
N TYR A 96 21.59 -22.14 19.13
CA TYR A 96 20.95 -23.37 19.54
C TYR A 96 21.99 -24.45 19.81
N TYR A 97 21.78 -25.18 20.90
CA TYR A 97 22.74 -26.12 21.44
C TYR A 97 22.08 -27.50 21.50
N CYS A 98 22.69 -28.47 20.82
CA CYS A 98 22.26 -29.85 20.99
C CYS A 98 22.74 -30.35 22.35
N HIS A 99 21.85 -30.97 23.12
CA HIS A 99 22.13 -31.31 24.51
C HIS A 99 21.74 -32.75 24.79
N VAL A 100 22.58 -33.45 25.53
CA VAL A 100 22.35 -34.85 25.88
C VAL A 100 22.46 -34.99 27.39
N LEU A 101 21.40 -35.47 28.03
CA LEU A 101 21.35 -35.62 29.48
C LEU A 101 21.24 -37.11 29.80
N GLU A 102 22.11 -37.60 30.69
CA GLU A 102 21.95 -38.96 31.19
C GLU A 102 22.11 -38.98 32.71
N ASP A 103 21.38 -39.90 33.34
CA ASP A 103 21.44 -40.09 34.78
C ASP A 103 22.59 -41.00 35.14
N ARG A 104 23.37 -40.58 36.15
CA ARG A 104 24.45 -41.38 36.71
C ARG A 104 24.08 -41.87 38.10
N VAL A 105 22.81 -42.24 38.27
CA VAL A 105 22.23 -42.72 39.52
C VAL A 105 22.31 -41.64 40.59
N ASP A 106 23.51 -41.29 41.02
CA ASP A 106 23.69 -40.29 42.06
C ASP A 106 23.56 -38.86 41.56
N SER A 107 23.62 -38.64 40.25
CA SER A 107 23.56 -37.28 39.71
C SER A 107 23.18 -37.35 38.23
N PHE A 108 23.08 -36.18 37.61
CA PHE A 108 22.77 -36.03 36.20
C PHE A 108 23.94 -35.38 35.49
N HIS A 109 24.24 -35.82 34.27
CA HIS A 109 25.35 -35.28 33.51
C HIS A 109 24.87 -34.83 32.13
N ASP A 110 25.47 -33.74 31.65
CA ASP A 110 25.08 -33.11 30.40
C ASP A 110 26.24 -33.08 29.41
N TYR A 111 25.90 -33.17 28.13
CA TYR A 111 26.84 -33.01 27.02
C TYR A 111 26.28 -31.93 26.11
N TRP A 112 27.11 -30.93 25.80
CA TRP A 112 26.72 -29.81 24.96
C TRP A 112 27.49 -29.82 23.65
N GLY A 113 26.79 -29.55 22.55
CA GLY A 113 27.42 -29.44 21.25
C GLY A 113 27.99 -28.06 21.00
N GLN A 114 28.54 -27.89 19.79
CA GLN A 114 29.11 -26.60 19.41
C GLN A 114 28.05 -25.53 19.27
N GLY A 115 26.90 -25.88 18.69
CA GLY A 115 25.81 -24.94 18.56
C GLY A 115 25.81 -24.24 17.21
N THR A 116 24.62 -23.79 16.80
CA THR A 116 24.46 -23.11 15.52
C THR A 116 23.75 -21.77 15.72
N GLN A 117 24.09 -20.81 14.88
CA GLN A 117 23.55 -19.46 14.97
C GLN A 117 22.28 -19.35 14.15
N VAL A 118 21.23 -18.79 14.76
CA VAL A 118 19.96 -18.56 14.08
C VAL A 118 19.53 -17.13 14.35
N THR A 119 19.32 -16.36 13.28
CA THR A 119 18.91 -14.97 13.36
C THR A 119 17.62 -14.79 12.59
N VAL A 120 16.68 -14.03 13.17
CA VAL A 120 15.43 -13.69 12.52
C VAL A 120 15.48 -12.23 12.14
N SER A 121 15.35 -11.94 10.85
CA SER A 121 15.48 -10.59 10.31
C SER A 121 14.10 -9.97 10.21
N SER A 122 13.86 -8.92 10.99
CA SER A 122 12.53 -8.34 11.16
C SER A 122 12.20 -7.30 10.09
N LEU A 123 12.80 -7.41 8.90
CA LEU A 123 12.58 -6.45 7.83
C LEU A 123 11.16 -6.63 7.28
N GLU A 124 10.76 -5.71 6.40
CA GLU A 124 9.40 -5.67 5.88
C GLU A 124 9.27 -5.96 4.39
N GLY A 125 10.11 -5.34 3.55
CA GLY A 125 9.95 -5.44 2.11
C GLY A 125 10.71 -6.56 1.45
N THR A 126 11.25 -7.50 2.21
CA THR A 126 12.12 -8.54 1.70
C THR A 126 11.40 -9.85 1.40
N LYS A 127 10.07 -9.86 1.40
CA LYS A 127 9.34 -11.11 1.22
C LYS A 127 9.57 -11.71 -0.16
N HIS A 128 9.63 -10.88 -1.20
CA HIS A 128 9.78 -11.40 -2.56
C HIS A 128 11.25 -11.68 -2.89
N HIS A 129 12.17 -11.04 -2.17
CA HIS A 129 13.61 -11.08 -2.40
C HIS A 129 14.17 -12.46 -2.73
N HIS A 130 15.00 -12.53 -3.77
CA HIS A 130 15.64 -13.77 -4.19
C HIS A 130 16.65 -14.22 -3.13
N HIS A 131 17.23 -15.41 -3.34
CA HIS A 131 18.24 -15.91 -2.43
C HIS A 131 19.48 -16.38 -3.17
N HIS A 132 19.29 -16.86 -4.40
CA HIS A 132 20.38 -17.37 -5.24
C HIS A 132 21.27 -18.40 -4.54
N VAL B 2 0.22 50.97 -22.02
CA VAL B 2 -0.43 50.21 -20.96
C VAL B 2 0.55 49.24 -20.33
N GLN B 3 0.71 49.31 -19.01
CA GLN B 3 1.63 48.47 -18.28
C GLN B 3 0.85 47.37 -17.57
N LEU B 4 1.26 46.12 -17.78
CA LEU B 4 0.58 44.97 -17.21
C LEU B 4 1.50 44.28 -16.20
N GLN B 5 0.95 43.92 -15.05
CA GLN B 5 1.71 43.25 -14.02
C GLN B 5 0.96 42.03 -13.51
N GLU B 6 1.69 40.93 -13.33
CA GLU B 6 1.13 39.68 -12.84
C GLU B 6 1.44 39.47 -11.37
N SER B 7 0.59 38.69 -10.72
CA SER B 7 0.74 38.36 -9.31
C SER B 7 0.20 36.96 -9.07
N GLY B 8 0.85 36.24 -8.17
CA GLY B 8 0.46 34.87 -7.85
C GLY B 8 1.17 33.85 -8.71
N GLY B 9 1.36 32.66 -8.15
CA GLY B 9 2.03 31.58 -8.83
C GLY B 9 2.92 30.83 -7.87
N GLY B 10 3.91 30.14 -8.44
CA GLY B 10 4.86 29.39 -7.64
C GLY B 10 4.77 27.89 -7.87
N LEU B 11 5.07 27.11 -6.84
CA LEU B 11 5.05 25.66 -6.92
C LEU B 11 3.77 25.13 -6.29
N VAL B 12 3.17 24.14 -6.93
CA VAL B 12 1.89 23.60 -6.49
C VAL B 12 1.81 22.12 -6.82
N GLN B 13 1.19 21.35 -5.93
CA GLN B 13 1.00 19.93 -6.15
C GLN B 13 -0.09 19.70 -7.19
N PRO B 14 0.02 18.64 -8.00
CA PRO B 14 -1.06 18.33 -8.95
C PRO B 14 -2.37 18.06 -8.24
N GLY B 15 -3.46 18.50 -8.85
CA GLY B 15 -4.76 18.45 -8.25
C GLY B 15 -5.11 19.65 -7.40
N GLY B 16 -4.16 20.55 -7.15
CA GLY B 16 -4.41 21.74 -6.37
C GLY B 16 -5.06 22.83 -7.19
N SER B 17 -5.15 24.01 -6.58
CA SER B 17 -5.74 25.18 -7.21
C SER B 17 -4.80 26.37 -7.09
N LEU B 18 -4.87 27.27 -8.06
CA LEU B 18 -4.01 28.45 -8.06
C LEU B 18 -4.71 29.59 -8.78
N ARG B 19 -4.66 30.78 -8.19
CA ARG B 19 -5.31 31.96 -8.75
C ARG B 19 -4.26 33.00 -9.09
N LEU B 20 -4.07 33.23 -10.38
CA LEU B 20 -3.18 34.28 -10.87
C LEU B 20 -3.99 35.52 -11.21
N SER B 21 -3.40 36.69 -10.99
N SER B 21 -3.40 36.69 -10.99
CA SER B 21 -4.06 37.95 -11.25
CA SER B 21 -4.06 37.95 -11.26
C SER B 21 -3.18 38.83 -12.13
C SER B 21 -3.18 38.83 -12.13
N CYS B 22 -3.81 39.67 -12.93
CA CYS B 22 -3.12 40.64 -13.78
C CYS B 22 -3.80 41.99 -13.66
N THR B 23 -2.98 43.03 -13.46
N THR B 23 -2.99 43.03 -13.45
CA THR B 23 -3.45 44.39 -13.29
CA THR B 23 -3.46 44.39 -13.30
C THR B 23 -2.87 45.26 -14.41
C THR B 23 -2.87 45.25 -14.41
N ALA B 24 -3.72 46.08 -15.02
CA ALA B 24 -3.33 46.97 -16.11
C ALA B 24 -3.38 48.41 -15.63
N SER B 25 -2.41 49.21 -16.08
N SER B 25 -2.41 49.21 -16.08
CA SER B 25 -2.32 50.61 -15.69
CA SER B 25 -2.31 50.61 -15.70
C SER B 25 -1.95 51.45 -16.91
C SER B 25 -1.95 51.44 -16.91
N GLY B 26 -2.19 52.75 -16.81
CA GLY B 26 -1.93 53.65 -17.91
C GLY B 26 -3.00 53.67 -18.98
N VAL B 27 -4.24 53.38 -18.61
CA VAL B 27 -5.32 53.25 -19.58
C VAL B 27 -6.63 53.66 -18.93
N THR B 28 -7.49 54.32 -19.71
CA THR B 28 -8.82 54.66 -19.24
C THR B 28 -9.74 53.45 -19.36
N ILE B 29 -10.87 53.51 -18.65
CA ILE B 29 -11.74 52.34 -18.48
C ILE B 29 -12.29 51.87 -19.82
N SER B 30 -12.87 52.79 -20.60
CA SER B 30 -13.45 52.41 -21.88
C SER B 30 -12.39 51.94 -22.86
N ALA B 31 -11.17 52.46 -22.74
CA ALA B 31 -10.10 52.11 -23.67
C ALA B 31 -9.75 50.63 -23.58
N LEU B 32 -9.37 50.15 -22.39
CA LEU B 32 -9.11 48.72 -22.26
C LEU B 32 -10.37 47.89 -22.19
N ASN B 33 -11.53 48.52 -22.01
CA ASN B 33 -12.79 47.83 -22.28
C ASN B 33 -12.88 47.45 -23.75
N ALA B 34 -12.42 48.33 -24.65
CA ALA B 34 -12.49 48.06 -26.07
C ALA B 34 -11.45 47.07 -26.56
N MET B 35 -10.47 46.70 -25.74
CA MET B 35 -9.46 45.71 -26.11
C MET B 35 -9.67 44.43 -25.32
N ALA B 36 -9.58 43.30 -26.01
CA ALA B 36 -9.69 41.99 -25.37
C ALA B 36 -8.50 41.72 -24.45
N MET B 37 -8.72 40.89 -23.44
CA MET B 37 -7.69 40.60 -22.44
C MET B 37 -7.68 39.12 -22.14
N GLY B 38 -6.49 38.55 -21.97
CA GLY B 38 -6.42 37.12 -21.75
C GLY B 38 -5.08 36.66 -21.20
N TRP B 39 -4.93 35.34 -21.15
CA TRP B 39 -3.75 34.68 -20.61
C TRP B 39 -3.16 33.74 -21.64
N TYR B 40 -1.87 33.91 -21.90
CA TYR B 40 -1.02 33.04 -22.69
C TYR B 40 -0.12 32.25 -21.76
N ARG B 41 0.39 31.12 -22.23
CA ARG B 41 1.43 30.42 -21.49
C ARG B 41 2.48 29.93 -22.46
N GLN B 42 3.67 29.66 -21.93
CA GLN B 42 4.77 29.15 -22.73
C GLN B 42 5.68 28.30 -21.87
N ALA B 43 5.96 27.11 -22.34
CA ALA B 43 7.02 26.26 -21.81
C ALA B 43 8.27 26.46 -22.66
N PRO B 44 9.46 26.29 -22.06
CA PRO B 44 10.69 26.44 -22.85
C PRO B 44 10.74 25.43 -23.99
N GLY B 45 11.20 25.90 -25.15
CA GLY B 45 11.19 25.11 -26.36
C GLY B 45 9.87 25.08 -27.10
N GLU B 46 8.81 25.68 -26.53
CA GLU B 46 7.50 25.72 -27.14
C GLU B 46 7.13 27.16 -27.51
N ARG B 47 6.12 27.28 -28.37
CA ARG B 47 5.68 28.58 -28.83
C ARG B 47 4.57 29.12 -27.92
N ARG B 48 4.07 30.30 -28.27
CA ARG B 48 3.11 31.04 -27.46
C ARG B 48 1.71 30.51 -27.76
N VAL B 49 1.10 29.83 -26.80
CA VAL B 49 -0.21 29.21 -26.99
C VAL B 49 -1.21 29.86 -26.03
N MET B 50 -2.46 29.96 -26.48
CA MET B 50 -3.50 30.67 -25.75
C MET B 50 -4.23 29.71 -24.84
N VAL B 51 -4.34 30.06 -23.56
CA VAL B 51 -5.12 29.29 -22.61
C VAL B 51 -6.39 30.00 -22.19
N ALA B 52 -6.43 31.33 -22.20
CA ALA B 52 -7.66 32.03 -21.86
C ALA B 52 -7.76 33.33 -22.64
N ALA B 53 -8.98 33.70 -22.98
CA ALA B 53 -9.22 35.00 -23.61
C ALA B 53 -10.62 35.47 -23.27
N VAL B 54 -10.78 36.78 -23.16
CA VAL B 54 -12.08 37.42 -22.97
C VAL B 54 -12.14 38.62 -23.90
N SER B 55 -13.15 38.64 -24.76
CA SER B 55 -13.30 39.70 -25.74
C SER B 55 -13.91 40.95 -25.09
N GLU B 56 -14.07 42.00 -25.89
CA GLU B 56 -14.65 43.23 -25.41
C GLU B 56 -16.12 43.07 -25.03
N ARG B 57 -16.79 42.03 -25.52
CA ARG B 57 -18.17 41.77 -25.18
C ARG B 57 -18.34 40.82 -24.01
N GLY B 58 -17.23 40.33 -23.43
CA GLY B 58 -17.31 39.49 -22.26
C GLY B 58 -17.47 38.01 -22.52
N ASN B 59 -17.17 37.54 -23.73
CA ASN B 59 -17.24 36.12 -24.04
C ASN B 59 -15.89 35.48 -23.82
N ALA B 60 -15.87 34.34 -23.13
CA ALA B 60 -14.65 33.65 -22.76
C ALA B 60 -14.33 32.52 -23.73
N MET B 61 -13.07 32.48 -24.17
CA MET B 61 -12.57 31.44 -25.06
C MET B 61 -11.43 30.71 -24.37
N TYR B 62 -11.48 29.37 -24.40
CA TYR B 62 -10.52 28.52 -23.72
C TYR B 62 -9.91 27.52 -24.71
N ARG B 63 -8.67 27.13 -24.45
CA ARG B 63 -8.08 26.02 -25.18
C ARG B 63 -8.76 24.72 -24.77
N GLU B 64 -8.83 23.78 -25.72
CA GLU B 64 -9.57 22.54 -25.48
C GLU B 64 -8.97 21.71 -24.36
N SER B 65 -7.66 21.82 -24.13
CA SER B 65 -7.01 21.04 -23.08
C SER B 65 -7.31 21.58 -21.69
N VAL B 66 -7.68 22.85 -21.57
CA VAL B 66 -7.89 23.49 -20.28
C VAL B 66 -9.33 23.93 -20.07
N GLN B 67 -10.20 23.73 -21.05
CA GLN B 67 -11.61 24.11 -20.90
C GLN B 67 -12.26 23.33 -19.76
N GLY B 68 -12.96 24.05 -18.91
CA GLY B 68 -13.55 23.48 -17.70
C GLY B 68 -12.61 23.50 -16.51
N ARG B 69 -11.34 23.14 -16.75
CA ARG B 69 -10.35 23.17 -15.67
C ARG B 69 -9.98 24.60 -15.30
N PHE B 70 -9.80 25.46 -16.29
CA PHE B 70 -9.35 26.82 -16.08
C PHE B 70 -10.53 27.78 -16.23
N THR B 71 -10.38 28.96 -15.65
CA THR B 71 -11.43 29.96 -15.67
C THR B 71 -10.82 31.36 -15.74
N VAL B 72 -11.32 32.19 -16.65
CA VAL B 72 -10.85 33.56 -16.79
C VAL B 72 -11.99 34.52 -16.47
N THR B 73 -11.69 35.57 -15.72
CA THR B 73 -12.68 36.55 -15.33
C THR B 73 -12.09 37.95 -15.42
N ARG B 74 -12.86 38.89 -15.96
CA ARG B 74 -12.43 40.27 -16.18
C ARG B 74 -13.33 41.20 -15.39
N ASP B 75 -12.74 42.01 -14.52
CA ASP B 75 -13.47 42.99 -13.70
C ASP B 75 -12.97 44.34 -14.20
N PHE B 76 -13.86 45.07 -14.89
CA PHE B 76 -13.51 46.37 -15.44
C PHE B 76 -13.21 47.39 -14.35
N THR B 77 -14.02 47.40 -13.29
CA THR B 77 -13.95 48.45 -12.29
C THR B 77 -12.61 48.44 -11.55
N ASN B 78 -12.14 47.26 -11.16
CA ASN B 78 -10.84 47.13 -10.51
C ASN B 78 -9.71 46.92 -11.51
N LYS B 79 -10.02 46.91 -12.82
CA LYS B 79 -9.02 46.79 -13.88
C LYS B 79 -8.21 45.50 -13.76
N MET B 80 -8.89 44.41 -13.42
CA MET B 80 -8.19 43.18 -13.04
C MET B 80 -8.71 41.98 -13.80
N VAL B 81 -7.81 41.16 -14.32
CA VAL B 81 -8.21 39.87 -14.87
C VAL B 81 -7.63 38.79 -13.98
N SER B 82 -8.41 37.73 -13.79
CA SER B 82 -8.04 36.65 -12.88
C SER B 82 -8.20 35.31 -13.58
N LEU B 83 -7.17 34.48 -13.47
CA LEU B 83 -7.17 33.13 -14.00
C LEU B 83 -7.15 32.15 -12.83
N GLN B 84 -8.19 31.34 -12.71
CA GLN B 84 -8.29 30.31 -11.69
C GLN B 84 -8.01 28.96 -12.33
N MET B 85 -7.05 28.24 -11.79
CA MET B 85 -6.58 26.98 -12.36
C MET B 85 -6.84 25.87 -11.34
N ASP B 86 -7.65 24.89 -11.73
CA ASP B 86 -8.03 23.78 -10.87
C ASP B 86 -7.72 22.46 -11.56
N ASN B 87 -7.41 21.45 -10.74
CA ASN B 87 -7.07 20.11 -11.20
C ASN B 87 -5.86 20.20 -12.14
N LEU B 88 -4.73 20.53 -11.53
CA LEU B 88 -3.51 20.73 -12.28
C LEU B 88 -2.77 19.42 -12.50
N LYS B 89 -2.03 19.36 -13.59
CA LYS B 89 -1.21 18.22 -13.97
C LYS B 89 0.18 18.70 -14.34
N PRO B 90 1.18 17.81 -14.31
CA PRO B 90 2.56 18.23 -14.62
C PRO B 90 2.74 18.84 -16.00
N GLU B 91 1.83 18.61 -16.94
CA GLU B 91 1.96 19.22 -18.25
C GLU B 91 1.69 20.72 -18.24
N ASP B 92 1.18 21.27 -17.14
CA ASP B 92 0.75 22.66 -17.09
C ASP B 92 1.80 23.62 -16.56
N THR B 93 2.99 23.15 -16.18
CA THR B 93 4.01 24.05 -15.67
C THR B 93 4.58 24.90 -16.80
N ALA B 94 4.60 26.22 -16.61
CA ALA B 94 5.02 27.13 -17.67
C ALA B 94 5.16 28.54 -17.12
N VAL B 95 5.58 29.45 -18.00
CA VAL B 95 5.58 30.88 -17.74
C VAL B 95 4.29 31.44 -18.33
N TYR B 96 3.50 32.11 -17.50
CA TYR B 96 2.20 32.64 -17.92
C TYR B 96 2.33 34.13 -18.16
N TYR B 97 1.75 34.60 -19.27
CA TYR B 97 1.78 36.00 -19.68
C TYR B 97 0.36 36.55 -19.71
N CYS B 98 0.14 37.64 -18.98
CA CYS B 98 -1.04 38.46 -19.18
C CYS B 98 -0.89 39.21 -20.50
N HIS B 99 -1.95 39.22 -21.32
CA HIS B 99 -1.84 39.74 -22.66
C HIS B 99 -3.08 40.56 -23.01
N VAL B 100 -2.86 41.63 -23.77
CA VAL B 100 -3.93 42.52 -24.22
C VAL B 100 -3.92 42.54 -25.74
N LEU B 101 -5.07 42.27 -26.35
CA LEU B 101 -5.25 42.32 -27.79
C LEU B 101 -6.08 43.55 -28.13
N GLU B 102 -5.52 44.46 -28.92
CA GLU B 102 -6.20 45.69 -29.29
C GLU B 102 -6.21 45.81 -30.81
N ASP B 103 -7.25 46.46 -31.33
CA ASP B 103 -7.42 46.62 -32.77
C ASP B 103 -6.99 48.02 -33.19
N ARG B 104 -6.00 48.10 -34.07
CA ARG B 104 -5.71 49.31 -34.83
C ARG B 104 -6.35 49.26 -36.22
N VAL B 105 -7.51 48.60 -36.34
CA VAL B 105 -8.28 48.47 -37.57
C VAL B 105 -7.50 47.69 -38.63
N ASP B 106 -6.33 48.21 -39.01
CA ASP B 106 -5.55 47.58 -40.06
C ASP B 106 -4.98 46.22 -39.62
N SER B 107 -4.68 46.06 -38.34
CA SER B 107 -4.07 44.83 -37.86
C SER B 107 -4.35 44.70 -36.36
N PHE B 108 -3.64 43.78 -35.72
CA PHE B 108 -3.78 43.49 -34.30
C PHE B 108 -2.50 43.91 -33.57
N HIS B 109 -2.66 44.37 -32.33
CA HIS B 109 -1.53 44.72 -31.49
C HIS B 109 -1.65 44.00 -30.15
N ASP B 110 -0.52 43.50 -29.66
CA ASP B 110 -0.46 42.71 -28.44
C ASP B 110 0.41 43.42 -27.40
N TYR B 111 -0.12 43.55 -26.19
CA TYR B 111 0.62 44.07 -25.05
C TYR B 111 0.92 42.92 -24.10
N TRP B 112 2.16 42.87 -23.62
CA TRP B 112 2.68 41.74 -22.86
C TRP B 112 3.06 42.17 -21.45
N GLY B 113 2.89 41.24 -20.51
CA GLY B 113 3.35 41.44 -19.15
C GLY B 113 4.68 40.75 -18.88
N GLN B 114 5.12 40.86 -17.62
CA GLN B 114 6.38 40.20 -17.24
C GLN B 114 6.20 38.70 -17.09
N GLY B 115 5.01 38.25 -16.72
CA GLY B 115 4.77 36.81 -16.61
C GLY B 115 5.10 36.28 -15.23
N THR B 116 4.47 35.15 -14.89
CA THR B 116 4.68 34.49 -13.62
C THR B 116 4.96 33.01 -13.85
N GLN B 117 5.72 32.41 -12.94
CA GLN B 117 6.13 31.02 -13.07
C GLN B 117 5.15 30.11 -12.34
N VAL B 118 4.74 29.02 -13.00
CA VAL B 118 3.89 28.01 -12.38
C VAL B 118 4.57 26.65 -12.57
N THR B 119 4.85 25.99 -11.45
CA THR B 119 5.55 24.69 -11.45
C THR B 119 4.67 23.68 -10.73
N VAL B 120 4.16 22.71 -11.48
CA VAL B 120 3.36 21.63 -10.92
C VAL B 120 4.31 20.48 -10.60
N SER B 121 4.48 20.18 -9.32
CA SER B 121 5.50 19.25 -8.84
C SER B 121 4.85 17.91 -8.50
N SER B 122 5.00 16.94 -9.40
CA SER B 122 4.40 15.62 -9.23
C SER B 122 5.25 14.77 -8.30
N LEU B 123 4.69 14.40 -7.13
CA LEU B 123 5.45 13.94 -5.94
C LEU B 123 4.54 13.07 -5.09
N GLU B 124 5.10 12.00 -4.54
CA GLU B 124 4.34 11.04 -3.76
C GLU B 124 4.51 11.29 -2.27
N GLY B 125 3.47 10.94 -1.52
CA GLY B 125 3.51 11.12 -0.07
C GLY B 125 3.56 12.56 0.38
N THR B 126 2.89 13.46 -0.35
CA THR B 126 2.87 14.87 -0.02
C THR B 126 1.46 15.38 0.28
N LYS B 127 0.55 14.48 0.63
CA LYS B 127 -0.82 14.90 0.91
C LYS B 127 -0.93 15.68 2.22
N HIS B 128 -0.05 15.38 3.19
CA HIS B 128 -0.12 16.00 4.51
C HIS B 128 1.15 16.78 4.86
N HIS B 129 1.97 17.10 3.87
CA HIS B 129 3.18 17.87 4.15
C HIS B 129 2.85 19.31 4.53
N HIS B 130 3.61 19.85 5.47
CA HIS B 130 3.46 21.24 5.85
C HIS B 130 3.99 22.16 4.76
N HIS B 131 3.39 23.33 4.64
CA HIS B 131 3.81 24.34 3.67
C HIS B 131 4.28 25.62 4.33
N HIS B 132 3.59 26.09 5.37
CA HIS B 132 4.02 27.29 6.09
C HIS B 132 5.26 27.06 6.92
N HIS B 133 5.59 25.82 7.24
CA HIS B 133 6.74 25.50 8.07
C HIS B 133 8.04 25.88 7.38
N ASP C 1 7.46 20.53 8.16
CA ASP C 1 8.40 19.45 8.43
C ASP C 1 7.77 18.40 9.33
N VAL C 2 8.36 17.20 9.35
CA VAL C 2 7.85 16.13 10.19
C VAL C 2 8.08 16.48 11.65
N GLN C 3 7.02 16.39 12.45
CA GLN C 3 7.11 16.70 13.87
C GLN C 3 6.35 15.66 14.66
N LEU C 4 6.91 15.31 15.83
CA LEU C 4 6.32 14.34 16.75
C LEU C 4 6.33 14.94 18.14
N VAL C 5 5.19 14.90 18.82
CA VAL C 5 5.05 15.49 20.14
C VAL C 5 4.52 14.43 21.10
N GLU C 6 5.22 14.23 22.20
CA GLU C 6 4.81 13.27 23.23
C GLU C 6 4.12 13.98 24.39
N SER C 7 3.25 13.23 25.07
CA SER C 7 2.52 13.75 26.21
C SER C 7 2.05 12.57 27.05
N GLY C 8 1.67 12.87 28.29
CA GLY C 8 1.21 11.86 29.22
C GLY C 8 2.20 11.45 30.27
N GLY C 9 3.43 11.96 30.23
CA GLY C 9 4.42 11.63 31.24
C GLY C 9 4.12 12.29 32.57
N GLY C 10 4.81 11.81 33.59
CA GLY C 10 4.62 12.33 34.93
C GLY C 10 5.14 11.37 35.97
N LEU C 11 4.58 11.48 37.17
CA LEU C 11 4.96 10.64 38.30
C LEU C 11 3.81 9.73 38.67
N VAL C 12 4.09 8.43 38.76
CA VAL C 12 3.09 7.43 39.14
C VAL C 12 3.72 6.47 40.13
N GLN C 13 2.90 5.96 41.06
CA GLN C 13 3.37 5.02 42.05
C GLN C 13 3.68 3.67 41.39
N PRO C 14 4.57 2.88 41.99
CA PRO C 14 4.87 1.55 41.44
C PRO C 14 3.63 0.66 41.43
N GLY C 15 3.50 -0.13 40.37
CA GLY C 15 2.36 -1.00 40.21
C GLY C 15 1.15 -0.36 39.57
N LYS C 16 1.16 0.95 39.37
CA LYS C 16 0.03 1.65 38.77
C LYS C 16 0.13 1.57 37.24
N SER C 17 -0.68 2.36 36.56
CA SER C 17 -0.73 2.35 35.10
C SER C 17 -0.63 3.77 34.57
N LEU C 18 -0.20 3.88 33.32
CA LEU C 18 0.00 5.17 32.68
C LEU C 18 -0.23 5.01 31.17
N ARG C 19 -0.51 6.14 30.52
CA ARG C 19 -0.71 6.17 29.08
C ARG C 19 0.10 7.30 28.47
N LEU C 20 0.86 6.99 27.43
CA LEU C 20 1.66 7.97 26.70
C LEU C 20 1.10 8.12 25.30
N SER C 21 0.95 9.35 24.85
CA SER C 21 0.41 9.65 23.53
C SER C 21 1.43 10.44 22.71
N CYS C 22 1.57 10.04 21.45
CA CYS C 22 2.49 10.70 20.52
C CYS C 22 1.70 11.15 19.31
N ALA C 23 1.65 12.46 19.09
CA ALA C 23 0.95 13.05 17.96
C ALA C 23 1.95 13.36 16.86
N ALA C 24 1.61 12.95 15.64
CA ALA C 24 2.49 13.11 14.48
C ALA C 24 1.87 14.11 13.52
N SER C 25 2.72 14.93 12.89
CA SER C 25 2.24 15.91 11.94
C SER C 25 3.30 16.12 10.86
N GLY C 26 2.83 16.49 9.68
CA GLY C 26 3.71 16.75 8.56
C GLY C 26 3.93 15.60 7.60
N PHE C 27 3.27 14.47 7.80
CA PHE C 27 3.41 13.32 6.91
C PHE C 27 2.20 12.43 7.07
N THR C 28 2.05 11.52 6.11
CA THR C 28 0.95 10.55 6.13
C THR C 28 1.21 9.53 7.23
N PHE C 29 0.62 9.76 8.40
CA PHE C 29 0.86 8.89 9.55
C PHE C 29 0.35 7.47 9.31
N SER C 30 -0.68 7.31 8.49
CA SER C 30 -1.30 6.01 8.26
C SER C 30 -0.48 5.11 7.34
N ASN C 31 0.77 5.47 7.03
CA ASN C 31 1.58 4.67 6.13
C ASN C 31 2.95 4.31 6.70
N PHE C 32 3.26 4.70 7.93
CA PHE C 32 4.58 4.48 8.51
C PHE C 32 4.45 3.71 9.82
N GLY C 33 5.42 2.84 10.07
CA GLY C 33 5.48 2.17 11.36
C GLY C 33 6.09 3.06 12.43
N MET C 34 5.78 2.75 13.68
CA MET C 34 6.21 3.59 14.79
C MET C 34 6.93 2.75 15.84
N HIS C 35 7.88 3.41 16.51
CA HIS C 35 8.66 2.82 17.58
C HIS C 35 8.53 3.65 18.85
N TRP C 36 8.50 2.97 19.99
CA TRP C 36 8.65 3.59 21.30
C TRP C 36 10.00 3.18 21.86
N VAL C 37 10.83 4.17 22.18
CA VAL C 37 12.19 3.94 22.65
C VAL C 37 12.43 4.76 23.91
N ARG C 38 12.95 4.13 24.96
CA ARG C 38 13.22 4.81 26.22
C ARG C 38 14.70 4.90 26.49
N GLN C 39 15.09 5.92 27.25
CA GLN C 39 16.49 6.18 27.57
C GLN C 39 16.61 6.62 29.02
N ALA C 40 17.57 6.06 29.74
CA ALA C 40 17.87 6.41 31.12
C ALA C 40 19.36 6.62 31.27
N PRO C 41 19.77 7.44 32.25
CA PRO C 41 21.22 7.66 32.45
C PRO C 41 22.01 6.40 32.74
N GLU C 42 21.44 5.45 33.49
CA GLU C 42 22.14 4.22 33.85
C GLU C 42 21.80 3.06 32.94
N MET C 43 20.94 3.26 31.94
CA MET C 43 20.58 2.21 31.00
C MET C 43 20.82 2.59 29.55
N GLY C 44 20.69 3.87 29.19
CA GLY C 44 20.92 4.30 27.83
C GLY C 44 19.78 3.94 26.90
N LEU C 45 20.04 4.14 25.60
CA LEU C 45 19.03 3.89 24.59
C LEU C 45 18.74 2.40 24.47
N GLU C 46 17.45 2.05 24.46
CA GLU C 46 17.03 0.68 24.24
C GLU C 46 15.62 0.69 23.67
N TRP C 47 15.43 -0.07 22.59
CA TRP C 47 14.11 -0.14 21.96
C TRP C 47 13.11 -0.82 22.89
N VAL C 48 11.89 -0.31 22.91
CA VAL C 48 10.84 -0.79 23.80
C VAL C 48 9.72 -1.46 23.03
N ALA C 49 9.16 -0.78 22.03
CA ALA C 49 8.01 -1.35 21.33
C ALA C 49 7.98 -0.87 19.88
N TYR C 50 7.25 -1.61 19.06
CA TYR C 50 7.11 -1.26 17.64
C TYR C 50 5.75 -1.72 17.14
N ILE C 51 5.11 -0.89 16.32
CA ILE C 51 3.85 -1.22 15.66
C ILE C 51 3.98 -0.91 14.17
N SER C 52 3.41 -1.78 13.34
CA SER C 52 3.44 -1.58 11.90
C SER C 52 2.45 -0.48 11.50
N SER C 53 2.34 -0.26 10.18
CA SER C 53 1.49 0.80 9.67
C SER C 53 0.01 0.47 9.84
N GLY C 54 -0.37 -0.77 9.56
CA GLY C 54 -1.76 -1.17 9.64
C GLY C 54 -2.11 -1.88 10.93
N SER C 55 -1.25 -1.75 11.93
CA SER C 55 -1.40 -2.34 13.26
C SER C 55 -1.45 -3.87 13.24
N THR C 56 -1.11 -4.49 12.11
CA THR C 56 -1.17 -5.95 12.02
C THR C 56 0.01 -6.60 12.73
N THR C 57 1.19 -5.98 12.67
CA THR C 57 2.40 -6.54 13.26
C THR C 57 2.88 -5.63 14.38
N LYS C 58 3.04 -6.21 15.57
CA LYS C 58 3.56 -5.50 16.73
C LYS C 58 4.63 -6.33 17.41
N TYR C 59 5.67 -5.66 17.89
CA TYR C 59 6.77 -6.30 18.60
C TYR C 59 7.04 -5.55 19.90
N TYR C 60 7.51 -6.29 20.90
CA TYR C 60 7.75 -5.74 22.23
C TYR C 60 9.14 -6.13 22.71
N GLY C 61 9.69 -5.30 23.58
CA GLY C 61 10.97 -5.63 24.20
C GLY C 61 10.83 -6.81 25.14
N ASP C 62 11.96 -7.49 25.37
CA ASP C 62 11.95 -8.69 26.21
C ASP C 62 11.60 -8.34 27.65
N THR C 63 12.14 -7.24 28.17
CA THR C 63 11.90 -6.87 29.57
C THR C 63 10.55 -6.19 29.78
N VAL C 64 9.85 -5.80 28.72
CA VAL C 64 8.57 -5.11 28.83
C VAL C 64 7.42 -5.91 28.25
N LYS C 65 7.69 -7.09 27.68
CA LYS C 65 6.63 -7.90 27.10
C LYS C 65 5.66 -8.36 28.18
N GLY C 66 4.37 -8.25 27.89
CA GLY C 66 3.32 -8.63 28.82
C GLY C 66 2.81 -7.51 29.70
N ARG C 67 3.51 -6.38 29.74
CA ARG C 67 3.07 -5.22 30.52
C ARG C 67 2.71 -4.02 29.67
N PHE C 68 3.43 -3.81 28.58
CA PHE C 68 3.23 -2.65 27.71
C PHE C 68 2.39 -3.03 26.51
N THR C 69 1.59 -2.08 26.04
CA THR C 69 0.73 -2.27 24.87
C THR C 69 0.92 -1.08 23.94
N ILE C 70 1.19 -1.36 22.67
CA ILE C 70 1.41 -0.34 21.66
C ILE C 70 0.26 -0.37 20.66
N SER C 71 -0.21 0.80 20.27
CA SER C 71 -1.33 0.88 19.33
C SER C 71 -1.28 2.24 18.65
N ARG C 72 -2.18 2.43 17.69
CA ARG C 72 -2.23 3.69 16.96
C ARG C 72 -3.64 3.96 16.47
N ASP C 73 -3.95 5.23 16.30
CA ASP C 73 -5.21 5.69 15.73
C ASP C 73 -4.85 6.49 14.48
N ASN C 74 -5.01 5.85 13.32
CA ASN C 74 -4.70 6.50 12.05
C ASN C 74 -5.59 7.70 11.73
N PRO C 75 -6.92 7.66 11.90
CA PRO C 75 -7.73 8.84 11.50
C PRO C 75 -7.37 10.12 12.23
N LYS C 76 -6.95 10.05 13.49
CA LYS C 76 -6.58 11.24 14.25
C LYS C 76 -5.07 11.40 14.41
N ASN C 77 -4.28 10.54 13.75
CA ASN C 77 -2.82 10.62 13.74
C ASN C 77 -2.25 10.59 15.16
N THR C 78 -2.51 9.49 15.87
CA THR C 78 -2.04 9.36 17.24
C THR C 78 -1.42 7.98 17.45
N LEU C 79 -0.47 7.90 18.38
CA LEU C 79 0.17 6.65 18.74
C LEU C 79 0.14 6.51 20.26
N TYR C 80 -0.39 5.39 20.74
CA TYR C 80 -0.62 5.17 22.16
C TYR C 80 0.29 4.06 22.70
N LEU C 81 0.84 4.29 23.88
CA LEU C 81 1.57 3.28 24.63
C LEU C 81 0.98 3.21 26.03
N GLN C 82 0.37 2.08 26.37
CA GLN C 82 -0.21 1.85 27.68
C GLN C 82 0.76 1.01 28.50
N MET C 83 1.17 1.55 29.65
CA MET C 83 2.17 0.92 30.50
C MET C 83 1.52 0.50 31.81
N ASN C 84 1.69 -0.76 32.18
CA ASN C 84 1.04 -1.34 33.35
C ASN C 84 2.05 -2.09 34.20
N SER C 85 1.73 -2.21 35.49
CA SER C 85 2.56 -2.90 36.47
C SER C 85 4.00 -2.36 36.47
N LEU C 86 4.10 -1.04 36.60
CA LEU C 86 5.39 -0.38 36.50
C LEU C 86 6.28 -0.71 37.69
N ARG C 87 7.56 -0.94 37.40
CA ARG C 87 8.58 -1.18 38.40
C ARG C 87 9.59 -0.04 38.40
N SER C 88 10.41 0.01 39.45
CA SER C 88 11.31 1.15 39.67
C SER C 88 12.34 1.30 38.56
N GLU C 89 12.57 0.28 37.75
CA GLU C 89 13.55 0.34 36.67
C GLU C 89 12.99 1.00 35.41
N ASP C 90 11.73 1.43 35.42
CA ASP C 90 11.10 2.02 34.25
C ASP C 90 11.22 3.53 34.19
N THR C 91 11.90 4.16 35.15
CA THR C 91 12.10 5.60 35.13
C THR C 91 13.05 5.96 34.00
N ALA C 92 12.56 6.72 33.03
CA ALA C 92 13.33 7.04 31.83
C ALA C 92 12.66 8.19 31.10
N MET C 93 13.16 8.49 29.90
CA MET C 93 12.54 9.41 28.97
C MET C 93 12.15 8.65 27.72
N TYR C 94 10.91 8.84 27.26
CA TYR C 94 10.34 8.07 26.17
C TYR C 94 10.21 8.94 24.93
N TYR C 95 10.61 8.39 23.79
CA TYR C 95 10.47 9.01 22.49
C TYR C 95 9.68 8.10 21.56
N CYS C 96 8.92 8.72 20.65
CA CYS C 96 8.28 8.02 19.56
C CYS C 96 9.03 8.34 18.27
N ALA C 97 9.36 7.30 17.51
CA ALA C 97 10.14 7.44 16.29
C ALA C 97 9.40 6.80 15.13
N ARG C 98 9.75 7.24 13.92
CA ARG C 98 9.09 6.80 12.70
C ARG C 98 10.03 5.92 11.90
N ARG C 99 9.59 4.71 11.57
CA ARG C 99 10.41 3.82 10.77
C ARG C 99 10.13 4.03 9.30
N PRO C 100 11.15 4.24 8.47
CA PRO C 100 10.94 4.52 7.05
C PRO C 100 10.27 3.36 6.33
N LEU C 101 9.87 3.64 5.09
CA LEU C 101 9.17 2.66 4.26
C LEU C 101 10.16 1.71 3.61
N TYR C 102 9.89 0.42 3.71
CA TYR C 102 10.64 -0.65 3.05
C TYR C 102 12.13 -0.55 3.37
N ASP C 103 12.43 -0.62 4.67
CA ASP C 103 13.83 -0.58 5.11
C ASP C 103 14.63 -1.82 4.71
N GLY C 104 13.97 -2.87 4.23
CA GLY C 104 14.67 -3.98 3.64
C GLY C 104 15.15 -3.72 2.22
N ASP C 105 14.74 -2.61 1.63
CA ASP C 105 15.16 -2.21 0.29
C ASP C 105 16.15 -1.06 0.28
N TYR C 106 16.01 -0.11 1.20
CA TYR C 106 16.86 1.07 1.24
C TYR C 106 17.68 1.18 2.51
N GLY C 107 17.37 0.43 3.55
CA GLY C 107 18.20 0.39 4.74
C GLY C 107 18.15 1.64 5.59
N TYR C 108 17.06 2.41 5.51
CA TYR C 108 16.96 3.64 6.28
C TYR C 108 16.42 3.32 7.67
N PRO C 109 17.17 3.59 8.74
CA PRO C 109 16.69 3.27 10.09
C PRO C 109 15.80 4.36 10.64
N MET C 110 15.41 4.24 11.92
CA MET C 110 14.59 5.23 12.59
C MET C 110 15.22 6.61 12.52
N ASP C 111 14.55 7.53 11.82
CA ASP C 111 15.15 8.81 11.44
C ASP C 111 14.63 10.01 12.22
N TYR C 112 13.31 10.12 12.41
CA TYR C 112 12.72 11.25 13.11
C TYR C 112 12.30 10.84 14.50
N TRP C 113 12.73 11.60 15.50
CA TRP C 113 12.43 11.32 16.90
C TRP C 113 11.68 12.49 17.52
N GLY C 114 10.81 12.17 18.46
CA GLY C 114 10.10 13.20 19.20
C GLY C 114 10.93 13.79 20.31
N GLN C 115 10.37 14.79 20.98
CA GLN C 115 11.07 15.45 22.07
C GLN C 115 11.18 14.53 23.29
N GLY C 116 10.19 13.69 23.54
CA GLY C 116 10.26 12.75 24.64
C GLY C 116 9.61 13.30 25.90
N THR C 117 9.07 12.39 26.70
CA THR C 117 8.47 12.71 27.99
C THR C 117 9.13 11.91 29.08
N SER C 118 9.35 12.54 30.23
CA SER C 118 10.04 11.92 31.36
C SER C 118 9.01 11.20 32.22
N VAL C 119 9.10 9.88 32.29
CA VAL C 119 8.25 9.06 33.12
C VAL C 119 9.08 8.55 34.29
N THR C 120 8.62 8.84 35.50
CA THR C 120 9.32 8.44 36.72
C THR C 120 8.36 7.69 37.63
N VAL C 121 8.86 6.65 38.28
CA VAL C 121 8.08 5.82 39.18
C VAL C 121 8.76 5.77 40.54
N SER C 122 7.99 5.98 41.59
CA SER C 122 8.50 6.01 42.95
C SER C 122 7.32 6.03 43.91
N SER C 123 7.55 5.50 45.12
CA SER C 123 6.50 5.47 46.14
C SER C 123 6.29 6.84 46.81
N ALA C 124 7.26 7.74 46.72
CA ALA C 124 7.14 9.04 47.37
C ALA C 124 6.19 9.94 46.61
N SER C 125 5.75 11.00 47.28
CA SER C 125 4.79 11.95 46.73
C SER C 125 5.50 13.17 46.15
N THR C 126 4.83 13.84 45.23
CA THR C 126 5.37 15.03 44.60
C THR C 126 5.40 16.20 45.57
N LYS C 127 6.14 17.24 45.20
CA LYS C 127 6.26 18.44 46.02
C LYS C 127 6.72 19.59 45.14
N GLY C 128 6.06 20.74 45.27
CA GLY C 128 6.41 21.91 44.50
C GLY C 128 7.77 22.46 44.88
N PRO C 129 8.47 23.05 43.91
CA PRO C 129 9.81 23.56 44.19
C PRO C 129 9.76 24.85 45.00
N SER C 130 10.86 25.10 45.72
CA SER C 130 11.08 26.34 46.44
C SER C 130 12.15 27.13 45.71
N VAL C 131 11.82 28.36 45.31
CA VAL C 131 12.73 29.19 44.54
C VAL C 131 13.36 30.24 45.44
N PHE C 132 14.66 30.45 45.30
CA PHE C 132 15.40 31.42 46.09
C PHE C 132 16.33 32.21 45.17
N PRO C 133 16.10 33.52 45.01
CA PRO C 133 17.06 34.35 44.27
C PRO C 133 18.34 34.54 45.06
N LEU C 134 19.42 34.84 44.33
CA LEU C 134 20.75 34.96 44.90
C LEU C 134 21.25 36.38 44.74
N ALA C 135 21.71 36.98 45.83
CA ALA C 135 22.26 38.33 45.78
C ALA C 135 23.57 38.33 45.01
N PRO C 136 23.74 39.20 44.00
CA PRO C 136 24.98 39.33 43.22
C PRO C 136 26.21 39.60 44.08
N ALA C 146 29.20 40.74 36.43
CA ALA C 146 28.47 40.24 37.59
C ALA C 146 27.63 39.03 37.23
N ALA C 147 27.17 38.29 38.23
CA ALA C 147 26.33 37.12 38.03
C ALA C 147 25.16 37.16 39.00
N LEU C 148 24.02 36.64 38.55
CA LEU C 148 22.84 36.56 39.40
C LEU C 148 21.99 35.38 38.94
N GLY C 149 21.27 34.79 39.88
CA GLY C 149 20.49 33.62 39.53
C GLY C 149 19.50 33.24 40.62
N CYS C 150 18.94 32.05 40.47
CA CYS C 150 17.98 31.52 41.43
C CYS C 150 18.14 30.01 41.53
N LEU C 151 17.91 29.48 42.72
CA LEU C 151 17.99 28.05 42.96
C LEU C 151 16.61 27.49 43.32
N VAL C 152 16.29 26.34 42.74
CA VAL C 152 15.09 25.58 43.07
C VAL C 152 15.48 24.40 43.96
N LYS C 153 14.69 24.17 45.00
CA LYS C 153 15.12 23.33 46.11
C LYS C 153 13.88 22.68 46.74
N ASP C 154 14.00 21.40 47.13
CA ASP C 154 12.87 20.56 47.52
C ASP C 154 11.78 20.43 46.46
N TYR C 155 12.10 19.76 45.34
CA TYR C 155 11.10 19.34 44.37
C TYR C 155 11.39 17.88 44.03
N PHE C 156 10.46 16.99 44.33
CA PHE C 156 10.74 15.58 44.15
C PHE C 156 10.77 15.13 42.68
N PRO C 157 9.82 15.49 41.81
CA PRO C 157 9.95 15.10 40.41
C PRO C 157 11.04 15.92 39.72
N GLU C 158 11.88 15.23 38.96
CA GLU C 158 13.07 15.86 38.38
C GLU C 158 12.82 16.99 37.37
N PRO C 159 11.86 16.93 36.43
CA PRO C 159 11.85 17.95 35.37
C PRO C 159 11.55 19.34 35.92
N VAL C 160 12.48 20.27 35.69
CA VAL C 160 12.24 21.67 36.00
C VAL C 160 12.87 22.54 34.90
N THR C 161 12.04 23.05 34.01
CA THR C 161 12.54 23.92 32.94
C THR C 161 12.70 25.34 33.45
N VAL C 162 13.89 25.89 33.29
CA VAL C 162 14.22 27.22 33.81
C VAL C 162 14.56 28.12 32.64
N SER C 163 13.86 29.24 32.54
CA SER C 163 14.13 30.27 31.54
C SER C 163 14.35 31.60 32.23
N TRP C 164 14.84 32.59 31.47
CA TRP C 164 15.13 33.91 32.01
C TRP C 164 14.40 34.95 31.18
N ASN C 165 13.58 35.76 31.83
CA ASN C 165 12.80 36.82 31.19
C ASN C 165 11.95 36.28 30.05
N SER C 166 11.33 35.11 30.28
CA SER C 166 10.52 34.41 29.29
C SER C 166 11.30 34.15 28.01
N GLY C 167 12.57 33.75 28.15
CA GLY C 167 13.41 33.45 27.02
C GLY C 167 13.96 34.65 26.29
N ALA C 168 13.93 35.84 26.89
CA ALA C 168 14.46 37.02 26.24
C ALA C 168 15.98 36.91 26.04
N LEU C 169 16.68 36.41 27.05
CA LEU C 169 18.14 36.29 27.00
C LEU C 169 18.53 34.82 27.11
N THR C 170 19.49 34.41 26.29
CA THR C 170 19.99 33.04 26.31
C THR C 170 21.52 32.97 26.42
N SER C 171 22.21 34.11 26.43
CA SER C 171 23.67 34.13 26.54
C SER C 171 24.06 34.19 28.01
N GLY C 172 24.99 33.33 28.40
CA GLY C 172 25.43 33.25 29.78
C GLY C 172 24.50 32.50 30.70
N VAL C 173 23.47 31.85 30.16
CA VAL C 173 22.52 31.10 30.98
C VAL C 173 23.14 29.75 31.29
N HIS C 174 23.46 29.51 32.56
CA HIS C 174 24.06 28.27 33.01
C HIS C 174 23.10 27.61 34.00
N THR C 175 22.47 26.52 33.58
CA THR C 175 21.52 25.77 34.40
C THR C 175 22.16 24.44 34.77
N PHE C 176 22.48 24.28 36.05
CA PHE C 176 23.17 23.07 36.49
C PHE C 176 22.20 21.89 36.59
N PRO C 177 22.67 20.68 36.31
CA PRO C 177 21.82 19.50 36.48
C PRO C 177 21.42 19.30 37.94
N ALA C 178 20.22 18.77 38.13
CA ALA C 178 19.73 18.51 39.47
C ALA C 178 20.50 17.37 40.13
N VAL C 179 20.75 17.50 41.42
CA VAL C 179 21.42 16.48 42.22
C VAL C 179 20.47 16.02 43.32
N LEU C 180 20.56 14.75 43.68
CA LEU C 180 19.70 14.18 44.71
C LEU C 180 20.25 14.53 46.09
N GLN C 181 19.40 15.05 46.95
CA GLN C 181 19.79 15.45 48.29
C GLN C 181 19.62 14.29 49.26
N SER C 182 20.07 14.52 50.50
CA SER C 182 19.96 13.50 51.55
C SER C 182 18.52 13.27 51.96
N SER C 183 17.62 14.22 51.72
CA SER C 183 16.21 14.08 52.07
C SER C 183 15.39 13.45 50.95
N GLY C 184 16.02 13.03 49.86
CA GLY C 184 15.31 12.45 48.74
C GLY C 184 14.76 13.46 47.75
N LEU C 185 14.96 14.75 47.97
CA LEU C 185 14.48 15.79 47.09
C LEU C 185 15.62 16.30 46.20
N TYR C 186 15.26 17.11 45.21
CA TYR C 186 16.20 17.61 44.22
C TYR C 186 16.38 19.12 44.38
N SER C 187 17.51 19.61 43.87
CA SER C 187 17.81 21.04 43.91
C SER C 187 18.83 21.35 42.83
N LEU C 188 18.64 22.49 42.16
CA LEU C 188 19.62 22.99 41.20
C LEU C 188 19.54 24.51 41.14
N SER C 189 20.65 25.13 40.76
CA SER C 189 20.73 26.58 40.65
C SER C 189 21.01 26.98 39.21
N SER C 190 20.34 28.03 38.75
CA SER C 190 20.53 28.58 37.42
C SER C 190 21.04 30.01 37.55
N VAL C 191 22.09 30.34 36.78
CA VAL C 191 22.76 31.62 36.89
C VAL C 191 22.87 32.26 35.52
N VAL C 192 23.05 33.59 35.52
CA VAL C 192 23.23 34.38 34.32
C VAL C 192 24.27 35.44 34.61
N THR C 193 25.22 35.61 33.70
CA THR C 193 26.26 36.62 33.83
C THR C 193 25.81 37.92 33.17
N VAL C 194 25.87 39.01 33.92
CA VAL C 194 25.40 40.31 33.44
C VAL C 194 26.51 41.33 33.65
N PRO C 195 26.53 42.41 32.84
CA PRO C 195 27.50 43.49 33.06
C PRO C 195 27.26 44.25 34.36
N THR C 203 15.11 44.53 33.68
CA THR C 203 14.86 43.64 34.81
C THR C 203 15.22 42.19 34.47
N TYR C 204 15.65 41.44 35.48
CA TYR C 204 16.01 40.03 35.31
C TYR C 204 15.13 39.19 36.22
N ILE C 205 14.31 38.34 35.61
CA ILE C 205 13.45 37.41 36.33
C ILE C 205 13.71 36.00 35.79
N CYS C 206 13.59 35.01 36.66
CA CYS C 206 13.75 33.62 36.28
C CYS C 206 12.42 32.89 36.46
N ASN C 207 12.04 32.13 35.43
CA ASN C 207 10.77 31.40 35.40
C ASN C 207 11.06 29.91 35.43
N VAL C 208 10.46 29.22 36.40
CA VAL C 208 10.63 27.78 36.56
C VAL C 208 9.28 27.11 36.28
N ASN C 209 9.34 25.99 35.56
CA ASN C 209 8.15 25.21 35.21
C ASN C 209 8.39 23.77 35.63
N HIS C 210 7.48 23.24 36.44
CA HIS C 210 7.56 21.90 37.01
C HIS C 210 6.30 21.17 36.56
N LYS C 211 6.43 20.39 35.49
CA LYS C 211 5.25 19.79 34.86
C LYS C 211 4.51 18.79 35.75
N PRO C 212 5.16 17.82 36.42
CA PRO C 212 4.39 16.93 37.31
C PRO C 212 3.69 17.67 38.43
N SER C 213 4.27 18.75 38.95
CA SER C 213 3.62 19.58 39.93
C SER C 213 2.84 20.74 39.30
N ASN C 214 2.92 20.90 37.98
CA ASN C 214 2.21 21.94 37.23
C ASN C 214 2.47 23.34 37.79
N THR C 215 3.70 23.55 38.23
CA THR C 215 4.10 24.76 38.96
C THR C 215 4.84 25.70 38.02
N LYS C 216 4.25 26.87 37.74
CA LYS C 216 4.95 27.95 37.05
C LYS C 216 5.21 29.04 38.07
N VAL C 217 6.49 29.38 38.26
CA VAL C 217 6.89 30.40 39.23
C VAL C 217 7.80 31.41 38.54
N ASP C 218 7.48 32.69 38.69
CA ASP C 218 8.34 33.77 38.23
C ASP C 218 8.93 34.46 39.45
N LYS C 219 10.26 34.49 39.54
CA LYS C 219 10.96 35.07 40.67
C LYS C 219 11.93 36.13 40.18
N LYS C 220 11.86 37.33 40.76
CA LYS C 220 12.74 38.42 40.40
C LYS C 220 13.95 38.44 41.33
N VAL C 221 15.13 38.64 40.75
CA VAL C 221 16.39 38.62 41.47
C VAL C 221 16.90 40.06 41.59
N GLU C 222 17.03 40.54 42.81
CA GLU C 222 17.53 41.87 43.11
C GLU C 222 18.43 41.81 44.34
N PRO C 223 19.39 42.74 44.44
CA PRO C 223 20.26 42.80 45.63
C PRO C 223 19.49 43.16 46.90
N ASN D 1 17.56 -10.51 18.85
CA ASN D 1 18.33 -9.52 19.61
C ASN D 1 19.83 -9.76 19.46
N ILE D 2 20.57 -8.67 19.27
CA ILE D 2 22.01 -8.72 19.09
C ILE D 2 22.64 -7.63 19.95
N MET D 3 23.58 -8.00 20.81
CA MET D 3 24.23 -7.05 21.69
C MET D 3 25.39 -6.37 20.98
N LEU D 4 25.50 -5.06 21.19
CA LEU D 4 26.57 -4.26 20.64
C LEU D 4 27.36 -3.63 21.77
N THR D 5 28.69 -3.64 21.67
CA THR D 5 29.55 -3.09 22.70
C THR D 5 30.50 -2.09 22.08
N GLN D 6 30.53 -0.87 22.62
CA GLN D 6 31.36 0.20 22.09
C GLN D 6 32.59 0.37 22.96
N SER D 7 33.76 0.20 22.36
CA SER D 7 35.00 0.13 23.12
C SER D 7 35.45 1.46 23.73
N PRO D 8 35.61 2.55 22.97
CA PRO D 8 36.30 3.73 23.55
C PRO D 8 35.60 4.35 24.76
N SER D 9 34.27 4.33 24.80
CA SER D 9 33.47 4.94 25.87
C SER D 9 33.83 6.43 25.91
N SER D 10 34.14 7.00 27.07
CA SER D 10 34.55 8.40 27.13
C SER D 10 35.89 8.59 26.44
N LEU D 11 36.01 9.69 25.68
CA LEU D 11 37.22 9.97 24.91
C LEU D 11 37.36 11.47 24.75
N ALA D 12 38.56 11.97 25.01
CA ALA D 12 38.86 13.40 24.91
C ALA D 12 39.87 13.64 23.81
N VAL D 13 39.67 14.73 23.05
CA VAL D 13 40.54 15.06 21.93
C VAL D 13 40.49 16.58 21.72
N SER D 14 41.58 17.12 21.18
CA SER D 14 41.60 18.51 20.78
C SER D 14 40.94 18.67 19.41
N ALA D 15 40.58 19.91 19.08
CA ALA D 15 39.89 20.19 17.83
C ALA D 15 40.88 20.23 16.69
N GLY D 16 40.60 19.45 15.63
CA GLY D 16 41.41 19.51 14.43
C GLY D 16 41.87 18.17 13.88
N GLU D 17 42.01 17.17 14.75
CA GLU D 17 42.52 15.87 14.32
C GLU D 17 41.38 14.86 14.23
N ARG D 18 41.75 13.62 13.91
CA ARG D 18 40.78 12.55 13.69
C ARG D 18 40.52 11.79 14.98
N VAL D 19 39.32 11.22 15.08
CA VAL D 19 38.96 10.30 16.16
C VAL D 19 38.28 9.10 15.55
N THR D 20 38.57 7.92 16.10
CA THR D 20 38.00 6.65 15.62
C THR D 20 37.33 5.96 16.80
N MET D 21 36.02 5.81 16.75
CA MET D 21 35.27 5.09 17.77
C MET D 21 34.72 3.81 17.17
N SER D 22 35.01 2.68 17.80
CA SER D 22 34.67 1.36 17.27
C SER D 22 33.63 0.68 18.16
N CYS D 23 32.85 -0.19 17.54
CA CYS D 23 31.91 -1.02 18.27
C CYS D 23 31.86 -2.40 17.64
N LYS D 24 31.76 -3.41 18.51
CA LYS D 24 31.77 -4.81 18.15
C LYS D 24 30.39 -5.41 18.33
N SER D 25 30.04 -6.33 17.43
CA SER D 25 28.77 -7.03 17.44
C SER D 25 28.96 -8.48 17.86
N THR D 26 27.97 -9.00 18.58
CA THR D 26 28.02 -10.41 18.97
C THR D 26 27.80 -11.34 17.78
N GLN D 27 26.96 -10.92 16.83
CA GLN D 27 26.64 -11.73 15.66
C GLN D 27 26.82 -10.90 14.40
N SER D 28 27.08 -11.59 13.30
CA SER D 28 27.17 -10.92 12.01
C SER D 28 25.80 -10.37 11.60
N ILE D 29 25.79 -9.13 11.11
CA ILE D 29 24.54 -8.46 10.75
C ILE D 29 24.53 -8.19 9.25
N LEU D 30 25.14 -9.08 8.48
CA LEU D 30 25.18 -8.95 7.02
C LEU D 30 23.95 -9.63 6.43
N TYR D 31 23.07 -8.84 5.81
CA TYR D 31 21.92 -9.40 5.13
C TYR D 31 22.37 -10.09 3.85
N ASN D 32 21.95 -11.34 3.66
CA ASN D 32 22.45 -12.14 2.56
C ASN D 32 21.86 -11.74 1.21
N SER D 33 20.59 -11.30 1.19
CA SER D 33 19.91 -11.07 -0.08
C SER D 33 20.55 -9.93 -0.87
N ASN D 34 20.86 -8.82 -0.20
CA ASN D 34 21.42 -7.66 -0.87
C ASN D 34 22.86 -7.35 -0.47
N GLN D 35 23.48 -8.19 0.36
CA GLN D 35 24.89 -8.06 0.76
C GLN D 35 25.17 -6.72 1.42
N LYS D 36 24.20 -6.18 2.16
CA LYS D 36 24.35 -4.91 2.85
C LYS D 36 24.40 -5.15 4.35
N THR D 37 25.41 -4.58 5.01
CA THR D 37 25.51 -4.67 6.45
C THR D 37 24.53 -3.69 7.09
N TYR D 38 23.74 -4.18 8.03
CA TYR D 38 22.67 -3.39 8.65
C TYR D 38 23.18 -2.87 9.99
N LEU D 39 23.73 -1.65 9.97
CA LEU D 39 24.17 -0.98 11.18
C LEU D 39 24.21 0.52 10.91
N ALA D 40 23.85 1.30 11.92
CA ALA D 40 23.73 2.75 11.80
C ALA D 40 24.46 3.42 12.95
N TRP D 41 24.93 4.63 12.70
CA TRP D 41 25.58 5.47 13.70
C TRP D 41 24.73 6.71 13.92
N TYR D 42 24.37 6.94 15.19
CA TYR D 42 23.51 8.02 15.64
C TYR D 42 24.31 8.97 16.52
N GLN D 43 24.07 10.26 16.38
CA GLN D 43 24.69 11.29 17.20
C GLN D 43 23.63 11.97 18.05
N GLN D 44 23.90 12.12 19.34
CA GLN D 44 22.97 12.76 20.27
C GLN D 44 23.71 13.85 21.03
N LYS D 45 23.39 15.10 20.73
CA LYS D 45 23.91 16.23 21.50
C LYS D 45 23.19 16.29 22.84
N PRO D 46 23.81 16.91 23.86
CA PRO D 46 23.16 17.01 25.16
C PRO D 46 21.82 17.75 25.08
N GLY D 47 20.83 17.20 25.76
CA GLY D 47 19.48 17.76 25.73
C GLY D 47 18.84 17.73 24.35
N GLN D 48 19.15 16.71 23.55
CA GLN D 48 18.64 16.60 22.20
C GLN D 48 18.23 15.17 21.93
N SER D 49 17.30 15.00 21.00
CA SER D 49 16.96 13.67 20.52
C SER D 49 18.07 13.16 19.60
N PRO D 50 18.24 11.84 19.51
CA PRO D 50 19.27 11.30 18.62
C PRO D 50 19.02 11.69 17.16
N LYS D 51 20.11 12.00 16.47
CA LYS D 51 20.08 12.40 15.07
C LYS D 51 20.87 11.40 14.25
N LEU D 52 20.25 10.89 13.18
CA LEU D 52 20.91 9.90 12.34
C LEU D 52 22.12 10.50 11.63
N LEU D 53 23.25 9.80 11.69
CA LEU D 53 24.46 10.22 11.00
C LEU D 53 24.83 9.32 9.85
N ILE D 54 24.86 8.00 10.05
CA ILE D 54 25.27 7.07 9.01
C ILE D 54 24.37 5.85 9.05
N TYR D 55 24.00 5.33 7.88
CA TYR D 55 23.24 4.10 7.79
C TYR D 55 23.92 3.15 6.81
N TRP D 56 23.62 1.84 6.98
CA TRP D 56 24.26 0.75 6.25
C TRP D 56 25.76 0.68 6.49
N ALA D 57 26.26 1.38 7.52
CA ALA D 57 27.63 1.34 8.00
C ALA D 57 28.62 1.98 7.05
N SER D 58 28.17 2.34 5.85
CA SER D 58 29.01 3.06 4.90
C SER D 58 28.31 4.28 4.31
N THR D 59 27.02 4.20 4.05
CA THR D 59 26.31 5.30 3.44
C THR D 59 26.09 6.42 4.44
N ARG D 60 26.22 7.66 3.96
CA ARG D 60 26.02 8.84 4.79
C ARG D 60 24.60 9.36 4.60
N ALA D 61 23.94 9.68 5.71
CA ALA D 61 22.60 10.26 5.65
C ALA D 61 22.64 11.64 4.99
N SER D 62 21.52 12.03 4.40
CA SER D 62 21.44 13.31 3.71
C SER D 62 21.61 14.46 4.68
N GLY D 63 22.47 15.42 4.33
CA GLY D 63 22.68 16.60 5.12
C GLY D 63 23.88 16.55 6.04
N VAL D 64 24.48 15.38 6.26
CA VAL D 64 25.63 15.27 7.15
C VAL D 64 26.88 15.70 6.39
N PRO D 65 27.89 16.22 7.08
CA PRO D 65 29.14 16.60 6.39
C PRO D 65 29.90 15.38 5.94
N ASP D 66 30.98 15.64 5.18
CA ASP D 66 31.82 14.58 4.65
C ASP D 66 32.91 14.16 5.64
N ARG D 67 33.07 14.88 6.75
CA ARG D 67 34.07 14.50 7.74
C ARG D 67 33.74 13.17 8.39
N PHE D 68 32.46 12.93 8.68
CA PHE D 68 32.05 11.65 9.25
C PHE D 68 32.17 10.55 8.21
N THR D 69 32.78 9.43 8.60
CA THR D 69 32.86 8.29 7.69
C THR D 69 32.73 6.98 8.48
N GLY D 70 31.99 6.04 7.91
CA GLY D 70 31.76 4.75 8.53
C GLY D 70 32.51 3.66 7.78
N SER D 71 33.09 2.72 8.51
CA SER D 71 33.84 1.63 7.92
C SER D 71 33.70 0.40 8.79
N GLY D 72 34.26 -0.71 8.33
CA GLY D 72 34.23 -1.96 9.06
C GLY D 72 33.24 -2.94 8.47
N SER D 73 33.31 -4.16 8.97
CA SER D 73 32.53 -5.28 8.45
C SER D 73 32.61 -6.42 9.45
N GLY D 74 32.09 -7.59 9.06
CA GLY D 74 32.10 -8.75 9.93
C GLY D 74 31.35 -8.49 11.22
N THR D 75 32.09 -8.37 12.32
CA THR D 75 31.52 -8.03 13.61
C THR D 75 32.11 -6.76 14.20
N ASP D 76 33.01 -6.07 13.50
CA ASP D 76 33.68 -4.88 14.03
C ASP D 76 33.40 -3.73 13.08
N PHE D 77 32.95 -2.60 13.63
CA PHE D 77 32.67 -1.42 12.82
C PHE D 77 33.27 -0.19 13.50
N THR D 78 33.64 0.80 12.69
CA THR D 78 34.28 2.01 13.18
C THR D 78 33.60 3.23 12.56
N LEU D 79 33.54 4.31 13.34
CA LEU D 79 33.12 5.62 12.87
C LEU D 79 34.27 6.59 13.11
N THR D 80 34.65 7.32 12.06
CA THR D 80 35.83 8.15 12.07
C THR D 80 35.43 9.59 11.74
N ILE D 81 35.91 10.52 12.55
CA ILE D 81 35.75 11.95 12.32
C ILE D 81 37.11 12.51 11.94
N ASN D 82 37.21 13.07 10.73
CA ASN D 82 38.49 13.54 10.24
C ASN D 82 38.93 14.81 10.96
N SER D 83 38.01 15.76 11.14
CA SER D 83 38.31 17.05 11.77
C SER D 83 37.20 17.35 12.78
N VAL D 84 37.45 17.00 14.04
CA VAL D 84 36.47 17.25 15.09
C VAL D 84 36.32 18.75 15.31
N GLN D 85 35.08 19.20 15.36
CA GLN D 85 34.71 20.60 15.45
C GLN D 85 34.17 20.93 16.85
N PRO D 86 34.19 22.20 17.26
CA PRO D 86 33.78 22.53 18.63
C PRO D 86 32.34 22.16 18.97
N GLU D 87 31.44 22.07 18.00
CA GLU D 87 30.07 21.64 18.25
C GLU D 87 29.86 20.16 17.95
N ASP D 88 30.93 19.37 17.90
CA ASP D 88 30.83 17.94 17.66
C ASP D 88 30.79 17.12 18.94
N LEU D 89 30.84 17.74 20.11
CA LEU D 89 30.77 17.00 21.36
C LEU D 89 29.36 16.47 21.56
N ALA D 90 29.24 15.15 21.66
CA ALA D 90 27.94 14.48 21.73
C ALA D 90 28.20 13.04 22.17
N VAL D 91 27.15 12.22 22.13
CA VAL D 91 27.24 10.80 22.41
C VAL D 91 26.89 10.05 21.14
N TYR D 92 27.74 9.11 20.75
CA TYR D 92 27.57 8.39 19.49
C TYR D 92 27.20 6.94 19.78
N TYR D 93 26.09 6.49 19.22
CA TYR D 93 25.57 5.14 19.41
C TYR D 93 25.62 4.38 18.10
N CYS D 94 26.11 3.15 18.14
CA CYS D 94 25.98 2.24 17.01
C CYS D 94 24.81 1.31 17.27
N HIS D 95 23.92 1.20 16.30
CA HIS D 95 22.63 0.52 16.46
C HIS D 95 22.38 -0.38 15.27
N GLN D 96 22.05 -1.64 15.54
CA GLN D 96 21.71 -2.61 14.51
C GLN D 96 20.20 -2.70 14.38
N TYR D 97 19.72 -2.83 13.14
CA TYR D 97 18.30 -2.90 12.87
C TYR D 97 17.99 -4.04 11.90
N LEU D 98 18.74 -5.14 12.01
CA LEU D 98 18.44 -6.34 11.24
C LEU D 98 17.53 -7.29 12.02
N SER D 99 17.96 -7.71 13.20
CA SER D 99 17.17 -8.54 14.09
C SER D 99 16.76 -7.69 15.28
N ALA D 100 15.46 -7.42 15.38
CA ALA D 100 14.88 -6.53 16.40
C ALA D 100 15.58 -5.16 16.30
N TRP D 101 15.71 -4.46 17.42
CA TRP D 101 16.38 -3.17 17.44
C TRP D 101 17.12 -3.02 18.76
N THR D 102 18.42 -2.78 18.68
CA THR D 102 19.25 -2.60 19.87
C THR D 102 20.24 -1.48 19.63
N PHE D 103 20.72 -0.89 20.72
CA PHE D 103 21.67 0.20 20.68
C PHE D 103 22.91 -0.17 21.48
N GLY D 104 24.02 0.49 21.15
CA GLY D 104 25.26 0.28 21.87
C GLY D 104 25.29 1.00 23.19
N GLY D 105 26.43 0.86 23.88
CA GLY D 105 26.59 1.51 25.17
C GLY D 105 26.75 3.01 25.09
N GLY D 106 27.17 3.52 23.94
CA GLY D 106 27.34 4.95 23.76
C GLY D 106 28.71 5.45 24.15
N THR D 107 29.41 6.09 23.22
CA THR D 107 30.71 6.68 23.47
C THR D 107 30.58 8.19 23.51
N LYS D 108 31.14 8.81 24.55
CA LYS D 108 31.07 10.25 24.73
C LYS D 108 32.33 10.89 24.16
N LEU D 109 32.14 11.81 23.21
CA LEU D 109 33.24 12.52 22.59
C LEU D 109 33.48 13.81 23.37
N GLU D 110 34.63 13.90 24.02
CA GLU D 110 34.98 15.06 24.82
C GLU D 110 36.00 15.91 24.06
N ILE D 111 35.99 17.21 24.30
CA ILE D 111 36.77 18.17 23.53
C ILE D 111 37.84 18.77 24.42
N LYS D 112 39.09 18.73 23.95
CA LYS D 112 40.24 19.28 24.64
C LYS D 112 40.56 20.66 24.08
N ARG D 113 41.20 21.49 24.91
CA ARG D 113 41.55 22.86 24.52
C ARG D 113 42.62 23.37 25.47
N THR D 114 42.90 24.67 25.39
CA THR D 114 43.83 25.30 26.32
C THR D 114 43.18 25.51 27.68
N VAL D 115 44.00 25.54 28.73
CA VAL D 115 43.49 25.76 30.08
C VAL D 115 43.04 27.20 30.23
N ALA D 116 42.01 27.41 31.04
CA ALA D 116 41.45 28.73 31.29
C ALA D 116 41.34 28.97 32.79
N ALA D 117 41.49 30.23 33.18
CA ALA D 117 41.39 30.59 34.59
C ALA D 117 39.92 30.74 34.99
N PRO D 118 39.46 30.01 36.01
CA PRO D 118 38.06 30.12 36.41
C PRO D 118 37.76 31.46 37.07
N SER D 119 36.49 31.86 37.01
CA SER D 119 35.98 33.02 37.70
C SER D 119 35.16 32.56 38.89
N VAL D 120 35.48 33.09 40.08
CA VAL D 120 34.93 32.61 41.34
C VAL D 120 33.98 33.66 41.90
N PHE D 121 32.81 33.20 42.37
CA PHE D 121 31.80 34.03 42.97
C PHE D 121 31.32 33.38 44.27
N ILE D 122 31.03 34.21 45.27
CA ILE D 122 30.46 33.78 46.53
C ILE D 122 29.07 34.41 46.65
N PHE D 123 28.06 33.56 46.88
CA PHE D 123 26.66 33.97 46.81
C PHE D 123 26.00 33.68 48.16
N PRO D 124 25.48 34.70 48.84
CA PRO D 124 24.90 34.50 50.18
C PRO D 124 23.51 33.92 50.08
N PRO D 125 23.02 33.29 51.16
CA PRO D 125 21.62 32.85 51.19
C PRO D 125 20.67 34.03 51.27
N SER D 126 19.47 33.84 50.75
CA SER D 126 18.42 34.83 50.80
C SER D 126 17.62 34.70 52.10
N ASP D 127 17.07 35.82 52.56
CA ASP D 127 16.48 35.88 53.90
C ASP D 127 15.20 35.04 54.01
N GLU D 128 14.42 34.89 52.93
CA GLU D 128 13.26 34.03 53.00
C GLU D 128 13.68 32.58 53.16
N GLN D 129 14.81 32.19 52.56
CA GLN D 129 15.37 30.88 52.82
C GLN D 129 15.84 30.76 54.26
N LEU D 130 16.41 31.84 54.81
CA LEU D 130 16.88 31.82 56.20
C LEU D 130 15.73 31.56 57.17
N LYS D 131 14.65 32.33 57.06
CA LYS D 131 13.57 32.15 58.01
C LYS D 131 12.81 30.84 57.79
N SER D 132 13.03 30.16 56.66
CA SER D 132 12.42 28.86 56.42
C SER D 132 12.97 27.78 57.32
N GLY D 133 14.14 27.98 57.92
CA GLY D 133 14.73 27.03 58.85
C GLY D 133 16.05 26.42 58.41
N THR D 134 16.53 26.71 57.20
CA THR D 134 17.83 26.23 56.74
C THR D 134 18.56 27.37 56.07
N ALA D 135 19.86 27.16 55.83
CA ALA D 135 20.69 28.15 55.16
C ALA D 135 21.59 27.44 54.14
N SER D 136 21.92 28.15 53.07
CA SER D 136 22.75 27.58 52.01
C SER D 136 23.58 28.69 51.37
N VAL D 137 24.89 28.50 51.38
CA VAL D 137 25.83 29.42 50.71
C VAL D 137 26.29 28.77 49.42
N VAL D 138 26.48 29.57 48.38
CA VAL D 138 26.82 29.09 47.06
C VAL D 138 28.22 29.58 46.70
N CYS D 139 29.07 28.66 46.23
CA CYS D 139 30.40 29.00 45.75
C CYS D 139 30.48 28.54 44.29
N LEU D 140 30.56 29.48 43.37
CA LEU D 140 30.41 29.20 41.94
C LEU D 140 31.70 29.52 41.20
N LEU D 141 32.07 28.63 40.28
CA LEU D 141 33.20 28.81 39.40
C LEU D 141 32.72 28.69 37.96
N ASN D 142 33.22 29.57 37.09
CA ASN D 142 32.68 29.67 35.74
C ASN D 142 33.84 29.80 34.76
N ASN D 143 33.70 29.16 33.59
CA ASN D 143 34.66 29.26 32.47
C ASN D 143 36.05 28.75 32.84
N PHE D 144 36.13 27.45 33.13
CA PHE D 144 37.43 26.77 33.24
C PHE D 144 37.40 25.54 32.34
N TYR D 145 38.48 25.33 31.59
CA TYR D 145 38.57 24.13 30.75
C TYR D 145 38.62 22.85 31.59
N PRO D 146 39.54 22.68 32.58
CA PRO D 146 39.65 21.35 33.21
C PRO D 146 38.58 21.12 34.26
N ARG D 147 37.86 20.00 34.15
CA ARG D 147 36.82 19.68 35.12
C ARG D 147 37.41 19.46 36.50
N GLU D 148 38.61 18.88 36.57
CA GLU D 148 39.26 18.65 37.86
C GLU D 148 39.54 19.96 38.58
N ALA D 149 38.93 20.11 39.75
CA ALA D 149 39.08 21.31 40.58
C ALA D 149 38.58 21.02 41.97
N LYS D 150 39.36 21.35 43.00
CA LYS D 150 38.99 21.06 44.36
C LYS D 150 38.42 22.31 45.02
N VAL D 151 37.38 22.13 45.84
CA VAL D 151 36.73 23.22 46.55
C VAL D 151 36.69 22.87 48.03
N GLN D 152 37.08 23.83 48.87
CA GLN D 152 37.08 23.67 50.30
C GLN D 152 36.29 24.81 50.94
N TRP D 153 35.70 24.51 52.09
CA TRP D 153 34.82 25.42 52.81
C TRP D 153 35.42 25.78 54.16
N LYS D 154 35.31 27.04 54.55
CA LYS D 154 35.75 27.50 55.86
C LYS D 154 34.59 28.23 56.54
N VAL D 155 34.28 27.82 57.77
CA VAL D 155 33.17 28.42 58.51
C VAL D 155 33.68 29.03 59.81
N ASN D 163 29.96 17.19 53.45
CA ASN D 163 28.60 17.60 53.78
C ASN D 163 28.14 18.74 52.86
N SER D 164 28.96 19.03 51.86
CA SER D 164 28.64 20.02 50.84
C SER D 164 28.37 19.31 49.52
N GLN D 165 27.50 19.89 48.70
CA GLN D 165 27.05 19.26 47.48
C GLN D 165 27.63 19.98 46.26
N GLU D 166 28.28 19.23 45.39
CA GLU D 166 28.98 19.76 44.24
C GLU D 166 28.28 19.34 42.96
N SER D 167 28.01 20.30 42.08
CA SER D 167 27.35 20.04 40.81
C SER D 167 28.15 20.71 39.69
N VAL D 168 28.48 19.93 38.66
CA VAL D 168 29.24 20.42 37.52
C VAL D 168 28.38 20.28 36.27
N THR D 169 28.29 21.36 35.49
CA THR D 169 27.47 21.37 34.29
C THR D 169 28.18 20.66 33.15
N GLU D 170 27.43 20.45 32.07
CA GLU D 170 27.96 19.80 30.88
C GLU D 170 28.71 20.84 30.06
N GLN D 171 29.88 20.45 29.53
CA GLN D 171 30.68 21.35 28.71
C GLN D 171 29.90 21.86 27.50
N ASP D 172 29.90 23.17 27.31
CA ASP D 172 29.17 23.78 26.22
C ASP D 172 29.92 23.62 24.90
N SER D 173 29.17 23.66 23.81
CA SER D 173 29.77 23.50 22.50
C SER D 173 30.50 24.74 22.01
N LYS D 174 30.04 25.93 22.41
CA LYS D 174 30.58 27.17 21.86
C LYS D 174 31.91 27.50 22.53
N ASP D 175 31.89 27.72 23.85
CA ASP D 175 33.08 28.19 24.55
C ASP D 175 34.00 27.00 24.86
N SER D 176 33.41 25.86 25.20
CA SER D 176 34.10 24.60 25.55
C SER D 176 34.82 24.66 26.89
N THR D 177 34.25 25.33 27.87
CA THR D 177 34.72 25.28 29.25
C THR D 177 33.60 24.76 30.16
N TYR D 178 33.84 24.80 31.46
CA TYR D 178 32.93 24.24 32.44
C TYR D 178 32.52 25.27 33.48
N SER D 179 31.41 24.97 34.15
CA SER D 179 30.95 25.71 35.33
C SER D 179 30.66 24.72 36.44
N LEU D 180 30.98 25.12 37.67
CA LEU D 180 30.81 24.29 38.84
C LEU D 180 30.15 25.11 39.94
N SER D 181 29.37 24.45 40.78
CA SER D 181 28.72 25.11 41.90
C SER D 181 28.74 24.18 43.11
N SER D 182 29.30 24.67 44.22
CA SER D 182 29.30 23.94 45.48
C SER D 182 28.38 24.67 46.44
N THR D 183 27.37 23.96 46.93
CA THR D 183 26.43 24.51 47.90
C THR D 183 26.72 23.90 49.27
N LEU D 184 26.85 24.76 50.27
CA LEU D 184 27.02 24.35 51.65
C LEU D 184 25.74 24.69 52.39
N THR D 185 25.06 23.66 52.92
CA THR D 185 23.79 23.81 53.60
C THR D 185 23.95 23.46 55.07
N LEU D 186 23.26 24.21 55.91
CA LEU D 186 23.31 24.03 57.36
C LEU D 186 21.97 24.43 57.97
N SER D 187 21.83 24.16 59.26
CA SER D 187 20.63 24.56 59.97
C SER D 187 20.64 26.06 60.26
N LYS D 188 19.50 26.56 60.73
CA LYS D 188 19.34 27.97 61.04
C LYS D 188 20.28 28.38 62.18
N ALA D 189 20.21 27.65 63.30
CA ALA D 189 21.03 27.98 64.46
C ALA D 189 22.51 27.87 64.13
N ASP D 190 22.89 26.83 63.38
CA ASP D 190 24.27 26.73 62.92
C ASP D 190 24.64 27.90 62.02
N TYR D 191 23.67 28.49 61.32
CA TYR D 191 23.97 29.62 60.45
C TYR D 191 24.33 30.86 61.25
N GLU D 192 23.54 31.21 62.28
CA GLU D 192 23.97 32.38 63.05
C GLU D 192 25.03 32.10 64.11
N LYS D 193 25.29 30.84 64.47
CA LYS D 193 26.40 30.63 65.41
C LYS D 193 27.76 30.90 64.78
N HIS D 194 27.85 30.81 63.45
CA HIS D 194 29.06 31.23 62.75
C HIS D 194 28.82 32.58 62.08
N LYS D 195 29.92 33.29 61.82
CA LYS D 195 29.84 34.67 61.36
C LYS D 195 30.49 34.90 60.00
N VAL D 196 31.66 34.33 59.76
CA VAL D 196 32.38 34.49 58.49
C VAL D 196 32.35 33.17 57.73
N TYR D 197 32.09 33.24 56.43
CA TYR D 197 32.01 32.06 55.59
C TYR D 197 32.84 32.27 54.34
N ALA D 198 33.65 31.26 53.98
CA ALA D 198 34.57 31.37 52.87
C ALA D 198 34.59 30.08 52.06
N CYS D 199 34.78 30.22 50.76
CA CYS D 199 35.03 29.10 49.86
C CYS D 199 36.32 29.35 49.10
N GLU D 200 37.23 28.39 49.15
CA GLU D 200 38.47 28.48 48.38
C GLU D 200 38.56 27.33 47.41
N VAL D 201 39.28 27.57 46.31
CA VAL D 201 39.36 26.62 45.20
C VAL D 201 40.82 26.43 44.82
N THR D 202 41.21 25.17 44.62
CA THR D 202 42.51 24.82 44.06
C THR D 202 42.28 24.25 42.66
N HIS D 203 42.97 24.82 41.68
CA HIS D 203 42.76 24.47 40.29
C HIS D 203 44.06 24.68 39.52
N GLN D 204 44.17 24.02 38.37
CA GLN D 204 45.37 24.15 37.55
C GLN D 204 45.54 25.58 37.04
N GLY D 205 44.45 26.20 36.61
CA GLY D 205 44.51 27.56 36.08
C GLY D 205 44.59 28.62 37.16
N VAL D 210 42.47 30.15 45.08
CA VAL D 210 41.86 31.46 45.28
C VAL D 210 40.70 31.32 46.27
N THR D 211 40.60 32.28 47.19
CA THR D 211 39.62 32.25 48.26
C THR D 211 38.66 33.43 48.11
N LYS D 212 37.36 33.14 48.18
CA LYS D 212 36.33 34.17 48.23
C LYS D 212 35.61 34.04 49.58
N SER D 213 35.62 35.12 50.35
CA SER D 213 35.08 35.11 51.70
C SER D 213 34.08 36.24 51.86
N PHE D 214 33.16 36.07 52.81
CA PHE D 214 32.20 37.11 53.13
C PHE D 214 31.72 36.95 54.56
N ASN D 215 31.15 38.04 55.09
CA ASN D 215 30.73 38.10 56.47
C ASN D 215 29.25 37.79 56.63
N ASP E 1 18.15 -10.32 -6.07
CA ASP E 1 18.51 -9.11 -6.80
C ASP E 1 17.37 -8.64 -7.69
N VAL E 2 17.20 -7.32 -7.79
CA VAL E 2 16.16 -6.76 -8.65
C VAL E 2 16.53 -7.00 -10.10
N GLN E 3 15.57 -7.51 -10.87
CA GLN E 3 15.80 -7.83 -12.28
C GLN E 3 14.61 -7.35 -13.10
N LEU E 4 14.88 -6.52 -14.10
CA LEU E 4 13.87 -6.04 -15.03
C LEU E 4 14.29 -6.45 -16.43
N VAL E 5 13.42 -7.17 -17.14
CA VAL E 5 13.73 -7.66 -18.47
C VAL E 5 12.58 -7.31 -19.40
N GLU E 6 12.88 -6.61 -20.49
CA GLU E 6 11.87 -6.22 -21.47
C GLU E 6 11.91 -7.16 -22.68
N SER E 7 10.81 -7.12 -23.44
CA SER E 7 10.66 -7.96 -24.62
C SER E 7 9.56 -7.37 -25.49
N GLY E 8 9.49 -7.84 -26.73
CA GLY E 8 8.53 -7.39 -27.70
C GLY E 8 9.09 -6.47 -28.77
N GLY E 9 10.32 -6.00 -28.62
CA GLY E 9 10.90 -5.10 -29.60
C GLY E 9 11.25 -5.79 -30.90
N GLY E 10 11.47 -4.97 -31.92
CA GLY E 10 11.80 -5.50 -33.24
C GLY E 10 11.68 -4.43 -34.31
N LEU E 11 11.39 -4.87 -35.52
CA LEU E 11 11.23 -3.99 -36.67
C LEU E 11 9.77 -3.98 -37.10
N VAL E 12 9.19 -2.79 -37.18
CA VAL E 12 7.81 -2.61 -37.61
C VAL E 12 7.73 -1.44 -38.58
N GLN E 13 6.76 -1.50 -39.48
CA GLN E 13 6.57 -0.45 -40.46
C GLN E 13 5.99 0.80 -39.80
N PRO E 14 6.22 1.98 -40.38
CA PRO E 14 5.61 3.19 -39.83
C PRO E 14 4.09 3.13 -39.89
N GLY E 15 3.45 3.69 -38.87
CA GLY E 15 2.01 3.65 -38.76
C GLY E 15 1.45 2.37 -38.19
N LYS E 16 2.29 1.41 -37.82
CA LYS E 16 1.84 0.16 -37.24
C LYS E 16 1.69 0.30 -35.72
N SER E 17 1.53 -0.82 -35.03
CA SER E 17 1.40 -0.83 -33.58
C SER E 17 2.34 -1.88 -33.00
N LEU E 18 2.77 -1.66 -31.76
CA LEU E 18 3.71 -2.56 -31.12
C LEU E 18 3.51 -2.53 -29.61
N ARG E 19 3.57 -3.70 -28.99
CA ARG E 19 3.39 -3.84 -27.56
C ARG E 19 4.69 -4.30 -26.92
N LEU E 20 5.14 -3.57 -25.91
CA LEU E 20 6.37 -3.87 -25.18
C LEU E 20 5.99 -4.37 -23.80
N SER E 21 6.63 -5.46 -23.36
CA SER E 21 6.39 -6.02 -22.04
C SER E 21 7.67 -5.94 -21.22
N CYS E 22 7.51 -5.77 -19.91
CA CYS E 22 8.64 -5.72 -18.99
C CYS E 22 8.29 -6.55 -17.77
N ALA E 23 9.08 -7.58 -17.50
CA ALA E 23 8.89 -8.47 -16.37
C ALA E 23 9.86 -8.10 -15.26
N ALA E 24 9.36 -8.03 -14.04
CA ALA E 24 10.12 -7.62 -12.88
C ALA E 24 10.20 -8.76 -11.87
N SER E 25 11.34 -8.89 -11.22
CA SER E 25 11.54 -9.91 -10.20
C SER E 25 12.46 -9.38 -9.12
N GLY E 26 12.29 -9.89 -7.91
CA GLY E 26 13.12 -9.52 -6.79
C GLY E 26 12.56 -8.44 -5.88
N PHE E 27 11.36 -7.96 -6.14
CA PHE E 27 10.73 -6.94 -5.30
C PHE E 27 9.23 -7.01 -5.49
N THR E 28 8.51 -6.38 -4.56
CA THR E 28 7.05 -6.32 -4.62
C THR E 28 6.66 -5.41 -5.77
N PHE E 29 6.33 -6.01 -6.92
CA PHE E 29 5.99 -5.22 -8.09
C PHE E 29 4.70 -4.43 -7.90
N SER E 30 3.81 -4.91 -7.04
CA SER E 30 2.51 -4.28 -6.83
C SER E 30 2.59 -3.06 -5.90
N ASN E 31 3.78 -2.56 -5.59
CA ASN E 31 3.93 -1.43 -4.68
C ASN E 31 4.72 -0.27 -5.26
N PHE E 32 5.45 -0.47 -6.35
CA PHE E 32 6.32 0.56 -6.91
C PHE E 32 5.80 1.05 -8.25
N GLY E 33 5.89 2.36 -8.47
CA GLY E 33 5.57 2.90 -9.76
C GLY E 33 6.61 2.57 -10.81
N MET E 34 6.19 2.59 -12.06
CA MET E 34 7.06 2.19 -13.16
C MET E 34 7.17 3.30 -14.20
N HIS E 35 8.32 3.33 -14.87
CA HIS E 35 8.61 4.30 -15.91
C HIS E 35 9.07 3.59 -17.17
N TRP E 36 8.66 4.10 -18.31
CA TRP E 36 9.23 3.72 -19.60
C TRP E 36 10.04 4.92 -20.11
N VAL E 37 11.32 4.68 -20.38
CA VAL E 37 12.26 5.71 -20.80
C VAL E 37 13.01 5.23 -22.04
N ARG E 38 13.02 6.05 -23.08
CA ARG E 38 13.69 5.68 -24.33
C ARG E 38 14.91 6.54 -24.56
N GLN E 39 15.89 5.97 -25.28
CA GLN E 39 17.15 6.62 -25.57
C GLN E 39 17.50 6.41 -27.04
N ALA E 40 17.92 7.49 -27.70
CA ALA E 40 18.34 7.46 -29.09
C ALA E 40 19.70 8.11 -29.23
N PRO E 41 20.51 7.69 -30.21
CA PRO E 41 21.84 8.28 -30.37
C PRO E 41 21.82 9.78 -30.65
N GLU E 42 20.82 10.26 -31.39
CA GLU E 42 20.80 11.66 -31.81
C GLU E 42 20.06 12.57 -30.84
N MET E 43 19.19 12.02 -29.99
CA MET E 43 18.40 12.82 -29.06
C MET E 43 18.73 12.54 -27.60
N GLY E 44 19.18 11.33 -27.27
CA GLY E 44 19.56 11.03 -25.91
C GLY E 44 18.39 10.61 -25.05
N LEU E 45 18.66 10.54 -23.74
CA LEU E 45 17.69 10.05 -22.78
C LEU E 45 16.51 11.03 -22.65
N GLU E 46 15.31 10.47 -22.61
CA GLU E 46 14.11 11.23 -22.29
C GLU E 46 13.06 10.29 -21.72
N TRP E 47 12.17 10.85 -20.91
CA TRP E 47 11.15 10.07 -20.23
C TRP E 47 9.91 9.97 -21.11
N VAL E 48 9.36 8.76 -21.22
CA VAL E 48 8.24 8.51 -22.11
C VAL E 48 6.94 8.39 -21.34
N ALA E 49 6.91 7.49 -20.35
CA ALA E 49 5.64 7.25 -19.67
C ALA E 49 5.90 6.86 -18.21
N TYR E 50 4.87 7.04 -17.38
CA TYR E 50 4.92 6.68 -15.97
C TYR E 50 3.56 6.19 -15.52
N ILE E 51 3.57 5.12 -14.71
CA ILE E 51 2.36 4.56 -14.13
C ILE E 51 2.56 4.43 -12.62
N SER E 52 1.54 4.82 -11.86
CA SER E 52 1.58 4.74 -10.41
C SER E 52 1.46 3.28 -9.95
N SER E 53 1.44 3.10 -8.63
CA SER E 53 1.42 1.75 -8.07
C SER E 53 0.10 1.05 -8.34
N GLY E 54 -1.01 1.73 -8.10
CA GLY E 54 -2.32 1.13 -8.29
C GLY E 54 -2.97 1.45 -9.62
N SER E 55 -2.17 1.95 -10.56
CA SER E 55 -2.59 2.35 -11.90
C SER E 55 -3.61 3.49 -11.89
N THR E 56 -3.79 4.17 -10.75
CA THR E 56 -4.74 5.26 -10.68
C THR E 56 -4.21 6.53 -11.33
N THR E 57 -2.89 6.72 -11.36
CA THR E 57 -2.26 7.90 -11.92
C THR E 57 -1.28 7.48 -13.01
N LYS E 58 -1.43 8.08 -14.20
CA LYS E 58 -0.55 7.79 -15.32
C LYS E 58 -0.19 9.10 -16.01
N TYR E 59 1.08 9.24 -16.36
CA TYR E 59 1.58 10.42 -17.05
C TYR E 59 2.30 10.01 -18.33
N TYR E 60 2.25 10.89 -19.33
CA TYR E 60 2.84 10.63 -20.63
C TYR E 60 3.71 11.81 -21.05
N GLY E 61 4.65 11.53 -21.93
CA GLY E 61 5.48 12.59 -22.48
C GLY E 61 4.71 13.49 -23.42
N ASP E 62 5.31 14.65 -23.71
CA ASP E 62 4.65 15.63 -24.57
C ASP E 62 4.52 15.09 -25.99
N THR E 63 5.59 14.53 -26.54
CA THR E 63 5.58 14.08 -27.93
C THR E 63 4.91 12.73 -28.12
N VAL E 64 4.65 11.98 -27.07
CA VAL E 64 4.01 10.67 -27.17
C VAL E 64 2.61 10.69 -26.56
N LYS E 65 2.08 11.88 -26.27
CA LYS E 65 0.76 11.99 -25.66
C LYS E 65 -0.32 11.62 -26.68
N GLY E 66 -1.21 10.71 -26.29
CA GLY E 66 -2.28 10.25 -27.14
C GLY E 66 -1.92 9.09 -28.04
N ARG E 67 -0.63 8.80 -28.21
CA ARG E 67 -0.19 7.67 -29.02
C ARG E 67 0.17 6.44 -28.20
N PHE E 68 0.75 6.63 -27.02
CA PHE E 68 1.24 5.53 -26.20
C PHE E 68 0.31 5.31 -25.02
N THR E 69 0.27 4.07 -24.54
CA THR E 69 -0.59 3.70 -23.42
C THR E 69 0.21 2.82 -22.47
N ILE E 70 0.20 3.16 -21.18
CA ILE E 70 0.95 2.43 -20.16
C ILE E 70 -0.04 1.70 -19.27
N SER E 71 0.32 0.48 -18.87
CA SER E 71 -0.48 -0.28 -17.92
C SER E 71 0.40 -1.31 -17.23
N ARG E 72 -0.18 -2.04 -16.28
CA ARG E 72 0.57 -3.05 -15.56
C ARG E 72 -0.39 -4.11 -15.03
N ASP E 73 0.13 -5.33 -14.91
CA ASP E 73 -0.57 -6.46 -14.31
C ASP E 73 0.22 -6.85 -13.07
N ASN E 74 -0.29 -6.46 -11.90
CA ASN E 74 0.36 -6.82 -10.64
C ASN E 74 0.38 -8.31 -10.36
N PRO E 75 -0.72 -9.08 -10.53
CA PRO E 75 -0.62 -10.53 -10.29
C PRO E 75 0.39 -11.23 -11.19
N LYS E 76 0.55 -10.78 -12.43
CA LYS E 76 1.51 -11.37 -13.34
C LYS E 76 2.88 -10.71 -13.29
N ASN E 77 3.03 -9.65 -12.50
CA ASN E 77 4.28 -8.89 -12.38
C ASN E 77 4.79 -8.44 -13.74
N THR E 78 3.94 -7.72 -14.47
CA THR E 78 4.27 -7.30 -15.82
C THR E 78 3.88 -5.84 -16.01
N LEU E 79 4.63 -5.15 -16.87
CA LEU E 79 4.34 -3.77 -17.23
C LEU E 79 4.29 -3.66 -18.75
N TYR E 80 3.18 -3.13 -19.26
CA TYR E 80 2.90 -3.11 -20.69
C TYR E 80 2.89 -1.68 -21.22
N LEU E 81 3.48 -1.49 -22.40
CA LEU E 81 3.44 -0.21 -23.11
C LEU E 81 3.03 -0.47 -24.55
N GLN E 82 1.87 0.08 -24.94
CA GLN E 82 1.33 -0.10 -26.27
C GLN E 82 1.53 1.18 -27.07
N MET E 83 2.21 1.07 -28.21
CA MET E 83 2.42 2.19 -29.11
C MET E 83 1.59 1.99 -30.38
N ASN E 84 0.88 3.03 -30.79
CA ASN E 84 0.08 3.01 -32.00
C ASN E 84 0.47 4.21 -32.87
N SER E 85 0.36 4.02 -34.19
CA SER E 85 0.69 5.04 -35.18
C SER E 85 2.12 5.53 -35.02
N LEU E 86 3.06 4.58 -35.08
CA LEU E 86 4.46 4.90 -34.89
C LEU E 86 5.00 5.74 -36.03
N ARG E 87 5.96 6.59 -35.71
CA ARG E 87 6.60 7.48 -36.68
C ARG E 87 8.11 7.28 -36.62
N SER E 88 8.78 7.70 -37.69
CA SER E 88 10.20 7.39 -37.89
C SER E 88 11.10 7.94 -36.78
N GLU E 89 10.63 8.91 -36.02
CA GLU E 89 11.42 9.49 -34.93
C GLU E 89 11.42 8.62 -33.67
N ASP E 90 10.66 7.53 -33.64
CA ASP E 90 10.53 6.70 -32.46
C ASP E 90 11.55 5.57 -32.40
N THR E 91 12.48 5.50 -33.35
CA THR E 91 13.52 4.48 -33.33
C THR E 91 14.46 4.75 -32.15
N ALA E 92 14.41 3.89 -31.14
CA ALA E 92 15.17 4.11 -29.91
C ALA E 92 15.18 2.81 -29.11
N MET E 93 15.93 2.82 -28.01
CA MET E 93 15.99 1.69 -27.09
C MET E 93 15.22 2.06 -25.82
N TYR E 94 14.33 1.16 -25.40
CA TYR E 94 13.40 1.42 -24.31
C TYR E 94 13.81 0.63 -23.07
N TYR E 95 13.75 1.28 -21.91
CA TYR E 95 14.01 0.67 -20.62
C TYR E 95 12.79 0.87 -19.72
N CYS E 96 12.54 -0.12 -18.87
CA CYS E 96 11.56 -0.01 -17.79
C CYS E 96 12.30 0.17 -16.48
N ALA E 97 11.94 1.22 -15.75
CA ALA E 97 12.63 1.60 -14.51
C ALA E 97 11.64 1.69 -13.37
N ARG E 98 12.17 1.63 -12.15
CA ARG E 98 11.38 1.59 -10.94
C ARG E 98 11.46 2.94 -10.22
N ARG E 99 10.34 3.39 -9.66
CA ARG E 99 10.29 4.62 -8.89
C ARG E 99 10.22 4.29 -7.42
N PRO E 100 11.18 4.75 -6.60
CA PRO E 100 11.17 4.39 -5.18
C PRO E 100 9.97 4.97 -4.45
N LEU E 101 9.67 4.37 -3.31
CA LEU E 101 8.51 4.76 -2.53
C LEU E 101 8.72 6.13 -1.90
N TYR E 102 7.72 7.01 -2.06
CA TYR E 102 7.67 8.32 -1.42
C TYR E 102 8.90 9.16 -1.75
N ASP E 103 9.09 9.42 -3.05
CA ASP E 103 10.20 10.26 -3.46
C ASP E 103 10.04 11.71 -3.04
N GLY E 104 8.84 12.13 -2.64
CA GLY E 104 8.64 13.44 -2.09
C GLY E 104 9.02 13.58 -0.64
N ASP E 105 9.40 12.48 -0.01
CA ASP E 105 9.85 12.47 1.38
C ASP E 105 11.30 12.05 1.54
N TYR E 106 11.82 11.20 0.66
CA TYR E 106 13.20 10.73 0.73
C TYR E 106 14.05 11.12 -0.46
N GLY E 107 13.44 11.38 -1.61
CA GLY E 107 14.19 11.95 -2.73
C GLY E 107 14.93 10.96 -3.59
N TYR E 108 14.65 9.66 -3.46
CA TYR E 108 15.34 8.67 -4.26
C TYR E 108 14.77 8.66 -5.69
N PRO E 109 15.58 8.91 -6.70
CA PRO E 109 15.07 8.89 -8.08
C PRO E 109 15.06 7.50 -8.67
N MET E 110 14.75 7.40 -9.97
CA MET E 110 14.75 6.15 -10.71
C MET E 110 16.09 5.43 -10.53
N ASP E 111 16.07 4.27 -9.88
CA ASP E 111 17.29 3.60 -9.45
C ASP E 111 17.63 2.36 -10.28
N TYR E 112 16.70 1.45 -10.45
CA TYR E 112 16.96 0.19 -11.15
C TYR E 112 16.40 0.25 -12.56
N TRP E 113 17.24 -0.08 -13.54
CA TRP E 113 16.87 -0.03 -14.95
C TRP E 113 17.08 -1.40 -15.58
N GLY E 114 16.25 -1.71 -16.58
CA GLY E 114 16.39 -2.95 -17.31
C GLY E 114 17.44 -2.87 -18.40
N GLN E 115 17.54 -3.95 -19.17
CA GLN E 115 18.53 -4.00 -20.24
C GLN E 115 18.12 -3.12 -21.42
N GLY E 116 16.84 -3.14 -21.78
CA GLY E 116 16.35 -2.32 -22.86
C GLY E 116 16.14 -3.08 -24.16
N THR E 117 15.05 -2.77 -24.87
CA THR E 117 14.76 -3.38 -26.16
C THR E 117 14.76 -2.30 -27.23
N SER E 118 15.36 -2.61 -28.38
CA SER E 118 15.53 -1.64 -29.45
C SER E 118 14.37 -1.75 -30.43
N VAL E 119 13.64 -0.65 -30.63
CA VAL E 119 12.54 -0.59 -31.57
C VAL E 119 12.95 0.35 -32.70
N THR E 120 12.88 -0.16 -33.93
CA THR E 120 13.19 0.62 -35.12
C THR E 120 12.00 0.59 -36.07
N VAL E 121 11.68 1.74 -36.65
CA VAL E 121 10.54 1.90 -37.54
C VAL E 121 11.03 2.41 -38.88
N SER E 122 10.67 1.70 -39.95
CA SER E 122 11.16 2.01 -41.28
C SER E 122 10.36 1.21 -42.31
N SER E 123 10.35 1.70 -43.54
CA SER E 123 9.64 1.02 -44.62
C SER E 123 10.43 -0.14 -45.21
N ALA E 124 11.74 -0.20 -45.00
CA ALA E 124 12.56 -1.24 -45.59
C ALA E 124 12.29 -2.58 -44.93
N SER E 125 12.62 -3.66 -45.65
CA SER E 125 12.41 -5.02 -45.18
C SER E 125 13.67 -5.57 -44.53
N THR E 126 13.47 -6.46 -43.56
CA THR E 126 14.58 -7.10 -42.87
C THR E 126 15.32 -8.05 -43.81
N LYS E 127 16.60 -8.24 -43.54
CA LYS E 127 17.44 -9.13 -44.34
C LYS E 127 18.47 -9.79 -43.44
N GLY E 128 18.71 -11.08 -43.68
CA GLY E 128 19.66 -11.84 -42.90
C GLY E 128 21.09 -11.43 -43.15
N PRO E 129 21.91 -11.43 -42.10
CA PRO E 129 23.31 -11.02 -42.26
C PRO E 129 24.10 -12.03 -43.08
N SER E 130 25.09 -11.51 -43.80
CA SER E 130 26.04 -12.34 -44.53
C SER E 130 27.36 -12.33 -43.78
N VAL E 131 27.80 -13.50 -43.35
CA VAL E 131 29.00 -13.65 -42.51
C VAL E 131 30.15 -14.08 -43.40
N PHE E 132 31.29 -13.42 -43.25
CA PHE E 132 32.46 -13.74 -44.06
C PHE E 132 33.68 -13.83 -43.14
N PRO E 133 34.42 -14.93 -43.18
CA PRO E 133 35.63 -15.05 -42.37
C PRO E 133 36.76 -14.21 -42.95
N LEU E 134 37.78 -14.00 -42.14
CA LEU E 134 38.96 -13.22 -42.53
C LEU E 134 40.20 -14.04 -42.23
N ALA E 135 40.87 -14.50 -43.28
CA ALA E 135 42.05 -15.35 -43.09
C ALA E 135 43.19 -14.55 -42.47
N PRO E 136 43.76 -15.01 -41.35
CA PRO E 136 44.89 -14.35 -40.67
C PRO E 136 46.11 -14.20 -41.58
N ALA E 146 49.32 -11.71 -34.03
CA ALA E 146 48.40 -12.15 -35.07
C ALA E 146 46.96 -11.89 -34.67
N ALA E 147 46.10 -11.67 -35.67
CA ALA E 147 44.68 -11.42 -35.43
C ALA E 147 43.87 -12.13 -36.51
N LEU E 148 42.60 -12.41 -36.18
CA LEU E 148 41.68 -13.01 -37.13
C LEU E 148 40.27 -12.66 -36.71
N GLY E 149 39.37 -12.59 -37.68
CA GLY E 149 38.01 -12.19 -37.36
C GLY E 149 37.03 -12.56 -38.45
N CYS E 150 35.83 -12.01 -38.32
CA CYS E 150 34.78 -12.18 -39.32
C CYS E 150 33.98 -10.89 -39.41
N LEU E 151 33.47 -10.61 -40.61
CA LEU E 151 32.65 -9.42 -40.82
C LEU E 151 31.29 -9.81 -41.37
N VAL E 152 30.26 -9.14 -40.85
CA VAL E 152 28.88 -9.36 -41.27
C VAL E 152 28.42 -8.15 -42.07
N LYS E 153 27.71 -8.42 -43.17
CA LYS E 153 27.34 -7.42 -44.15
C LYS E 153 25.88 -7.61 -44.55
N ASP E 154 25.26 -6.51 -44.99
CA ASP E 154 23.93 -6.53 -45.61
C ASP E 154 22.87 -7.09 -44.66
N TYR E 155 22.66 -6.36 -43.56
CA TYR E 155 21.60 -6.68 -42.61
C TYR E 155 20.97 -5.35 -42.19
N PHE E 156 19.69 -5.17 -42.52
CA PHE E 156 19.06 -3.88 -42.24
C PHE E 156 18.77 -3.65 -40.76
N PRO E 157 18.18 -4.57 -39.98
CA PRO E 157 17.96 -4.27 -38.56
C PRO E 157 19.27 -4.15 -37.80
N GLU E 158 19.29 -3.20 -36.85
CA GLU E 158 20.53 -2.88 -36.16
C GLU E 158 21.11 -3.99 -35.29
N PRO E 159 20.37 -4.63 -34.37
CA PRO E 159 21.04 -5.49 -33.38
C PRO E 159 21.62 -6.75 -34.00
N VAL E 160 22.93 -6.90 -33.85
CA VAL E 160 23.64 -8.14 -34.18
C VAL E 160 24.68 -8.37 -33.10
N THR E 161 24.43 -9.35 -32.23
CA THR E 161 25.36 -9.69 -31.15
C THR E 161 26.42 -10.65 -31.69
N VAL E 162 27.69 -10.28 -31.56
CA VAL E 162 28.79 -11.08 -32.07
C VAL E 162 29.64 -11.54 -30.90
N SER E 163 29.79 -12.86 -30.76
CA SER E 163 30.63 -13.47 -29.75
C SER E 163 31.60 -14.44 -30.41
N TRP E 164 32.54 -14.97 -29.63
CA TRP E 164 33.53 -15.89 -30.15
C TRP E 164 33.56 -17.16 -29.31
N ASN E 165 33.45 -18.31 -29.98
CA ASN E 165 33.45 -19.63 -29.33
C ASN E 165 32.37 -19.71 -28.25
N SER E 166 31.19 -19.13 -28.55
CA SER E 166 30.07 -19.07 -27.62
C SER E 166 30.47 -18.43 -26.30
N GLY E 167 31.31 -17.39 -26.37
CA GLY E 167 31.75 -16.70 -25.18
C GLY E 167 32.85 -17.39 -24.40
N ALA E 168 33.53 -18.37 -25.01
CA ALA E 168 34.62 -19.05 -24.31
C ALA E 168 35.79 -18.10 -24.02
N LEU E 169 36.14 -17.26 -24.99
CA LEU E 169 37.21 -16.29 -24.82
C LEU E 169 36.66 -14.88 -25.02
N THR E 170 37.11 -13.96 -24.15
CA THR E 170 36.70 -12.57 -24.23
C THR E 170 37.88 -11.62 -24.23
N SER E 171 39.11 -12.13 -24.30
CA SER E 171 40.30 -11.30 -24.30
C SER E 171 40.72 -11.01 -25.73
N GLY E 172 40.99 -9.74 -26.03
CA GLY E 172 41.35 -9.34 -27.37
C GLY E 172 40.18 -9.16 -28.31
N VAL E 173 38.95 -9.26 -27.81
CA VAL E 173 37.78 -9.11 -28.66
C VAL E 173 37.61 -7.63 -29.03
N HIS E 174 37.44 -7.36 -30.32
CA HIS E 174 37.22 -6.00 -30.82
C HIS E 174 36.07 -6.08 -31.81
N THR E 175 34.89 -5.65 -31.37
CA THR E 175 33.70 -5.62 -32.21
C THR E 175 33.40 -4.17 -32.56
N PHE E 176 33.35 -3.87 -33.85
CA PHE E 176 33.21 -2.49 -34.25
C PHE E 176 31.76 -2.12 -34.49
N PRO E 177 31.38 -0.87 -34.25
CA PRO E 177 30.00 -0.45 -34.48
C PRO E 177 29.61 -0.55 -35.94
N ALA E 178 28.34 -0.87 -36.18
CA ALA E 178 27.83 -1.00 -37.55
C ALA E 178 27.80 0.37 -38.23
N VAL E 179 28.06 0.37 -39.54
CA VAL E 179 28.14 1.58 -40.33
C VAL E 179 27.16 1.46 -41.51
N LEU E 180 26.42 2.53 -41.77
CA LEU E 180 25.52 2.58 -42.92
C LEU E 180 26.33 2.83 -44.19
N GLN E 181 26.11 1.99 -45.21
CA GLN E 181 26.70 2.25 -46.52
C GLN E 181 25.68 3.01 -47.38
N SER E 182 25.99 3.14 -48.67
CA SER E 182 25.10 3.83 -49.59
C SER E 182 23.84 3.02 -49.89
N SER E 183 23.89 1.70 -49.70
CA SER E 183 22.78 0.83 -50.05
C SER E 183 21.69 0.78 -48.98
N GLY E 184 21.89 1.44 -47.84
CA GLY E 184 20.91 1.40 -46.77
C GLY E 184 21.00 0.21 -45.86
N LEU E 185 22.00 -0.64 -46.02
CA LEU E 185 22.21 -1.79 -45.16
C LEU E 185 23.32 -1.48 -44.15
N TYR E 186 23.67 -2.48 -43.34
CA TYR E 186 24.62 -2.29 -42.26
C TYR E 186 25.70 -3.36 -42.33
N SER E 187 26.86 -3.04 -41.77
CA SER E 187 28.00 -3.95 -41.79
C SER E 187 28.92 -3.65 -40.61
N LEU E 188 29.52 -4.71 -40.07
CA LEU E 188 30.49 -4.54 -38.99
C LEU E 188 31.43 -5.74 -38.97
N SER E 189 32.68 -5.49 -38.59
CA SER E 189 33.71 -6.52 -38.51
C SER E 189 34.15 -6.67 -37.06
N SER E 190 34.24 -7.92 -36.60
CA SER E 190 34.70 -8.23 -35.25
C SER E 190 35.91 -9.16 -35.34
N VAL E 191 36.96 -8.83 -34.58
CA VAL E 191 38.22 -9.55 -34.64
C VAL E 191 38.67 -9.92 -33.23
N VAL E 192 39.59 -10.87 -33.16
CA VAL E 192 40.30 -11.23 -31.94
C VAL E 192 41.77 -11.42 -32.28
N THR E 193 42.65 -10.95 -31.41
CA THR E 193 44.09 -11.11 -31.56
C THR E 193 44.53 -12.33 -30.78
N VAL E 194 45.19 -13.26 -31.46
CA VAL E 194 45.63 -14.52 -30.85
C VAL E 194 47.13 -14.69 -31.09
N PRO E 195 47.85 -15.41 -30.21
CA PRO E 195 49.28 -15.67 -30.42
C PRO E 195 49.55 -16.53 -31.65
N THR E 203 40.44 -24.19 -31.52
CA THR E 203 39.63 -23.75 -32.66
C THR E 203 38.90 -22.46 -32.34
N TYR E 204 38.61 -21.67 -33.38
CA TYR E 204 37.94 -20.39 -33.24
C TYR E 204 36.71 -20.37 -34.14
N ILE E 205 35.55 -20.12 -33.55
CA ILE E 205 34.31 -19.92 -34.27
C ILE E 205 33.67 -18.63 -33.78
N CYS E 206 33.21 -17.81 -34.71
CA CYS E 206 32.52 -16.56 -34.38
C CYS E 206 31.02 -16.75 -34.60
N ASN E 207 30.24 -16.33 -33.62
CA ASN E 207 28.80 -16.53 -33.61
C ASN E 207 28.11 -15.18 -33.69
N VAL E 208 27.16 -15.05 -34.62
CA VAL E 208 26.41 -13.82 -34.80
C VAL E 208 24.93 -14.13 -34.59
N ASN E 209 24.27 -13.25 -33.83
CA ASN E 209 22.85 -13.35 -33.52
C ASN E 209 22.15 -12.11 -34.07
N HIS E 210 21.11 -12.32 -34.86
CA HIS E 210 20.31 -11.26 -35.45
C HIS E 210 18.86 -11.55 -35.06
N LYS E 211 18.43 -10.97 -33.95
CA LYS E 211 17.12 -11.30 -33.38
C LYS E 211 15.98 -10.96 -34.32
N PRO E 212 15.90 -9.77 -34.95
CA PRO E 212 14.77 -9.51 -35.88
C PRO E 212 14.69 -10.48 -37.04
N SER E 213 15.83 -10.96 -37.53
CA SER E 213 15.84 -11.98 -38.57
C SER E 213 15.90 -13.40 -38.00
N ASN E 214 15.93 -13.54 -36.67
CA ASN E 214 16.01 -14.84 -35.99
C ASN E 214 17.18 -15.67 -36.51
N THR E 215 18.30 -15.00 -36.77
CA THR E 215 19.45 -15.62 -37.43
C THR E 215 20.52 -15.95 -36.39
N LYS E 216 20.92 -17.23 -36.33
CA LYS E 216 22.02 -17.71 -35.50
C LYS E 216 23.05 -18.37 -36.40
N VAL E 217 24.19 -17.72 -36.60
CA VAL E 217 25.22 -18.23 -37.50
C VAL E 217 26.51 -18.44 -36.74
N ASP E 218 27.07 -19.65 -36.84
CA ASP E 218 28.35 -19.99 -36.26
C ASP E 218 29.32 -20.29 -37.41
N LYS E 219 30.30 -19.41 -37.61
CA LYS E 219 31.23 -19.52 -38.72
C LYS E 219 32.63 -19.79 -38.19
N LYS E 220 33.27 -20.83 -38.73
CA LYS E 220 34.64 -21.17 -38.34
C LYS E 220 35.61 -20.48 -39.29
N VAL E 221 36.60 -19.80 -38.71
CA VAL E 221 37.60 -19.04 -39.48
C VAL E 221 38.92 -19.78 -39.44
N GLU E 222 39.43 -20.16 -40.60
CA GLU E 222 40.70 -20.83 -40.75
C GLU E 222 41.43 -20.28 -41.97
N PRO E 223 42.76 -20.31 -41.96
CA PRO E 223 43.54 -19.88 -43.13
C PRO E 223 43.33 -20.77 -44.35
N ASN F 1 7.44 20.34 -18.06
CA ASN F 1 8.78 19.79 -17.99
C ASN F 1 9.85 20.84 -17.73
N ILE F 2 11.03 20.39 -17.30
CA ILE F 2 12.17 21.27 -17.06
C ILE F 2 13.39 20.60 -17.68
N MET F 3 13.80 21.04 -18.86
CA MET F 3 14.97 20.44 -19.48
C MET F 3 16.24 21.12 -19.00
N LEU F 4 17.34 20.36 -19.03
CA LEU F 4 18.61 20.77 -18.46
C LEU F 4 19.65 20.82 -19.56
N THR F 5 20.62 21.72 -19.41
CA THR F 5 21.68 21.87 -20.40
C THR F 5 23.02 21.63 -19.74
N GLN F 6 23.77 20.67 -20.27
CA GLN F 6 25.11 20.37 -19.78
C GLN F 6 26.13 21.07 -20.65
N SER F 7 27.00 21.85 -20.01
CA SER F 7 27.98 22.68 -20.72
C SER F 7 28.96 21.84 -21.52
N PRO F 8 29.76 20.95 -20.93
CA PRO F 8 30.77 20.24 -21.74
C PRO F 8 30.12 19.15 -22.56
N SER F 9 30.28 19.24 -23.88
CA SER F 9 29.84 18.15 -24.74
C SER F 9 30.73 16.93 -24.54
N SER F 10 32.04 17.12 -24.55
CA SER F 10 33.00 16.09 -24.21
C SER F 10 34.21 16.75 -23.55
N LEU F 11 34.88 16.01 -22.68
CA LEU F 11 36.08 16.50 -22.01
C LEU F 11 37.08 15.36 -21.88
N ALA F 12 38.34 15.64 -22.23
CA ALA F 12 39.42 14.68 -22.09
C ALA F 12 40.30 15.08 -20.90
N VAL F 13 40.84 14.06 -20.22
CA VAL F 13 41.65 14.29 -19.04
C VAL F 13 42.54 13.08 -18.82
N SER F 14 43.68 13.31 -18.17
CA SER F 14 44.52 12.21 -17.73
C SER F 14 44.00 11.66 -16.40
N ALA F 15 44.49 10.48 -16.04
CA ALA F 15 44.06 9.84 -14.80
C ALA F 15 44.76 10.45 -13.60
N GLY F 16 44.00 10.74 -12.55
CA GLY F 16 44.53 11.15 -11.27
C GLY F 16 44.07 12.51 -10.78
N GLU F 17 43.68 13.42 -11.66
CA GLU F 17 43.30 14.76 -11.23
C GLU F 17 41.79 14.95 -11.36
N ARG F 18 41.33 16.17 -11.09
CA ARG F 18 39.93 16.47 -10.91
C ARG F 18 39.28 16.90 -12.23
N VAL F 19 38.01 16.54 -12.39
CA VAL F 19 37.18 17.02 -13.48
C VAL F 19 35.88 17.55 -12.91
N THR F 20 35.36 18.61 -13.53
CA THR F 20 34.09 19.21 -13.15
C THR F 20 33.18 19.26 -14.37
N MET F 21 31.94 18.80 -14.19
CA MET F 21 30.93 18.87 -15.23
C MET F 21 29.73 19.62 -14.67
N SER F 22 29.33 20.70 -15.35
CA SER F 22 28.28 21.57 -14.86
C SER F 22 27.06 21.48 -15.76
N CYS F 23 25.90 21.78 -15.18
CA CYS F 23 24.67 21.81 -15.95
C CYS F 23 23.71 22.83 -15.35
N LYS F 24 22.95 23.47 -16.23
CA LYS F 24 22.07 24.58 -15.90
C LYS F 24 20.61 24.21 -16.11
N SER F 25 19.76 24.76 -15.26
CA SER F 25 18.32 24.60 -15.33
C SER F 25 17.67 25.91 -15.77
N THR F 26 16.51 25.79 -16.43
CA THR F 26 15.77 26.99 -16.82
C THR F 26 15.03 27.62 -15.65
N GLN F 27 14.83 26.88 -14.56
CA GLN F 27 14.11 27.41 -13.41
C GLN F 27 14.59 26.70 -12.15
N SER F 28 14.28 27.29 -11.00
CA SER F 28 14.60 26.67 -9.73
C SER F 28 13.80 25.39 -9.55
N ILE F 29 14.47 24.35 -9.06
CA ILE F 29 13.83 23.06 -8.84
C ILE F 29 13.90 22.70 -7.36
N LEU F 30 13.88 23.72 -6.50
CA LEU F 30 13.96 23.52 -5.06
C LEU F 30 12.56 23.35 -4.49
N TYR F 31 12.28 22.19 -3.91
CA TYR F 31 11.00 21.96 -3.26
C TYR F 31 10.92 22.81 -2.00
N ASN F 32 9.79 23.53 -1.85
CA ASN F 32 9.69 24.51 -0.77
C ASN F 32 9.58 23.83 0.60
N SER F 33 8.75 22.79 0.70
CA SER F 33 8.52 22.15 2.00
C SER F 33 9.76 21.44 2.50
N ASN F 34 10.44 20.69 1.62
CA ASN F 34 11.60 19.91 2.02
C ASN F 34 12.88 20.72 2.09
N GLN F 35 12.92 21.87 1.41
CA GLN F 35 14.16 22.65 1.24
C GLN F 35 15.27 21.82 0.61
N LYS F 36 14.89 20.87 -0.23
CA LYS F 36 15.82 19.97 -0.90
C LYS F 36 15.73 20.20 -2.41
N THR F 37 16.88 20.35 -3.06
CA THR F 37 16.91 20.51 -4.50
C THR F 37 16.78 19.16 -5.17
N TYR F 38 15.75 18.99 -5.98
CA TYR F 38 15.43 17.69 -6.59
C TYR F 38 16.19 17.58 -7.91
N LEU F 39 17.40 17.05 -7.85
CA LEU F 39 18.21 16.80 -9.02
C LEU F 39 19.14 15.64 -8.72
N ALA F 40 19.43 14.85 -9.76
CA ALA F 40 20.26 13.66 -9.64
C ALA F 40 21.29 13.63 -10.75
N TRP F 41 22.39 12.94 -10.48
CA TRP F 41 23.46 12.70 -11.45
C TRP F 41 23.56 11.20 -11.70
N TYR F 42 23.49 10.82 -12.97
CA TYR F 42 23.49 9.45 -13.44
C TYR F 42 24.72 9.21 -14.30
N GLN F 43 25.25 7.99 -14.21
CA GLN F 43 26.39 7.56 -15.00
C GLN F 43 25.99 6.37 -15.86
N GLN F 44 26.37 6.41 -17.14
CA GLN F 44 26.04 5.36 -18.09
C GLN F 44 27.31 4.94 -18.82
N LYS F 45 27.82 3.76 -18.49
CA LYS F 45 28.93 3.18 -19.22
C LYS F 45 28.45 2.72 -20.59
N PRO F 46 29.35 2.64 -21.57
CA PRO F 46 28.93 2.21 -22.91
C PRO F 46 28.33 0.80 -22.91
N GLY F 47 27.24 0.65 -23.65
CA GLY F 47 26.55 -0.63 -23.72
C GLY F 47 25.98 -1.10 -22.41
N GLN F 48 25.47 -0.18 -21.59
CA GLN F 48 24.93 -0.54 -20.28
C GLN F 48 23.80 0.43 -19.93
N SER F 49 22.92 -0.01 -19.04
CA SER F 49 21.87 0.85 -18.54
C SER F 49 22.46 1.91 -17.61
N PRO F 50 21.81 3.08 -17.52
CA PRO F 50 22.31 4.12 -16.61
C PRO F 50 22.29 3.67 -15.16
N LYS F 51 23.27 4.16 -14.39
CA LYS F 51 23.42 3.84 -12.99
C LYS F 51 23.37 5.12 -12.16
N LEU F 52 22.62 5.09 -11.07
CA LEU F 52 22.46 6.27 -10.23
C LEU F 52 23.74 6.54 -9.45
N LEU F 53 24.19 7.79 -9.47
CA LEU F 53 25.38 8.21 -8.74
C LEU F 53 25.07 9.13 -7.57
N ILE F 54 24.32 10.21 -7.82
CA ILE F 54 24.05 11.20 -6.78
C ILE F 54 22.58 11.59 -6.84
N TYR F 55 21.95 11.77 -5.69
CA TYR F 55 20.60 12.30 -5.63
C TYR F 55 20.54 13.46 -4.65
N TRP F 56 19.53 14.32 -4.84
CA TRP F 56 19.35 15.57 -4.10
C TRP F 56 20.50 16.54 -4.30
N ALA F 57 21.35 16.29 -5.30
CA ALA F 57 22.42 17.16 -5.77
C ALA F 57 23.58 17.26 -4.77
N SER F 58 23.41 16.71 -3.59
CA SER F 58 24.49 16.65 -2.61
C SER F 58 24.66 15.26 -2.02
N THR F 59 23.56 14.56 -1.75
CA THR F 59 23.63 13.25 -1.11
C THR F 59 24.22 12.22 -2.07
N ARG F 60 25.02 11.32 -1.52
CA ARG F 60 25.72 10.30 -2.31
C ARG F 60 24.98 8.97 -2.19
N ALA F 61 24.76 8.32 -3.32
CA ALA F 61 24.06 7.05 -3.33
C ALA F 61 24.89 5.96 -2.66
N SER F 62 24.21 4.90 -2.24
CA SER F 62 24.87 3.80 -1.54
C SER F 62 25.82 3.07 -2.47
N GLY F 63 27.03 2.83 -1.98
CA GLY F 63 28.04 2.12 -2.74
C GLY F 63 28.84 2.98 -3.69
N VAL F 64 28.51 4.26 -3.82
CA VAL F 64 29.21 5.18 -4.71
C VAL F 64 30.52 5.57 -4.05
N PRO F 65 31.65 5.56 -4.76
CA PRO F 65 32.92 5.96 -4.16
C PRO F 65 32.91 7.43 -3.75
N ASP F 66 33.78 7.75 -2.78
CA ASP F 66 33.83 9.08 -2.21
C ASP F 66 34.38 10.13 -3.16
N ARG F 67 35.01 9.72 -4.27
CA ARG F 67 35.56 10.69 -5.21
C ARG F 67 34.46 11.53 -5.86
N PHE F 68 33.33 10.89 -6.22
CA PHE F 68 32.22 11.61 -6.81
C PHE F 68 31.59 12.54 -5.78
N THR F 69 31.45 13.82 -6.13
CA THR F 69 30.78 14.75 -5.24
C THR F 69 29.88 15.66 -6.06
N GLY F 70 28.80 16.12 -5.43
CA GLY F 70 27.85 17.00 -6.07
C GLY F 70 27.75 18.31 -5.31
N SER F 71 27.55 19.41 -6.04
CA SER F 71 27.44 20.72 -5.43
C SER F 71 26.61 21.62 -6.35
N GLY F 72 26.38 22.83 -5.89
CA GLY F 72 25.60 23.80 -6.65
C GLY F 72 24.20 23.98 -6.08
N SER F 73 23.52 24.98 -6.63
CA SER F 73 22.20 25.39 -6.15
C SER F 73 21.60 26.32 -7.19
N GLY F 74 20.45 26.92 -6.86
CA GLY F 74 19.78 27.83 -7.77
C GLY F 74 19.43 27.17 -9.07
N THR F 75 20.14 27.53 -10.13
CA THR F 75 19.97 26.90 -11.43
C THR F 75 21.24 26.25 -11.96
N ASP F 76 22.34 26.26 -11.21
CA ASP F 76 23.61 25.72 -11.66
C ASP F 76 24.01 24.60 -10.71
N PHE F 77 24.34 23.44 -11.28
CA PHE F 77 24.74 22.29 -10.47
C PHE F 77 25.95 21.62 -11.09
N THR F 78 26.89 21.20 -10.24
CA THR F 78 28.16 20.66 -10.69
C THR F 78 28.41 19.29 -10.07
N LEU F 79 28.94 18.39 -10.89
CA LEU F 79 29.45 17.09 -10.45
C LEU F 79 30.97 17.08 -10.61
N THR F 80 31.67 16.75 -9.54
CA THR F 80 33.12 16.78 -9.53
C THR F 80 33.68 15.41 -9.21
N ILE F 81 34.61 14.94 -10.03
CA ILE F 81 35.36 13.72 -9.78
C ILE F 81 36.76 14.15 -9.36
N ASN F 82 37.12 13.83 -8.11
CA ASN F 82 38.39 14.30 -7.56
C ASN F 82 39.56 13.57 -8.20
N SER F 83 39.47 12.24 -8.34
CA SER F 83 40.53 11.42 -8.93
C SER F 83 39.89 10.50 -9.95
N VAL F 84 39.95 10.90 -11.22
CA VAL F 84 39.35 10.11 -12.29
C VAL F 84 40.18 8.84 -12.49
N GLN F 85 39.48 7.70 -12.57
CA GLN F 85 40.06 6.38 -12.75
C GLN F 85 39.81 5.91 -14.18
N PRO F 86 40.64 4.99 -14.71
CA PRO F 86 40.48 4.57 -16.11
C PRO F 86 39.12 3.97 -16.43
N GLU F 87 38.52 3.24 -15.50
CA GLU F 87 37.20 2.65 -15.72
C GLU F 87 36.06 3.62 -15.43
N ASP F 88 36.34 4.92 -15.32
CA ASP F 88 35.30 5.92 -15.10
C ASP F 88 34.83 6.58 -16.38
N LEU F 89 35.32 6.13 -17.54
CA LEU F 89 34.86 6.70 -18.79
C LEU F 89 33.43 6.25 -19.07
N ALA F 90 32.54 7.23 -19.22
CA ALA F 90 31.10 6.98 -19.36
C ALA F 90 30.45 8.29 -19.81
N VAL F 91 29.12 8.29 -19.84
CA VAL F 91 28.35 9.49 -20.15
C VAL F 91 27.54 9.85 -18.91
N TYR F 92 27.62 11.12 -18.50
CA TYR F 92 26.99 11.58 -17.27
C TYR F 92 25.83 12.50 -17.59
N TYR F 93 24.68 12.21 -17.00
CA TYR F 93 23.45 12.98 -17.22
C TYR F 93 22.97 13.58 -15.91
N CYS F 94 22.65 14.87 -15.93
CA CYS F 94 21.98 15.51 -14.81
C CYS F 94 20.48 15.57 -15.11
N HIS F 95 19.67 15.17 -14.14
CA HIS F 95 18.27 14.88 -14.37
C HIS F 95 17.43 15.37 -13.20
N GLN F 96 16.41 16.16 -13.50
CA GLN F 96 15.50 16.67 -12.48
C GLN F 96 14.27 15.77 -12.40
N TYR F 97 13.76 15.58 -11.19
CA TYR F 97 12.58 14.74 -10.97
C TYR F 97 11.60 15.43 -10.04
N LEU F 98 11.52 16.76 -10.13
CA LEU F 98 10.54 17.52 -9.35
C LEU F 98 9.23 17.66 -10.13
N SER F 99 9.29 18.29 -11.29
CA SER F 99 8.14 18.42 -12.18
C SER F 99 8.39 17.59 -13.42
N ALA F 100 7.55 16.59 -13.65
CA ALA F 100 7.71 15.60 -14.72
C ALA F 100 9.08 14.94 -14.56
N TRP F 101 9.68 14.48 -15.65
CA TRP F 101 11.01 13.90 -15.62
C TRP F 101 11.73 14.24 -16.91
N THR F 102 12.91 14.85 -16.79
CA THR F 102 13.73 15.20 -17.95
C THR F 102 15.18 14.87 -17.65
N PHE F 103 15.95 14.70 -18.72
CA PHE F 103 17.36 14.33 -18.63
C PHE F 103 18.21 15.33 -19.39
N GLY F 104 19.45 15.48 -18.96
CA GLY F 104 20.37 16.39 -19.61
C GLY F 104 20.85 15.86 -20.94
N GLY F 105 21.61 16.71 -21.65
CA GLY F 105 22.11 16.36 -22.96
C GLY F 105 23.19 15.29 -22.95
N GLY F 106 23.89 15.14 -21.83
CA GLY F 106 24.92 14.13 -21.73
C GLY F 106 26.32 14.67 -21.95
N THR F 107 27.20 14.42 -20.99
CA THR F 107 28.60 14.82 -21.08
C THR F 107 29.47 13.57 -21.15
N LYS F 108 30.33 13.50 -22.16
CA LYS F 108 31.18 12.34 -22.38
C LYS F 108 32.56 12.59 -21.77
N LEU F 109 33.07 11.61 -21.03
CA LEU F 109 34.35 11.71 -20.35
C LEU F 109 35.37 10.82 -21.05
N GLU F 110 36.46 11.41 -21.51
CA GLU F 110 37.54 10.69 -22.17
C GLU F 110 38.73 10.54 -21.22
N ILE F 111 39.66 9.68 -21.62
CA ILE F 111 40.85 9.38 -20.83
C ILE F 111 42.09 9.69 -21.67
N LYS F 112 42.98 10.51 -21.12
CA LYS F 112 44.23 10.86 -21.76
C LYS F 112 45.37 10.04 -21.16
N ARG F 113 46.34 9.69 -22.00
CA ARG F 113 47.48 8.89 -21.56
C ARG F 113 48.64 9.11 -22.51
N THR F 114 49.68 8.30 -22.37
CA THR F 114 50.83 8.38 -23.26
C THR F 114 50.51 7.82 -24.63
N VAL F 115 51.27 8.28 -25.63
CA VAL F 115 51.08 7.81 -27.00
C VAL F 115 51.45 6.33 -27.11
N ALA F 116 50.80 5.63 -28.03
CA ALA F 116 51.08 4.22 -28.28
C ALA F 116 51.10 3.97 -29.78
N ALA F 117 52.05 3.15 -30.21
CA ALA F 117 52.17 2.84 -31.62
C ALA F 117 51.06 1.88 -32.06
N PRO F 118 50.36 2.18 -33.15
CA PRO F 118 49.31 1.28 -33.62
C PRO F 118 49.87 -0.02 -34.17
N SER F 119 49.07 -1.08 -34.09
CA SER F 119 49.38 -2.36 -34.70
C SER F 119 48.59 -2.46 -36.00
N VAL F 120 49.30 -2.72 -37.10
CA VAL F 120 48.74 -2.67 -38.45
C VAL F 120 48.53 -4.10 -38.95
N PHE F 121 47.36 -4.34 -39.53
CA PHE F 121 47.06 -5.63 -40.16
C PHE F 121 46.36 -5.38 -41.49
N ILE F 122 46.60 -6.27 -42.45
CA ILE F 122 45.99 -6.20 -43.77
C ILE F 122 45.28 -7.53 -44.02
N PHE F 123 44.02 -7.47 -44.43
CA PHE F 123 43.17 -8.66 -44.51
C PHE F 123 42.50 -8.70 -45.88
N PRO F 124 42.76 -9.72 -46.70
CA PRO F 124 42.14 -9.80 -48.03
C PRO F 124 40.75 -10.40 -47.95
N PRO F 125 39.93 -10.19 -48.98
CA PRO F 125 38.59 -10.79 -49.00
C PRO F 125 38.64 -12.31 -49.12
N SER F 126 37.63 -12.97 -48.56
CA SER F 126 37.49 -14.41 -48.62
C SER F 126 36.80 -14.83 -49.93
N ASP F 127 36.84 -16.14 -50.22
CA ASP F 127 36.40 -16.60 -51.55
C ASP F 127 34.88 -16.62 -51.68
N GLU F 128 34.14 -16.82 -50.57
CA GLU F 128 32.69 -16.70 -50.66
C GLU F 128 32.29 -15.28 -51.02
N GLN F 129 33.00 -14.29 -50.47
CA GLN F 129 32.88 -12.92 -50.94
C GLN F 129 33.16 -12.83 -52.44
N LEU F 130 34.22 -13.52 -52.89
CA LEU F 130 34.63 -13.44 -54.29
C LEU F 130 33.51 -13.92 -55.20
N LYS F 131 32.96 -15.10 -54.94
CA LYS F 131 31.94 -15.64 -55.83
C LYS F 131 30.56 -15.00 -55.58
N SER F 132 30.39 -14.28 -54.47
CA SER F 132 29.14 -13.53 -54.28
C SER F 132 29.04 -12.33 -55.20
N GLY F 133 30.16 -11.86 -55.75
CA GLY F 133 30.16 -10.76 -56.71
C GLY F 133 30.71 -9.44 -56.20
N THR F 134 31.08 -9.33 -54.93
CA THR F 134 31.66 -8.11 -54.39
C THR F 134 32.85 -8.47 -53.51
N ALA F 135 33.81 -7.55 -53.45
CA ALA F 135 35.05 -7.77 -52.71
C ALA F 135 35.25 -6.67 -51.68
N SER F 136 35.72 -7.06 -50.49
CA SER F 136 35.98 -6.11 -49.42
C SER F 136 37.32 -6.45 -48.78
N VAL F 137 38.23 -5.49 -48.76
CA VAL F 137 39.55 -5.65 -48.18
C VAL F 137 39.69 -4.71 -46.98
N VAL F 138 40.26 -5.24 -45.89
CA VAL F 138 40.25 -4.55 -44.61
C VAL F 138 41.68 -4.18 -44.21
N CYS F 139 41.86 -2.97 -43.71
CA CYS F 139 43.09 -2.57 -43.04
C CYS F 139 42.75 -2.19 -41.60
N LEU F 140 43.43 -2.81 -40.65
CA LEU F 140 43.07 -2.73 -39.24
C LEU F 140 44.19 -2.09 -38.44
N LEU F 141 43.83 -1.12 -37.60
CA LEU F 141 44.74 -0.47 -36.67
C LEU F 141 44.26 -0.78 -35.27
N ASN F 142 45.16 -1.27 -34.41
CA ASN F 142 44.79 -1.71 -33.08
C ASN F 142 45.66 -1.05 -32.02
N ASN F 143 45.06 -0.75 -30.87
CA ASN F 143 45.77 -0.27 -29.68
C ASN F 143 46.58 1.00 -29.98
N PHE F 144 45.84 2.06 -30.34
CA PHE F 144 46.43 3.39 -30.52
C PHE F 144 45.56 4.42 -29.81
N TYR F 145 46.12 5.02 -28.76
CA TYR F 145 45.37 5.97 -27.94
C TYR F 145 44.96 7.27 -28.64
N PRO F 146 45.82 8.01 -29.36
CA PRO F 146 45.54 9.43 -29.62
C PRO F 146 44.26 9.73 -30.41
N ARG F 147 43.63 8.73 -31.05
CA ARG F 147 42.38 8.92 -31.80
C ARG F 147 42.62 9.95 -32.92
N GLU F 148 43.74 9.78 -33.61
CA GLU F 148 44.03 10.57 -34.81
C GLU F 148 44.91 9.68 -35.69
N ALA F 149 44.46 9.38 -36.90
CA ALA F 149 45.18 8.53 -37.82
C ALA F 149 44.53 8.61 -39.19
N LYS F 150 45.35 8.67 -40.23
CA LYS F 150 44.86 8.72 -41.60
C LYS F 150 45.22 7.43 -42.32
N VAL F 151 44.29 6.93 -43.13
CA VAL F 151 44.46 5.69 -43.87
C VAL F 151 44.16 5.94 -45.33
N GLN F 152 45.03 5.46 -46.21
CA GLN F 152 44.89 5.65 -47.64
C GLN F 152 44.99 4.30 -48.33
N TRP F 153 44.20 4.13 -49.39
CA TRP F 153 44.14 2.89 -50.15
C TRP F 153 44.78 3.11 -51.52
N LYS F 154 45.70 2.23 -51.89
CA LYS F 154 46.38 2.30 -53.17
C LYS F 154 46.20 0.98 -53.91
N VAL F 155 45.86 1.09 -55.20
CA VAL F 155 45.58 -0.08 -56.01
C VAL F 155 46.64 -0.25 -57.08
N ASN F 163 33.54 5.64 -50.90
CA ASN F 163 33.87 4.36 -51.52
C ASN F 163 34.69 3.50 -50.57
N SER F 164 35.19 4.12 -49.50
CA SER F 164 35.89 3.42 -48.43
C SER F 164 35.27 3.84 -47.10
N GLN F 165 35.07 2.87 -46.22
CA GLN F 165 34.35 3.10 -44.97
C GLN F 165 35.27 2.86 -43.78
N GLU F 166 35.33 3.85 -42.88
CA GLU F 166 36.16 3.76 -41.68
C GLU F 166 35.26 3.63 -40.46
N SER F 167 35.52 2.63 -39.62
CA SER F 167 34.78 2.43 -38.39
C SER F 167 35.75 2.26 -37.24
N VAL F 168 35.54 3.02 -36.17
CA VAL F 168 36.43 3.02 -35.01
C VAL F 168 35.60 2.67 -33.78
N THR F 169 36.13 1.77 -32.95
CA THR F 169 35.43 1.32 -31.75
C THR F 169 35.50 2.36 -30.64
N GLU F 170 34.96 1.99 -29.49
CA GLU F 170 34.95 2.86 -28.32
C GLU F 170 36.20 2.59 -27.47
N GLN F 171 36.66 3.62 -26.78
CA GLN F 171 37.84 3.50 -25.93
C GLN F 171 37.55 2.53 -24.77
N ASP F 172 38.33 1.45 -24.71
CA ASP F 172 38.13 0.46 -23.66
C ASP F 172 38.61 0.99 -22.31
N SER F 173 38.09 0.38 -21.24
CA SER F 173 38.42 0.85 -19.91
C SER F 173 39.83 0.47 -19.47
N LYS F 174 40.26 -0.75 -19.78
CA LYS F 174 41.53 -1.26 -19.27
C LYS F 174 42.72 -0.65 -20.02
N ASP F 175 42.78 -0.86 -21.34
CA ASP F 175 43.91 -0.37 -22.11
C ASP F 175 43.82 1.14 -22.34
N SER F 176 42.59 1.64 -22.53
CA SER F 176 42.34 3.05 -22.87
C SER F 176 42.91 3.42 -24.23
N THR F 177 42.89 2.46 -25.17
CA THR F 177 43.32 2.68 -26.54
C THR F 177 42.16 2.41 -27.48
N TYR F 178 42.40 2.63 -28.77
CA TYR F 178 41.36 2.57 -29.79
C TYR F 178 41.70 1.52 -30.85
N SER F 179 40.67 1.08 -31.56
CA SER F 179 40.83 0.17 -32.69
C SER F 179 39.94 0.65 -33.83
N LEU F 180 40.45 0.59 -35.05
CA LEU F 180 39.77 1.10 -36.22
C LEU F 180 39.98 0.14 -37.39
N SER F 181 39.02 0.10 -38.29
CA SER F 181 39.12 -0.66 -39.53
C SER F 181 38.67 0.20 -40.69
N SER F 182 39.44 0.13 -41.78
CA SER F 182 39.10 0.77 -43.04
C SER F 182 38.79 -0.33 -44.04
N THR F 183 37.57 -0.33 -44.58
CA THR F 183 37.10 -1.32 -45.53
C THR F 183 36.99 -0.69 -46.90
N LEU F 184 37.68 -1.29 -47.87
CA LEU F 184 37.56 -0.91 -49.27
C LEU F 184 36.67 -1.92 -49.97
N THR F 185 35.56 -1.44 -50.53
CA THR F 185 34.54 -2.29 -51.13
C THR F 185 34.44 -1.99 -52.62
N LEU F 186 34.51 -3.04 -53.44
CA LEU F 186 34.45 -2.92 -54.89
C LEU F 186 33.67 -4.11 -55.44
N SER F 187 33.44 -4.09 -56.75
CA SER F 187 32.85 -5.23 -57.42
C SER F 187 33.92 -6.31 -57.67
N LYS F 188 33.46 -7.49 -58.07
CA LYS F 188 34.38 -8.60 -58.34
C LYS F 188 35.31 -8.27 -59.49
N ALA F 189 34.78 -7.67 -60.57
CA ALA F 189 35.61 -7.32 -61.72
C ALA F 189 36.69 -6.33 -61.32
N ASP F 190 36.32 -5.33 -60.51
CA ASP F 190 37.29 -4.35 -60.02
C ASP F 190 38.40 -5.03 -59.25
N TYR F 191 38.07 -6.10 -58.51
CA TYR F 191 39.11 -6.90 -57.86
C TYR F 191 40.00 -7.58 -58.89
N GLU F 192 39.42 -8.11 -59.97
CA GLU F 192 40.23 -8.87 -60.92
C GLU F 192 41.18 -7.99 -61.72
N LYS F 193 40.74 -6.79 -62.14
CA LYS F 193 41.64 -5.98 -62.98
C LYS F 193 42.90 -5.55 -62.22
N HIS F 194 42.76 -5.14 -60.97
CA HIS F 194 43.92 -4.69 -60.21
C HIS F 194 44.54 -5.86 -59.45
N LYS F 195 45.84 -5.76 -59.18
CA LYS F 195 46.59 -6.84 -58.57
C LYS F 195 47.13 -6.50 -57.19
N VAL F 196 47.85 -5.38 -57.06
CA VAL F 196 48.51 -5.02 -55.81
C VAL F 196 47.62 -4.05 -55.03
N TYR F 197 47.33 -4.39 -53.77
CA TYR F 197 46.51 -3.57 -52.90
C TYR F 197 47.33 -3.23 -51.65
N ALA F 198 47.44 -1.94 -51.36
CA ALA F 198 48.19 -1.46 -50.22
C ALA F 198 47.33 -0.51 -49.40
N CYS F 199 47.49 -0.56 -48.08
CA CYS F 199 46.91 0.43 -47.18
C CYS F 199 48.03 1.09 -46.40
N GLU F 200 48.09 2.42 -46.48
CA GLU F 200 49.13 3.22 -45.87
C GLU F 200 48.50 4.04 -44.76
N VAL F 201 48.98 3.86 -43.53
CA VAL F 201 48.41 4.51 -42.36
C VAL F 201 49.46 5.39 -41.72
N THR F 202 49.12 6.67 -41.53
CA THR F 202 49.99 7.64 -40.88
C THR F 202 49.36 8.05 -39.54
N HIS F 203 50.21 8.20 -38.53
CA HIS F 203 49.76 8.46 -37.18
C HIS F 203 50.86 9.26 -36.47
N GLN F 204 50.46 9.97 -35.41
CA GLN F 204 51.42 10.74 -34.63
C GLN F 204 52.46 9.84 -33.98
N GLY F 205 52.05 8.70 -33.45
CA GLY F 205 52.96 7.79 -32.78
C GLY F 205 53.86 7.03 -33.74
N VAL F 210 53.16 3.73 -42.03
CA VAL F 210 53.50 2.36 -42.38
C VAL F 210 52.49 1.85 -43.41
N THR F 211 52.98 1.09 -44.39
CA THR F 211 52.15 0.55 -45.46
C THR F 211 52.17 -0.96 -45.40
N LYS F 212 50.98 -1.57 -45.48
CA LYS F 212 50.83 -3.01 -45.55
C LYS F 212 50.13 -3.37 -46.86
N SER F 213 50.71 -4.30 -47.61
CA SER F 213 50.24 -4.58 -48.96
C SER F 213 50.19 -6.08 -49.20
N PHE F 214 49.37 -6.46 -50.18
CA PHE F 214 49.32 -7.83 -50.67
C PHE F 214 49.08 -7.81 -52.17
N ASN F 215 49.39 -8.93 -52.82
CA ASN F 215 49.23 -9.05 -54.26
C ASN F 215 48.04 -9.95 -54.60
N LEU G 16 -20.19 -23.42 -31.39
CA LEU G 16 -20.59 -23.67 -30.01
C LEU G 16 -19.91 -24.93 -29.48
N VAL G 17 -19.23 -24.78 -28.35
CA VAL G 17 -18.49 -25.88 -27.72
C VAL G 17 -19.05 -26.09 -26.32
N ILE G 18 -19.40 -27.33 -25.99
CA ILE G 18 -19.99 -27.66 -24.70
C ILE G 18 -19.14 -28.75 -24.04
N TRP G 19 -18.76 -28.53 -22.79
CA TRP G 19 -18.01 -29.50 -22.01
C TRP G 19 -18.84 -29.92 -20.81
N ILE G 20 -19.06 -31.22 -20.66
CA ILE G 20 -19.80 -31.80 -19.54
C ILE G 20 -19.01 -32.99 -19.00
N ASN G 21 -19.47 -33.51 -17.87
CA ASN G 21 -18.86 -34.70 -17.29
C ASN G 21 -19.24 -35.94 -18.08
N GLY G 22 -18.38 -36.96 -18.02
CA GLY G 22 -18.57 -38.16 -18.82
C GLY G 22 -19.73 -39.04 -18.38
N ASP G 23 -20.15 -38.94 -17.13
CA ASP G 23 -21.23 -39.77 -16.61
C ASP G 23 -22.61 -39.17 -16.84
N LYS G 24 -22.70 -38.02 -17.49
CA LYS G 24 -23.98 -37.37 -17.74
C LYS G 24 -24.49 -37.75 -19.13
N GLY G 25 -25.56 -37.10 -19.57
CA GLY G 25 -26.16 -37.41 -20.86
C GLY G 25 -25.56 -36.63 -22.02
N TYR G 26 -24.37 -37.04 -22.46
CA TYR G 26 -23.71 -36.35 -23.56
C TYR G 26 -24.44 -36.57 -24.88
N ASN G 27 -24.90 -37.80 -25.14
CA ASN G 27 -25.59 -38.08 -26.40
C ASN G 27 -26.93 -37.35 -26.48
N GLY G 28 -27.66 -37.29 -25.37
CA GLY G 28 -28.93 -36.57 -25.37
C GLY G 28 -28.76 -35.09 -25.63
N LEU G 29 -27.77 -34.47 -24.99
CA LEU G 29 -27.47 -33.06 -25.26
C LEU G 29 -27.00 -32.87 -26.69
N ALA G 30 -26.27 -33.85 -27.23
CA ALA G 30 -25.86 -33.80 -28.63
C ALA G 30 -27.07 -33.82 -29.55
N GLU G 31 -28.05 -34.66 -29.25
CA GLU G 31 -29.28 -34.69 -30.05
C GLU G 31 -30.05 -33.38 -29.94
N VAL G 32 -30.09 -32.81 -28.73
CA VAL G 32 -30.75 -31.52 -28.54
C VAL G 32 -30.07 -30.44 -29.36
N GLY G 33 -28.74 -30.42 -29.35
CA GLY G 33 -28.01 -29.44 -30.15
C GLY G 33 -28.18 -29.65 -31.64
N LYS G 34 -28.24 -30.91 -32.07
CA LYS G 34 -28.50 -31.21 -33.48
C LYS G 34 -29.90 -30.76 -33.89
N LYS G 35 -30.87 -30.85 -32.97
CA LYS G 35 -32.19 -30.28 -33.23
C LYS G 35 -32.12 -28.77 -33.39
N PHE G 36 -31.17 -28.12 -32.71
CA PHE G 36 -30.97 -26.69 -32.84
C PHE G 36 -30.19 -26.36 -34.11
N LYS G 43 -23.05 -24.59 -35.69
CA LYS G 43 -23.53 -25.87 -35.20
C LYS G 43 -23.12 -26.05 -33.74
N VAL G 44 -23.58 -27.13 -33.12
CA VAL G 44 -23.36 -27.40 -31.70
C VAL G 44 -22.40 -28.58 -31.58
N THR G 45 -21.28 -28.36 -30.90
CA THR G 45 -20.28 -29.39 -30.64
C THR G 45 -20.22 -29.65 -29.14
N VAL G 46 -20.23 -30.93 -28.77
CA VAL G 46 -20.22 -31.35 -27.37
C VAL G 46 -19.06 -32.30 -27.15
N GLU G 47 -18.40 -32.17 -26.00
CA GLU G 47 -17.31 -33.06 -25.60
C GLU G 47 -17.42 -33.32 -24.10
N HIS G 48 -16.85 -34.44 -23.68
CA HIS G 48 -16.80 -34.81 -22.26
C HIS G 48 -15.38 -35.21 -21.87
N PRO G 49 -14.46 -34.24 -21.80
CA PRO G 49 -13.10 -34.57 -21.37
C PRO G 49 -13.04 -34.88 -19.89
N ASP G 50 -12.11 -35.77 -19.53
CA ASP G 50 -11.86 -36.06 -18.12
C ASP G 50 -11.15 -34.88 -17.46
N LYS G 51 -11.34 -34.78 -16.13
CA LYS G 51 -10.70 -33.75 -15.30
C LYS G 51 -11.00 -32.33 -15.80
N LEU G 52 -12.17 -32.18 -16.44
CA LEU G 52 -12.51 -30.91 -17.08
C LEU G 52 -12.62 -29.76 -16.07
N GLU G 53 -13.03 -30.06 -14.83
CA GLU G 53 -13.27 -29.00 -13.86
C GLU G 53 -12.00 -28.27 -13.45
N GLU G 54 -10.83 -28.89 -13.62
CA GLU G 54 -9.56 -28.25 -13.30
C GLU G 54 -8.85 -27.68 -14.52
N LYS G 55 -9.04 -28.26 -15.71
CA LYS G 55 -8.43 -27.66 -16.89
C LYS G 55 -9.23 -26.46 -17.39
N PHE G 56 -10.53 -26.38 -17.07
CA PHE G 56 -11.32 -25.22 -17.49
C PHE G 56 -10.77 -23.89 -16.98
N PRO G 57 -10.43 -23.71 -15.71
CA PRO G 57 -9.87 -22.40 -15.30
C PRO G 57 -8.55 -22.05 -15.97
N GLN G 58 -7.70 -23.02 -16.26
CA GLN G 58 -6.41 -22.71 -16.87
C GLN G 58 -6.47 -22.57 -18.38
N VAL G 59 -7.38 -23.29 -19.04
CA VAL G 59 -7.57 -23.11 -20.48
C VAL G 59 -8.10 -21.72 -20.79
N ALA G 60 -9.10 -21.28 -20.03
CA ALA G 60 -9.69 -19.96 -20.23
C ALA G 60 -8.86 -18.88 -19.54
N PRO G 66 -14.11 -23.92 -24.06
CA PRO G 66 -15.52 -24.19 -24.38
C PRO G 66 -16.41 -22.95 -24.17
N ASP G 67 -17.46 -22.83 -24.97
CA ASP G 67 -18.35 -21.68 -24.84
C ASP G 67 -19.21 -21.79 -23.58
N ILE G 68 -19.78 -22.97 -23.32
CA ILE G 68 -20.59 -23.20 -22.14
C ILE G 68 -20.17 -24.53 -21.52
N ILE G 69 -20.19 -24.59 -20.19
CA ILE G 69 -19.77 -25.75 -19.43
C ILE G 69 -20.87 -26.12 -18.44
N PHE G 70 -21.20 -27.41 -18.39
CA PHE G 70 -22.19 -27.93 -17.44
C PHE G 70 -21.45 -28.49 -16.24
N TRP G 71 -21.74 -27.97 -15.06
CA TRP G 71 -21.05 -28.42 -13.85
C TRP G 71 -21.85 -28.01 -12.62
N ALA G 72 -21.39 -28.46 -11.47
CA ALA G 72 -22.03 -28.09 -10.21
C ALA G 72 -21.74 -26.62 -9.87
N HIS G 73 -22.57 -26.07 -8.99
CA HIS G 73 -22.51 -24.65 -8.66
C HIS G 73 -21.33 -24.29 -7.76
N ASP G 74 -20.62 -25.27 -7.21
CA ASP G 74 -19.53 -24.98 -6.28
C ASP G 74 -18.38 -24.27 -6.97
N ARG G 75 -17.99 -24.74 -8.16
CA ARG G 75 -16.86 -24.15 -8.87
C ARG G 75 -17.21 -22.82 -9.53
N PHE G 76 -18.50 -22.58 -9.80
CA PHE G 76 -18.87 -21.37 -10.52
C PHE G 76 -18.62 -20.11 -9.69
N GLY G 77 -18.62 -20.23 -8.36
CA GLY G 77 -18.24 -19.09 -7.53
C GLY G 77 -16.80 -18.67 -7.77
N GLY G 78 -15.89 -19.65 -7.78
CA GLY G 78 -14.50 -19.34 -8.10
C GLY G 78 -14.32 -18.88 -9.53
N TYR G 79 -15.11 -19.45 -10.45
CA TYR G 79 -15.04 -19.01 -11.84
C TYR G 79 -15.47 -17.56 -11.99
N ALA G 80 -16.54 -17.16 -11.31
CA ALA G 80 -16.99 -15.77 -11.34
C ALA G 80 -16.00 -14.84 -10.65
N GLN G 81 -15.41 -15.30 -9.54
CA GLN G 81 -14.40 -14.50 -8.86
C GLN G 81 -13.20 -14.26 -9.75
N SER G 82 -12.77 -15.28 -10.49
CA SER G 82 -11.67 -15.14 -11.44
C SER G 82 -12.10 -14.49 -12.75
N GLY G 83 -13.40 -14.26 -12.94
CA GLY G 83 -13.89 -13.64 -14.16
C GLY G 83 -14.01 -14.58 -15.34
N LEU G 84 -13.86 -15.89 -15.13
CA LEU G 84 -13.92 -16.83 -16.23
C LEU G 84 -15.34 -17.03 -16.75
N LEU G 85 -16.36 -16.70 -15.97
CA LEU G 85 -17.74 -16.88 -16.35
C LEU G 85 -18.43 -15.53 -16.47
N ALA G 86 -19.19 -15.34 -17.55
CA ALA G 86 -19.89 -14.09 -17.78
C ALA G 86 -21.23 -14.08 -17.07
N GLU G 87 -21.57 -12.95 -16.47
CA GLU G 87 -22.85 -12.80 -15.80
C GLU G 87 -23.99 -12.82 -16.81
N ILE G 88 -25.06 -13.52 -16.48
CA ILE G 88 -26.19 -13.72 -17.39
C ILE G 88 -27.32 -12.77 -17.01
N THR G 89 -27.89 -12.11 -18.02
CA THR G 89 -29.04 -11.27 -17.80
C THR G 89 -30.31 -12.12 -17.80
N PRO G 90 -31.04 -12.21 -16.69
CA PRO G 90 -32.20 -13.10 -16.64
C PRO G 90 -33.49 -12.45 -17.08
N ASP G 91 -34.58 -13.21 -17.06
CA ASP G 91 -35.93 -12.71 -17.32
C ASP G 91 -36.83 -13.15 -16.17
N LYS G 92 -37.71 -12.24 -15.74
CA LYS G 92 -38.52 -12.49 -14.55
C LYS G 92 -39.43 -13.70 -14.74
N ALA G 93 -40.03 -13.84 -15.94
CA ALA G 93 -40.80 -15.04 -16.23
C ALA G 93 -39.94 -16.29 -16.16
N PHE G 94 -38.71 -16.21 -16.68
CA PHE G 94 -37.78 -17.33 -16.56
C PHE G 94 -37.39 -17.60 -15.12
N GLN G 95 -37.33 -16.55 -14.29
CA GLN G 95 -37.14 -16.77 -12.86
C GLN G 95 -38.30 -17.55 -12.26
N ASP G 96 -39.53 -17.23 -12.67
CA ASP G 96 -40.70 -17.94 -12.18
C ASP G 96 -40.85 -19.33 -12.80
N LYS G 97 -40.15 -19.63 -13.90
CA LYS G 97 -40.26 -20.93 -14.52
C LYS G 97 -39.65 -22.04 -13.68
N LEU G 98 -38.63 -21.73 -12.90
CA LEU G 98 -37.89 -22.74 -12.15
C LEU G 98 -38.06 -22.53 -10.65
N TYR G 99 -37.57 -23.49 -9.89
CA TYR G 99 -37.67 -23.44 -8.43
C TYR G 99 -36.82 -22.29 -7.88
N PRO G 100 -37.25 -21.67 -6.78
CA PRO G 100 -36.49 -20.51 -6.27
C PRO G 100 -35.17 -20.87 -5.62
N PHE G 101 -35.14 -21.96 -4.84
CA PHE G 101 -33.90 -22.32 -4.12
C PHE G 101 -32.78 -22.66 -5.09
N THR G 102 -33.12 -23.15 -6.29
CA THR G 102 -32.11 -23.32 -7.34
C THR G 102 -31.52 -21.98 -7.74
N TRP G 103 -32.34 -20.95 -7.85
CA TRP G 103 -31.85 -19.62 -8.20
C TRP G 103 -31.00 -19.04 -7.08
N ASP G 104 -31.41 -19.23 -5.82
CA ASP G 104 -30.60 -18.71 -4.71
C ASP G 104 -29.28 -19.47 -4.58
N ALA G 105 -29.28 -20.76 -4.88
CA ALA G 105 -28.06 -21.56 -4.77
C ALA G 105 -27.05 -21.18 -5.85
N VAL G 106 -27.51 -20.69 -7.00
CA VAL G 106 -26.63 -20.39 -8.12
C VAL G 106 -26.24 -18.92 -8.06
N ARG G 107 -26.68 -18.22 -7.01
CA ARG G 107 -26.39 -16.80 -6.84
C ARG G 107 -25.13 -16.64 -6.00
N TYR G 108 -24.17 -15.88 -6.54
CA TYR G 108 -22.94 -15.53 -5.84
C TYR G 108 -22.82 -14.01 -5.83
N ASN G 109 -22.73 -13.43 -4.63
CA ASN G 109 -22.63 -11.99 -4.43
C ASN G 109 -23.83 -11.25 -5.03
N GLY G 110 -25.01 -11.88 -4.98
CA GLY G 110 -26.24 -11.24 -5.40
C GLY G 110 -26.51 -11.24 -6.90
N LYS G 111 -25.67 -11.88 -7.70
CA LYS G 111 -25.85 -11.93 -9.14
C LYS G 111 -25.91 -13.36 -9.63
N LEU G 112 -26.60 -13.56 -10.76
CA LEU G 112 -26.76 -14.87 -11.36
C LEU G 112 -25.67 -15.10 -12.40
N ILE G 113 -25.01 -16.24 -12.32
CA ILE G 113 -23.93 -16.57 -13.24
C ILE G 113 -24.26 -17.77 -14.12
N ALA G 114 -25.09 -18.70 -13.66
CA ALA G 114 -25.40 -19.90 -14.40
C ALA G 114 -26.90 -20.16 -14.35
N TYR G 115 -27.38 -20.94 -15.31
CA TYR G 115 -28.79 -21.29 -15.40
C TYR G 115 -29.01 -22.65 -14.77
N PRO G 116 -29.73 -22.74 -13.65
CA PRO G 116 -29.95 -24.05 -13.01
C PRO G 116 -30.65 -25.02 -13.94
N ILE G 117 -30.18 -26.27 -13.94
CA ILE G 117 -30.72 -27.30 -14.81
C ILE G 117 -31.28 -28.44 -13.97
N ALA G 118 -30.43 -29.07 -13.18
CA ALA G 118 -30.85 -30.24 -12.41
C ALA G 118 -30.33 -30.15 -10.98
N VAL G 119 -31.01 -30.83 -10.08
CA VAL G 119 -30.60 -30.96 -8.68
C VAL G 119 -30.29 -32.44 -8.43
N GLU G 120 -29.05 -32.72 -8.05
CA GLU G 120 -28.59 -34.09 -7.84
C GLU G 120 -28.21 -34.29 -6.38
N ALA G 121 -28.69 -35.39 -5.80
CA ALA G 121 -28.33 -35.79 -4.45
C ALA G 121 -28.05 -37.29 -4.46
N LEU G 122 -27.10 -37.71 -3.62
CA LEU G 122 -26.70 -39.10 -3.59
C LEU G 122 -27.80 -39.97 -2.97
N SER G 123 -27.83 -41.24 -3.37
CA SER G 123 -28.84 -42.16 -2.88
C SER G 123 -28.25 -43.57 -2.83
N LEU G 124 -28.85 -44.39 -1.97
CA LEU G 124 -28.41 -45.77 -1.78
C LEU G 124 -29.20 -46.67 -2.74
N ILE G 125 -28.48 -47.39 -3.59
CA ILE G 125 -29.09 -48.31 -4.55
C ILE G 125 -28.74 -49.73 -4.13
N TYR G 126 -29.76 -50.57 -3.99
CA TYR G 126 -29.61 -51.93 -3.51
C TYR G 126 -30.24 -52.90 -4.50
N ASN G 127 -29.74 -54.13 -4.50
CA ASN G 127 -30.29 -55.21 -5.29
C ASN G 127 -31.31 -55.96 -4.44
N LYS G 128 -32.56 -56.03 -4.93
CA LYS G 128 -33.64 -56.59 -4.13
C LYS G 128 -33.46 -58.08 -3.85
N ASP G 129 -32.96 -58.83 -4.84
CA ASP G 129 -32.72 -60.26 -4.62
C ASP G 129 -31.63 -60.48 -3.59
N LEU G 130 -30.58 -59.65 -3.62
CA LEU G 130 -29.50 -59.78 -2.65
C LEU G 130 -29.98 -59.50 -1.23
N LEU G 131 -30.79 -58.46 -1.06
CA LEU G 131 -31.32 -58.11 0.25
C LEU G 131 -32.73 -57.56 0.09
N PRO G 132 -33.69 -58.05 0.89
CA PRO G 132 -35.06 -57.52 0.77
C PRO G 132 -35.18 -56.05 1.13
N ASN G 133 -34.60 -55.64 2.26
CA ASN G 133 -34.71 -54.28 2.74
C ASN G 133 -33.32 -53.70 3.00
N PRO G 134 -33.08 -52.44 2.66
CA PRO G 134 -31.78 -51.84 2.95
C PRO G 134 -31.58 -51.70 4.45
N PRO G 135 -30.35 -51.82 4.92
CA PRO G 135 -30.10 -51.60 6.36
C PRO G 135 -30.32 -50.15 6.74
N LYS G 136 -30.93 -49.94 7.90
CA LYS G 136 -31.19 -48.59 8.38
C LYS G 136 -29.93 -47.92 8.90
N THR G 137 -28.95 -48.71 9.35
CA THR G 137 -27.75 -48.18 9.99
C THR G 137 -26.51 -48.68 9.25
N TRP G 138 -25.46 -47.85 9.28
CA TRP G 138 -24.18 -48.26 8.69
C TRP G 138 -23.53 -49.39 9.47
N GLU G 139 -23.74 -49.45 10.79
CA GLU G 139 -23.09 -50.47 11.60
C GLU G 139 -23.59 -51.87 11.28
N GLU G 140 -24.80 -51.99 10.74
CA GLU G 140 -25.33 -53.29 10.33
C GLU G 140 -24.71 -53.77 9.04
N ILE G 141 -24.17 -52.85 8.23
CA ILE G 141 -23.58 -53.24 6.94
C ILE G 141 -22.43 -54.23 7.08
N PRO G 142 -21.50 -54.10 8.05
CA PRO G 142 -20.49 -55.17 8.21
C PRO G 142 -21.08 -56.55 8.42
N ALA G 143 -22.16 -56.67 9.19
CA ALA G 143 -22.79 -57.98 9.37
C ALA G 143 -23.33 -58.54 8.07
N LEU G 144 -24.01 -57.68 7.29
CA LEU G 144 -24.54 -58.13 5.99
C LEU G 144 -23.42 -58.54 5.05
N ASP G 145 -22.33 -57.75 5.02
CA ASP G 145 -21.21 -58.08 4.14
C ASP G 145 -20.54 -59.39 4.56
N LYS G 146 -20.36 -59.59 5.87
CA LYS G 146 -19.78 -60.84 6.37
C LYS G 146 -20.68 -62.02 6.02
N GLU G 147 -22.00 -61.83 6.10
CA GLU G 147 -22.92 -62.87 5.66
C GLU G 147 -22.77 -63.14 4.17
N LEU G 148 -22.56 -62.09 3.37
CA LEU G 148 -22.39 -62.27 1.93
C LEU G 148 -21.15 -63.10 1.61
N LYS G 149 -20.04 -62.83 2.29
CA LYS G 149 -18.81 -63.59 2.07
C LYS G 149 -18.93 -65.00 2.62
N LEU G 156 -21.75 -54.18 0.03
CA LEU G 156 -21.68 -52.77 -0.30
C LEU G 156 -20.27 -52.35 -0.65
N MET G 157 -20.12 -51.66 -1.78
CA MET G 157 -18.85 -51.07 -2.19
C MET G 157 -19.14 -49.99 -3.23
N PHE G 158 -18.35 -48.92 -3.21
CA PHE G 158 -18.63 -47.75 -4.04
C PHE G 158 -17.32 -47.01 -4.29
N ASN G 159 -17.44 -45.83 -4.90
CA ASN G 159 -16.26 -45.05 -5.27
C ASN G 159 -15.59 -44.48 -4.04
N LEU G 160 -14.26 -44.59 -3.99
CA LEU G 160 -13.47 -44.08 -2.87
C LEU G 160 -12.53 -42.96 -3.26
N GLN G 161 -12.14 -42.86 -4.53
CA GLN G 161 -11.20 -41.82 -4.95
C GLN G 161 -11.80 -40.43 -4.78
N GLU G 162 -13.08 -40.28 -5.09
CA GLU G 162 -13.70 -38.96 -5.05
C GLU G 162 -14.22 -38.65 -3.65
N PRO G 163 -13.87 -37.50 -3.09
CA PRO G 163 -14.40 -37.13 -1.77
C PRO G 163 -15.92 -36.98 -1.74
N TYR G 164 -16.52 -36.64 -2.88
CA TYR G 164 -17.97 -36.53 -3.05
C TYR G 164 -18.75 -37.67 -2.42
N PHE G 165 -18.34 -38.92 -2.69
CA PHE G 165 -19.07 -40.07 -2.16
C PHE G 165 -18.71 -40.36 -0.70
N THR G 166 -17.47 -40.04 -0.29
CA THR G 166 -17.05 -40.32 1.07
C THR G 166 -17.65 -39.33 2.07
N TRP G 167 -17.93 -38.11 1.62
CA TRP G 167 -18.34 -37.03 2.52
C TRP G 167 -19.61 -37.30 3.33
N PRO G 168 -20.67 -37.96 2.81
CA PRO G 168 -21.85 -38.20 3.68
C PRO G 168 -21.54 -38.92 4.98
N LEU G 169 -20.66 -39.92 4.97
CA LEU G 169 -20.29 -40.58 6.22
C LEU G 169 -19.59 -39.63 7.18
N ILE G 170 -18.71 -38.77 6.64
CA ILE G 170 -18.00 -37.80 7.48
C ILE G 170 -18.98 -36.81 8.10
N ALA G 171 -19.93 -36.31 7.29
CA ALA G 171 -20.83 -35.25 7.72
C ALA G 171 -22.06 -35.77 8.47
N ALA G 172 -22.27 -37.08 8.51
CA ALA G 172 -23.41 -37.61 9.26
C ALA G 172 -23.28 -37.32 10.75
N ASP G 173 -22.06 -37.39 11.29
CA ASP G 173 -21.82 -37.25 12.71
C ASP G 173 -21.50 -35.81 13.12
N GLY G 174 -21.96 -34.83 12.35
CA GLY G 174 -21.77 -33.43 12.69
C GLY G 174 -20.70 -32.71 11.90
N GLY G 175 -19.93 -33.42 11.07
CA GLY G 175 -18.93 -32.76 10.26
C GLY G 175 -19.56 -31.83 9.23
N TYR G 176 -18.84 -30.74 8.93
CA TYR G 176 -19.33 -29.74 8.01
C TYR G 176 -18.16 -29.10 7.28
N ALA G 177 -18.45 -28.58 6.08
CA ALA G 177 -17.42 -27.89 5.30
C ALA G 177 -17.13 -26.51 5.89
N PHE G 178 -18.18 -25.75 6.19
CA PHE G 178 -18.04 -24.40 6.71
C PHE G 178 -19.23 -24.09 7.59
N LYS G 179 -19.01 -23.25 8.61
CA LYS G 179 -20.07 -22.87 9.53
C LYS G 179 -21.07 -21.97 8.83
N TYR G 180 -22.30 -22.45 8.67
CA TYR G 180 -23.38 -21.66 8.07
C TYR G 180 -24.17 -21.02 9.20
N GLU G 181 -23.93 -19.73 9.42
CA GLU G 181 -24.57 -19.01 10.51
C GLU G 181 -25.28 -17.78 9.95
N ASN G 182 -26.56 -17.65 10.29
CA ASN G 182 -27.40 -16.50 9.99
C ASN G 182 -27.45 -16.21 8.48
N GLY G 183 -27.17 -17.21 7.65
CA GLY G 183 -27.23 -17.08 6.21
C GLY G 183 -25.92 -16.74 5.53
N LYS G 184 -24.82 -16.57 6.27
CA LYS G 184 -23.50 -16.47 5.66
C LYS G 184 -22.60 -17.59 6.16
N TYR G 185 -21.58 -17.89 5.35
CA TYR G 185 -20.61 -18.93 5.64
C TYR G 185 -19.37 -18.32 6.27
N ASP G 186 -18.85 -18.99 7.29
CA ASP G 186 -17.64 -18.56 8.00
C ASP G 186 -16.44 -19.27 7.39
N ILE G 187 -15.60 -18.53 6.67
CA ILE G 187 -14.37 -19.10 6.11
C ILE G 187 -13.39 -19.45 7.22
N LYS G 188 -13.32 -18.63 8.27
CA LYS G 188 -12.36 -18.85 9.35
C LYS G 188 -12.62 -20.14 10.12
N ASP G 189 -13.82 -20.70 10.05
CA ASP G 189 -14.18 -21.90 10.77
C ASP G 189 -14.27 -23.07 9.80
N VAL G 190 -13.60 -24.17 10.15
CA VAL G 190 -13.61 -25.40 9.36
C VAL G 190 -13.94 -26.55 10.29
N GLY G 191 -14.90 -27.39 9.89
CA GLY G 191 -15.37 -28.49 10.70
C GLY G 191 -14.86 -29.87 10.35
N VAL G 192 -13.79 -29.97 9.55
CA VAL G 192 -13.26 -31.28 9.18
C VAL G 192 -12.49 -31.94 10.32
N ASP G 193 -12.21 -31.23 11.41
CA ASP G 193 -11.49 -31.77 12.54
C ASP G 193 -12.38 -32.10 13.72
N ASN G 194 -13.70 -32.03 13.56
CA ASN G 194 -14.61 -32.35 14.65
C ASN G 194 -14.53 -33.84 14.99
N ALA G 195 -14.87 -34.16 16.24
CA ALA G 195 -14.83 -35.54 16.69
C ALA G 195 -15.78 -36.42 15.90
N GLY G 196 -16.89 -35.87 15.41
CA GLY G 196 -17.79 -36.65 14.58
C GLY G 196 -17.18 -37.05 13.25
N ALA G 197 -16.46 -36.12 12.61
CA ALA G 197 -15.76 -36.44 11.37
C ALA G 197 -14.69 -37.49 11.61
N LYS G 198 -13.97 -37.38 12.74
CA LYS G 198 -12.99 -38.38 13.09
C LYS G 198 -13.64 -39.75 13.28
N ALA G 199 -14.79 -39.79 13.96
CA ALA G 199 -15.49 -41.05 14.17
C ALA G 199 -15.94 -41.67 12.85
N GLY G 200 -16.47 -40.84 11.95
CA GLY G 200 -16.90 -41.36 10.65
C GLY G 200 -15.75 -41.89 9.82
N LEU G 201 -14.63 -41.15 9.79
CA LEU G 201 -13.48 -41.61 9.02
C LEU G 201 -12.86 -42.86 9.63
N THR G 202 -12.82 -42.95 10.97
CA THR G 202 -12.34 -44.18 11.61
C THR G 202 -13.25 -45.35 11.31
N PHE G 203 -14.57 -45.13 11.28
CA PHE G 203 -15.49 -46.19 10.89
C PHE G 203 -15.23 -46.65 9.45
N LEU G 204 -15.01 -45.70 8.54
CA LEU G 204 -14.75 -46.06 7.15
C LEU G 204 -13.45 -46.83 7.01
N VAL G 205 -12.39 -46.37 7.68
CA VAL G 205 -11.11 -47.07 7.57
C VAL G 205 -11.16 -48.41 8.30
N ASP G 206 -12.03 -48.55 9.30
CA ASP G 206 -12.24 -49.86 9.91
C ASP G 206 -12.92 -50.81 8.94
N LEU G 207 -13.89 -50.32 8.17
CA LEU G 207 -14.48 -51.13 7.11
C LEU G 207 -13.43 -51.50 6.07
N ILE G 208 -12.50 -50.59 5.79
CA ILE G 208 -11.41 -50.89 4.86
C ILE G 208 -10.53 -52.01 5.41
N LYS G 209 -10.16 -51.92 6.69
CA LYS G 209 -9.19 -52.84 7.26
C LYS G 209 -9.74 -54.26 7.35
N ASN G 210 -11.04 -54.40 7.61
CA ASN G 210 -11.66 -55.71 7.77
C ASN G 210 -11.93 -56.41 6.44
N LYS G 211 -11.34 -55.93 5.35
CA LYS G 211 -11.52 -56.44 4.00
C LYS G 211 -12.95 -56.33 3.50
N HIS G 212 -13.81 -55.60 4.21
CA HIS G 212 -15.17 -55.39 3.74
C HIS G 212 -15.22 -54.42 2.57
N MET G 213 -14.29 -53.46 2.52
CA MET G 213 -14.27 -52.45 1.48
C MET G 213 -12.87 -52.33 0.92
N ASN G 214 -12.75 -52.42 -0.41
CA ASN G 214 -11.46 -52.26 -1.06
C ASN G 214 -11.07 -50.78 -1.10
N ALA G 215 -9.84 -50.47 -0.68
CA ALA G 215 -9.38 -49.09 -0.67
C ALA G 215 -9.03 -48.57 -2.06
N ASP G 216 -8.77 -49.46 -3.02
CA ASP G 216 -8.30 -49.06 -4.34
C ASP G 216 -9.42 -48.99 -5.37
N THR G 217 -10.66 -49.28 -4.99
CA THR G 217 -11.75 -49.27 -5.95
C THR G 217 -12.15 -47.86 -6.34
N ASP G 218 -12.73 -47.72 -7.53
CA ASP G 218 -13.18 -46.43 -8.02
C ASP G 218 -14.60 -46.53 -8.60
N TYR G 219 -15.04 -45.46 -9.29
CA TYR G 219 -16.40 -45.41 -9.80
C TYR G 219 -16.66 -46.48 -10.85
N SER G 220 -15.71 -46.68 -11.77
CA SER G 220 -15.90 -47.66 -12.84
C SER G 220 -16.00 -49.08 -12.29
N ILE G 221 -15.14 -49.41 -11.33
CA ILE G 221 -15.17 -50.74 -10.73
C ILE G 221 -16.47 -50.94 -9.96
N ALA G 222 -16.93 -49.89 -9.27
CA ALA G 222 -18.20 -49.99 -8.54
C ALA G 222 -19.36 -50.22 -9.49
N GLU G 223 -19.40 -49.49 -10.61
CA GLU G 223 -20.46 -49.69 -11.60
C GLU G 223 -20.42 -51.09 -12.20
N ALA G 224 -19.22 -51.57 -12.52
CA ALA G 224 -19.08 -52.92 -13.07
C ALA G 224 -19.53 -53.98 -12.08
N ALA G 225 -19.16 -53.82 -10.80
CA ALA G 225 -19.54 -54.78 -9.78
C ALA G 225 -21.05 -54.78 -9.56
N PHE G 226 -21.68 -53.60 -9.53
CA PHE G 226 -23.11 -53.54 -9.28
C PHE G 226 -23.92 -54.04 -10.48
N ASN G 227 -23.43 -53.79 -11.70
CA ASN G 227 -24.11 -54.31 -12.87
C ASN G 227 -24.02 -55.83 -12.95
N LYS G 228 -22.91 -56.41 -12.48
CA LYS G 228 -22.76 -57.86 -12.43
C LYS G 228 -23.44 -58.48 -11.23
N GLY G 229 -23.93 -57.68 -10.28
CA GLY G 229 -24.55 -58.21 -9.09
C GLY G 229 -23.60 -58.70 -8.04
N GLU G 230 -22.30 -58.42 -8.17
CA GLU G 230 -21.33 -58.87 -7.17
C GLU G 230 -21.56 -58.19 -5.83
N THR G 231 -21.88 -56.91 -5.83
CA THR G 231 -22.12 -56.15 -4.61
C THR G 231 -23.62 -55.93 -4.41
N ALA G 232 -24.06 -56.05 -3.15
CA ALA G 232 -25.48 -55.91 -2.83
C ALA G 232 -25.92 -54.46 -2.71
N MET G 233 -25.00 -53.52 -2.56
CA MET G 233 -25.35 -52.13 -2.30
C MET G 233 -24.32 -51.20 -2.95
N THR G 234 -24.76 -49.98 -3.20
CA THR G 234 -23.86 -48.94 -3.70
C THR G 234 -24.45 -47.58 -3.37
N ILE G 235 -23.58 -46.57 -3.39
CA ILE G 235 -23.98 -45.17 -3.21
C ILE G 235 -23.75 -44.48 -4.55
N ASN G 236 -24.80 -43.86 -5.09
CA ASN G 236 -24.67 -43.23 -6.41
C ASN G 236 -25.81 -42.25 -6.61
N GLY G 237 -25.64 -41.41 -7.62
CA GLY G 237 -26.65 -40.44 -8.01
C GLY G 237 -27.59 -40.96 -9.07
N PRO G 238 -28.46 -40.08 -9.58
CA PRO G 238 -29.42 -40.51 -10.61
C PRO G 238 -28.78 -41.00 -11.90
N TRP G 239 -27.63 -40.44 -12.29
CA TRP G 239 -27.07 -40.70 -13.61
C TRP G 239 -26.72 -42.18 -13.80
N ALA G 240 -26.43 -42.90 -12.71
CA ALA G 240 -26.10 -44.31 -12.81
C ALA G 240 -27.29 -45.16 -13.21
N TRP G 241 -28.52 -44.67 -12.99
CA TRP G 241 -29.72 -45.50 -13.17
C TRP G 241 -29.80 -46.08 -14.57
N SER G 242 -29.63 -45.23 -15.59
CA SER G 242 -29.65 -45.70 -16.98
C SER G 242 -28.63 -46.82 -17.17
N ASN G 243 -27.43 -46.65 -16.62
CA ASN G 243 -26.43 -47.70 -16.69
C ASN G 243 -26.94 -48.99 -16.06
N ILE G 244 -27.51 -48.89 -14.86
CA ILE G 244 -28.07 -50.09 -14.24
C ILE G 244 -29.34 -50.50 -14.97
N ASP G 245 -30.00 -49.57 -15.67
CA ASP G 245 -31.10 -49.96 -16.54
C ASP G 245 -30.61 -50.84 -17.68
N THR G 246 -29.36 -50.68 -18.09
CA THR G 246 -28.78 -51.57 -19.09
C THR G 246 -28.37 -52.92 -18.51
N SER G 247 -28.44 -53.09 -17.18
CA SER G 247 -28.10 -54.36 -16.55
C SER G 247 -29.29 -55.30 -16.42
N LYS G 248 -30.52 -54.82 -16.68
CA LYS G 248 -31.74 -55.62 -16.62
C LYS G 248 -31.97 -56.29 -15.27
N VAL G 249 -31.34 -55.80 -14.20
CA VAL G 249 -31.52 -56.35 -12.87
C VAL G 249 -32.28 -55.34 -12.03
N ASN G 250 -33.22 -55.84 -11.21
CA ASN G 250 -34.04 -54.96 -10.38
C ASN G 250 -33.16 -54.20 -9.39
N TYR G 251 -33.46 -52.93 -9.21
CA TYR G 251 -32.68 -52.05 -8.34
C TYR G 251 -33.62 -51.12 -7.60
N GLY G 252 -33.36 -50.93 -6.31
CA GLY G 252 -34.16 -50.03 -5.51
C GLY G 252 -33.33 -48.93 -4.86
N VAL G 253 -33.80 -47.68 -4.95
CA VAL G 253 -33.06 -46.56 -4.39
C VAL G 253 -33.79 -46.06 -3.15
N THR G 254 -33.02 -45.51 -2.22
CA THR G 254 -33.57 -45.01 -0.97
C THR G 254 -32.57 -44.07 -0.32
N VAL G 255 -32.91 -43.60 0.88
CA VAL G 255 -32.04 -42.73 1.66
C VAL G 255 -30.87 -43.53 2.20
N LEU G 256 -29.70 -42.88 2.27
CA LEU G 256 -28.52 -43.52 2.83
C LEU G 256 -28.76 -43.86 4.31
N PRO G 257 -28.16 -44.95 4.79
CA PRO G 257 -28.42 -45.37 6.18
C PRO G 257 -27.85 -44.39 7.19
N THR G 258 -28.40 -44.45 8.39
CA THR G 258 -27.97 -43.59 9.49
C THR G 258 -26.64 -44.08 10.07
N PHE G 259 -25.93 -43.15 10.71
CA PHE G 259 -24.66 -43.44 11.36
C PHE G 259 -24.76 -43.03 12.82
N LYS G 260 -24.64 -44.01 13.72
CA LYS G 260 -24.71 -43.80 15.16
C LYS G 260 -26.00 -43.08 15.56
N GLY G 261 -27.10 -43.46 14.91
CA GLY G 261 -28.39 -42.85 15.16
C GLY G 261 -28.60 -41.51 14.50
N GLN G 262 -27.63 -41.02 13.74
CA GLN G 262 -27.73 -39.74 13.05
C GLN G 262 -27.88 -39.98 11.55
N PRO G 263 -28.92 -39.43 10.92
CA PRO G 263 -29.07 -39.61 9.48
C PRO G 263 -27.94 -38.96 8.70
N SER G 264 -27.53 -39.60 7.62
CA SER G 264 -26.47 -39.07 6.78
C SER G 264 -26.93 -37.81 6.06
N LYS G 265 -25.97 -36.90 5.83
CA LYS G 265 -26.24 -35.60 5.23
C LYS G 265 -25.34 -35.41 4.02
N PRO G 266 -25.64 -36.05 2.90
CA PRO G 266 -24.84 -35.83 1.68
C PRO G 266 -24.99 -34.41 1.17
N PHE G 267 -23.92 -33.91 0.56
CA PHE G 267 -23.98 -32.61 -0.09
C PHE G 267 -24.95 -32.64 -1.27
N VAL G 268 -25.72 -31.57 -1.42
CA VAL G 268 -26.73 -31.48 -2.46
C VAL G 268 -26.17 -30.58 -3.57
N GLY G 269 -26.02 -31.15 -4.76
CA GLY G 269 -25.42 -30.45 -5.87
C GLY G 269 -26.45 -29.95 -6.85
N VAL G 270 -26.10 -28.86 -7.55
CA VAL G 270 -26.96 -28.28 -8.58
C VAL G 270 -26.15 -28.23 -9.87
N LEU G 271 -26.51 -29.07 -10.83
CA LEU G 271 -25.89 -29.06 -12.13
C LEU G 271 -26.50 -27.94 -12.96
N SER G 272 -25.66 -27.00 -13.40
CA SER G 272 -26.09 -25.83 -14.14
C SER G 272 -25.05 -25.50 -15.20
N ALA G 273 -25.42 -24.62 -16.12
CA ALA G 273 -24.63 -24.28 -17.28
C ALA G 273 -24.08 -22.87 -17.16
N GLY G 274 -22.76 -22.74 -17.29
CA GLY G 274 -22.09 -21.45 -17.23
C GLY G 274 -21.52 -21.08 -18.59
N ILE G 275 -21.53 -19.79 -18.89
CA ILE G 275 -21.13 -19.26 -20.20
C ILE G 275 -19.75 -18.64 -20.09
N ASN G 276 -18.87 -19.00 -21.03
CA ASN G 276 -17.54 -18.41 -21.07
C ASN G 276 -17.63 -16.91 -21.34
N ALA G 277 -16.82 -16.13 -20.63
CA ALA G 277 -16.80 -14.69 -20.83
C ALA G 277 -16.11 -14.32 -22.13
N ALA G 278 -15.21 -15.15 -22.63
CA ALA G 278 -14.47 -14.90 -23.86
C ALA G 278 -15.09 -15.60 -25.07
N SER G 279 -16.27 -16.19 -24.92
CA SER G 279 -16.90 -16.89 -26.03
C SER G 279 -17.40 -15.90 -27.07
N PRO G 280 -17.03 -16.07 -28.34
CA PRO G 280 -17.54 -15.16 -29.38
C PRO G 280 -19.00 -15.40 -29.73
N ASN G 281 -19.61 -16.48 -29.23
CA ASN G 281 -21.01 -16.77 -29.50
C ASN G 281 -21.80 -16.69 -28.20
N LYS G 282 -21.56 -15.64 -27.42
CA LYS G 282 -22.19 -15.51 -26.10
C LYS G 282 -23.70 -15.43 -26.21
N GLU G 283 -24.22 -14.58 -27.10
CA GLU G 283 -25.66 -14.45 -27.23
C GLU G 283 -26.29 -15.69 -27.85
N LEU G 284 -25.60 -16.33 -28.80
CA LEU G 284 -26.10 -17.58 -29.38
C LEU G 284 -26.21 -18.65 -28.31
N ALA G 285 -25.19 -18.78 -27.46
CA ALA G 285 -25.22 -19.74 -26.37
C ALA G 285 -26.32 -19.40 -25.37
N LYS G 286 -26.51 -18.11 -25.09
CA LYS G 286 -27.57 -17.70 -24.16
C LYS G 286 -28.95 -18.05 -24.70
N GLU G 287 -29.18 -17.82 -26.00
CA GLU G 287 -30.46 -18.19 -26.59
C GLU G 287 -30.63 -19.70 -26.62
N PHE G 288 -29.56 -20.45 -26.89
CA PHE G 288 -29.62 -21.91 -26.82
C PHE G 288 -30.04 -22.36 -25.43
N LEU G 289 -29.43 -21.77 -24.39
CA LEU G 289 -29.76 -22.13 -23.02
C LEU G 289 -31.21 -21.79 -22.69
N GLU G 290 -31.66 -20.61 -23.10
CA GLU G 290 -32.99 -20.15 -22.69
C GLU G 290 -34.12 -20.86 -23.43
N ASN G 291 -33.98 -21.04 -24.75
CA ASN G 291 -35.12 -21.40 -25.57
C ASN G 291 -35.15 -22.86 -26.02
N TYR G 292 -34.03 -23.59 -25.95
CA TYR G 292 -34.00 -24.94 -26.49
C TYR G 292 -33.78 -26.01 -25.43
N LEU G 293 -32.71 -25.93 -24.65
CA LEU G 293 -32.41 -27.02 -23.72
C LEU G 293 -33.14 -26.89 -22.39
N LEU G 294 -33.50 -25.67 -21.99
CA LEU G 294 -34.31 -25.47 -20.78
C LEU G 294 -35.79 -25.45 -21.14
N THR G 295 -36.21 -26.47 -21.89
CA THR G 295 -37.60 -26.67 -22.28
C THR G 295 -37.90 -28.16 -22.13
N ASP G 296 -39.20 -28.49 -22.16
CA ASP G 296 -39.64 -29.82 -21.77
C ASP G 296 -39.01 -30.91 -22.64
N GLU G 297 -38.97 -30.70 -23.96
CA GLU G 297 -38.44 -31.74 -24.84
C GLU G 297 -36.94 -31.94 -24.64
N GLY G 298 -36.19 -30.87 -24.39
CA GLY G 298 -34.76 -31.02 -24.14
C GLY G 298 -34.48 -31.77 -22.85
N LEU G 299 -35.19 -31.41 -21.77
CA LEU G 299 -35.00 -32.11 -20.50
C LEU G 299 -35.42 -33.57 -20.60
N GLU G 300 -36.52 -33.85 -21.30
CA GLU G 300 -36.95 -35.24 -21.44
C GLU G 300 -35.97 -36.03 -22.30
N ALA G 301 -35.36 -35.40 -23.32
CA ALA G 301 -34.39 -36.09 -24.14
C ALA G 301 -33.13 -36.42 -23.36
N VAL G 302 -32.61 -35.45 -22.59
CA VAL G 302 -31.40 -35.74 -21.83
C VAL G 302 -31.69 -36.74 -20.71
N ASN G 303 -32.90 -36.69 -20.14
CA ASN G 303 -33.29 -37.67 -19.12
C ASN G 303 -33.38 -39.08 -19.72
N LYS G 304 -33.89 -39.19 -20.95
CA LYS G 304 -33.87 -40.47 -21.64
C LYS G 304 -32.44 -40.95 -21.85
N ASP G 305 -31.54 -40.04 -22.21
CA ASP G 305 -30.14 -40.41 -22.33
C ASP G 305 -29.56 -40.84 -20.99
N LYS G 306 -29.71 -39.99 -19.96
CA LYS G 306 -29.20 -40.24 -18.62
C LYS G 306 -30.10 -39.50 -17.63
N PRO G 307 -30.65 -40.17 -16.62
CA PRO G 307 -31.57 -39.50 -15.69
C PRO G 307 -30.90 -38.37 -14.91
N LEU G 308 -31.32 -37.14 -15.17
CA LEU G 308 -30.73 -35.98 -14.51
C LEU G 308 -31.20 -35.81 -13.07
N GLY G 309 -32.23 -36.53 -12.65
CA GLY G 309 -32.73 -36.43 -11.29
C GLY G 309 -33.77 -35.34 -11.16
N ALA G 310 -33.65 -34.53 -10.11
CA ALA G 310 -34.60 -33.46 -9.85
C ALA G 310 -34.26 -32.27 -10.74
N VAL G 311 -35.14 -31.97 -11.69
CA VAL G 311 -34.94 -30.86 -12.61
C VAL G 311 -35.54 -29.60 -12.00
N ALA G 312 -34.83 -28.48 -12.14
CA ALA G 312 -35.27 -27.22 -11.54
C ALA G 312 -36.56 -26.70 -12.15
N LEU G 313 -36.87 -27.06 -13.39
CA LEU G 313 -38.10 -26.58 -14.03
C LEU G 313 -39.31 -27.23 -13.39
N LYS G 314 -40.38 -26.44 -13.21
CA LYS G 314 -41.52 -26.89 -12.42
C LYS G 314 -42.31 -27.98 -13.13
N SER G 315 -42.60 -27.79 -14.42
CA SER G 315 -43.51 -28.68 -15.13
C SER G 315 -42.94 -30.09 -15.24
N TYR G 316 -41.69 -30.21 -15.69
CA TYR G 316 -41.10 -31.53 -15.85
C TYR G 316 -40.83 -32.21 -14.51
N GLU G 317 -40.51 -31.42 -13.49
CA GLU G 317 -40.36 -31.98 -12.14
C GLU G 317 -41.67 -32.55 -11.64
N GLU G 318 -42.78 -31.84 -11.85
CA GLU G 318 -44.08 -32.36 -11.46
C GLU G 318 -44.46 -33.59 -12.27
N GLU G 319 -44.07 -33.61 -13.55
CA GLU G 319 -44.29 -34.81 -14.37
C GLU G 319 -43.53 -36.01 -13.82
N LEU G 320 -42.29 -35.80 -13.39
CA LEU G 320 -41.48 -36.88 -12.82
C LEU G 320 -41.61 -37.00 -11.31
N ALA G 321 -42.46 -36.19 -10.69
CA ALA G 321 -42.64 -36.28 -9.24
C ALA G 321 -43.25 -37.61 -8.82
N LYS G 322 -44.02 -38.24 -9.71
CA LYS G 322 -44.64 -39.52 -9.39
C LYS G 322 -43.62 -40.65 -9.27
N ASP G 323 -42.45 -40.50 -9.88
CA ASP G 323 -41.45 -41.56 -9.85
C ASP G 323 -40.84 -41.67 -8.45
N PRO G 324 -40.86 -42.85 -7.83
CA PRO G 324 -40.34 -42.96 -6.46
C PRO G 324 -38.85 -42.66 -6.33
N ARG G 325 -38.07 -42.88 -7.39
CA ARG G 325 -36.64 -42.60 -7.32
C ARG G 325 -36.36 -41.12 -7.13
N ILE G 326 -37.12 -40.26 -7.83
CA ILE G 326 -36.96 -38.82 -7.64
C ILE G 326 -37.40 -38.42 -6.25
N ALA G 327 -38.43 -39.08 -5.72
CA ALA G 327 -38.86 -38.79 -4.35
C ALA G 327 -37.78 -39.15 -3.34
N ALA G 328 -37.12 -40.31 -3.53
CA ALA G 328 -36.03 -40.70 -2.64
C ALA G 328 -34.86 -39.74 -2.76
N THR G 329 -34.55 -39.30 -3.98
CA THR G 329 -33.48 -38.32 -4.16
C THR G 329 -33.81 -37.00 -3.47
N MET G 330 -35.07 -36.57 -3.55
CA MET G 330 -35.48 -35.35 -2.86
C MET G 330 -35.40 -35.51 -1.35
N GLU G 331 -35.79 -36.69 -0.83
CA GLU G 331 -35.68 -36.95 0.60
C GLU G 331 -34.21 -36.90 1.05
N ASN G 332 -33.32 -37.48 0.25
CA ASN G 332 -31.89 -37.38 0.56
C ASN G 332 -31.41 -35.93 0.53
N ALA G 333 -31.92 -35.14 -0.42
CA ALA G 333 -31.53 -33.74 -0.52
C ALA G 333 -31.98 -32.95 0.70
N GLN G 334 -33.22 -33.17 1.15
CA GLN G 334 -33.69 -32.51 2.36
C GLN G 334 -32.91 -32.97 3.59
N LYS G 335 -32.60 -34.27 3.67
CA LYS G 335 -31.77 -34.76 4.77
C LYS G 335 -30.35 -34.20 4.68
N GLY G 336 -29.88 -33.89 3.48
CA GLY G 336 -28.54 -33.36 3.28
C GLY G 336 -28.51 -31.85 3.36
N GLU G 337 -27.40 -31.29 2.87
CA GLU G 337 -27.15 -29.86 2.88
C GLU G 337 -26.79 -29.40 1.47
N ILE G 338 -27.31 -28.23 1.09
CA ILE G 338 -27.02 -27.68 -0.23
C ILE G 338 -25.54 -27.31 -0.30
N MET G 339 -24.87 -27.77 -1.34
CA MET G 339 -23.44 -27.53 -1.49
C MET G 339 -23.17 -26.03 -1.63
N PRO G 340 -22.22 -25.47 -0.88
CA PRO G 340 -21.99 -24.02 -0.92
C PRO G 340 -21.35 -23.54 -2.22
N ASN G 341 -21.06 -22.23 -2.29
CA ASN G 341 -20.61 -21.61 -3.52
C ASN G 341 -19.35 -20.76 -3.32
N ILE G 342 -18.78 -20.73 -2.13
CA ILE G 342 -17.59 -19.91 -1.85
C ILE G 342 -16.43 -20.39 -2.73
N PRO G 343 -15.63 -19.49 -3.30
CA PRO G 343 -14.45 -19.94 -4.07
C PRO G 343 -13.42 -20.70 -3.26
N GLN G 344 -13.53 -20.72 -1.92
CA GLN G 344 -12.66 -21.50 -1.07
C GLN G 344 -13.10 -22.95 -0.95
N MET G 345 -13.96 -23.42 -1.86
CA MET G 345 -14.42 -24.80 -1.82
C MET G 345 -13.49 -25.75 -2.54
N SER G 346 -12.91 -25.32 -3.67
CA SER G 346 -12.15 -26.23 -4.52
C SER G 346 -10.98 -26.85 -3.78
N ALA G 347 -10.13 -26.00 -3.16
CA ALA G 347 -9.03 -26.51 -2.36
C ALA G 347 -9.54 -27.37 -1.23
N PHE G 348 -10.67 -26.99 -0.62
CA PHE G 348 -11.30 -27.81 0.40
C PHE G 348 -11.52 -29.22 -0.12
N TRP G 349 -12.14 -29.33 -1.29
CA TRP G 349 -12.33 -30.65 -1.90
C TRP G 349 -10.99 -31.36 -2.04
N TYR G 350 -10.01 -30.64 -2.61
CA TYR G 350 -8.67 -31.18 -2.77
C TYR G 350 -8.16 -31.70 -1.43
N ALA G 351 -8.25 -30.86 -0.39
CA ALA G 351 -7.74 -31.28 0.91
C ALA G 351 -8.43 -32.54 1.37
N VAL G 352 -9.77 -32.53 1.30
CA VAL G 352 -10.52 -33.70 1.77
C VAL G 352 -10.14 -34.92 0.96
N ARG G 353 -9.99 -34.73 -0.37
CA ARG G 353 -9.62 -35.84 -1.23
C ARG G 353 -8.32 -36.46 -0.74
N THR G 354 -7.30 -35.63 -0.52
CA THR G 354 -6.02 -36.16 -0.08
C THR G 354 -6.18 -36.90 1.24
N ALA G 355 -6.92 -36.30 2.17
CA ALA G 355 -7.11 -36.93 3.47
C ALA G 355 -7.76 -38.28 3.30
N VAL G 356 -8.81 -38.35 2.47
CA VAL G 356 -9.51 -39.60 2.26
C VAL G 356 -8.55 -40.62 1.66
N ILE G 357 -7.76 -40.19 0.67
CA ILE G 357 -6.79 -41.11 0.07
C ILE G 357 -5.76 -41.50 1.10
N ASN G 358 -5.31 -40.55 1.91
CA ASN G 358 -4.38 -40.86 2.98
C ASN G 358 -5.04 -41.78 4.01
N ALA G 359 -6.35 -41.63 4.19
CA ALA G 359 -7.07 -42.57 5.05
C ALA G 359 -7.25 -43.92 4.38
N ALA G 360 -7.35 -43.93 3.04
CA ALA G 360 -7.76 -45.15 2.35
C ALA G 360 -6.66 -46.21 2.37
N SER G 361 -5.44 -45.83 2.00
CA SER G 361 -4.38 -46.81 1.80
C SER G 361 -3.67 -47.21 3.07
N GLY G 362 -4.00 -46.61 4.21
CA GLY G 362 -3.34 -46.94 5.46
C GLY G 362 -1.96 -46.34 5.63
N ARG G 363 -1.58 -45.38 4.79
CA ARG G 363 -0.28 -44.73 4.93
C ARG G 363 -0.19 -43.90 6.20
N GLN G 364 -1.32 -43.47 6.76
CA GLN G 364 -1.34 -42.64 7.95
C GLN G 364 -2.71 -42.73 8.59
N THR G 365 -2.80 -42.26 9.84
CA THR G 365 -4.00 -42.39 10.63
C THR G 365 -5.06 -41.37 10.20
N VAL G 366 -6.27 -41.58 10.70
CA VAL G 366 -7.39 -40.69 10.39
C VAL G 366 -7.14 -39.29 10.93
N ASP G 367 -6.68 -39.19 12.18
CA ASP G 367 -6.43 -37.89 12.79
C ASP G 367 -5.33 -37.16 12.05
N GLN G 368 -4.27 -37.87 11.66
CA GLN G 368 -3.20 -37.25 10.88
C GLN G 368 -3.72 -36.75 9.54
N ALA G 369 -4.56 -37.54 8.87
CA ALA G 369 -5.09 -37.13 7.57
C ALA G 369 -5.96 -35.88 7.70
N LEU G 370 -6.81 -35.83 8.73
CA LEU G 370 -7.66 -34.66 8.93
C LEU G 370 -6.82 -33.43 9.28
N ALA G 371 -5.76 -33.62 10.08
CA ALA G 371 -4.87 -32.50 10.39
C ALA G 371 -4.16 -31.99 9.15
N PHE G 372 -3.70 -32.91 8.29
CA PHE G 372 -3.04 -32.50 7.05
C PHE G 372 -4.00 -31.74 6.15
N ALA G 373 -5.24 -32.22 6.04
CA ALA G 373 -6.25 -31.51 5.24
C ALA G 373 -6.51 -30.12 5.80
N GLN G 374 -6.66 -30.02 7.13
CA GLN G 374 -6.88 -28.72 7.76
C GLN G 374 -5.73 -27.76 7.49
N ILE G 375 -4.49 -28.27 7.54
CA ILE G 375 -3.35 -27.42 7.20
C ILE G 375 -3.42 -26.99 5.74
N LEU G 376 -3.80 -27.90 4.85
CA LEU G 376 -3.90 -27.58 3.44
C LEU G 376 -5.01 -26.58 3.12
N ILE G 377 -6.01 -26.45 4.00
CA ILE G 377 -7.20 -25.69 3.64
C ILE G 377 -6.92 -24.19 3.60
N MET G 378 -6.30 -23.63 4.64
CA MET G 378 -6.21 -22.16 4.73
C MET G 378 -5.26 -21.63 3.66
N PRO G 379 -5.67 -20.64 2.87
CA PRO G 379 -4.88 -20.24 1.69
C PRO G 379 -3.72 -19.30 1.99
N ASN G 380 -3.86 -18.44 3.01
CA ASN G 380 -2.89 -17.37 3.23
C ASN G 380 -1.53 -17.87 3.68
N LEU G 381 -1.42 -19.14 4.07
CA LEU G 381 -0.11 -19.69 4.44
C LEU G 381 0.77 -19.82 3.21
N THR G 382 2.03 -19.44 3.36
CA THR G 382 3.01 -19.60 2.30
C THR G 382 3.31 -21.08 2.08
N GLU G 383 3.78 -21.41 0.87
CA GLU G 383 4.08 -22.79 0.54
C GLU G 383 5.17 -23.37 1.44
N GLU G 384 6.22 -22.58 1.71
CA GLU G 384 7.26 -23.02 2.63
C GLU G 384 6.71 -23.22 4.03
N GLN G 385 5.87 -22.29 4.49
CA GLN G 385 5.25 -22.42 5.80
C GLN G 385 4.33 -23.63 5.85
N ARG G 386 3.57 -23.86 4.78
CA ARG G 386 2.69 -25.02 4.73
C ARG G 386 3.48 -26.32 4.79
N ASN G 387 4.59 -26.40 4.05
CA ASN G 387 5.44 -27.59 4.10
C ASN G 387 6.04 -27.77 5.49
N GLY G 388 6.44 -26.68 6.14
CA GLY G 388 6.95 -26.76 7.50
C GLY G 388 5.91 -27.30 8.46
N PHE G 389 4.66 -26.84 8.33
CA PHE G 389 3.60 -27.35 9.19
C PHE G 389 3.27 -28.81 8.88
N ILE G 390 3.38 -29.21 7.61
CA ILE G 390 3.19 -30.61 7.25
C ILE G 390 4.24 -31.48 7.94
N GLN G 391 5.50 -31.05 7.89
CA GLN G 391 6.56 -31.78 8.57
C GLN G 391 6.35 -31.77 10.08
N SER G 392 5.88 -30.65 10.62
CA SER G 392 5.62 -30.53 12.05
C SER G 392 4.57 -31.52 12.50
N LEU G 393 3.50 -31.69 11.73
CA LEU G 393 2.51 -32.71 12.05
C LEU G 393 3.04 -34.11 11.81
N LYS G 394 3.96 -34.27 10.85
CA LYS G 394 4.51 -35.59 10.56
C LYS G 394 5.35 -36.11 11.73
N ASP G 395 6.23 -35.27 12.27
CA ASP G 395 7.23 -35.74 13.22
C ASP G 395 6.80 -35.65 14.67
N ASP G 396 5.62 -35.08 14.96
CA ASP G 396 5.16 -34.99 16.34
C ASP G 396 3.65 -34.86 16.39
N PRO G 397 2.92 -35.97 16.55
CA PRO G 397 1.46 -35.91 16.62
C PRO G 397 0.91 -35.65 18.03
N SER G 398 1.75 -35.64 19.05
CA SER G 398 1.26 -35.44 20.42
C SER G 398 0.77 -34.01 20.64
N VAL G 399 1.29 -33.05 19.87
CA VAL G 399 0.96 -31.65 20.06
C VAL G 399 0.24 -31.14 18.81
N SER G 400 -0.55 -32.01 18.18
CA SER G 400 -1.20 -31.68 16.92
C SER G 400 -2.17 -30.51 17.08
N LYS G 401 -2.91 -30.46 18.20
CA LYS G 401 -3.85 -29.37 18.40
C LYS G 401 -3.12 -28.03 18.58
N GLU G 402 -1.97 -28.05 19.27
CA GLU G 402 -1.19 -26.82 19.41
C GLU G 402 -0.66 -26.35 18.07
N ILE G 403 -0.19 -27.28 17.24
CA ILE G 403 0.30 -26.93 15.90
C ILE G 403 -0.82 -26.35 15.06
N LEU G 404 -2.02 -26.96 15.12
CA LEU G 404 -3.15 -26.44 14.37
C LEU G 404 -3.54 -25.05 14.84
N ALA G 405 -3.56 -24.82 16.15
CA ALA G 405 -3.90 -23.50 16.67
C ALA G 405 -2.89 -22.45 16.25
N GLU G 406 -1.59 -22.79 16.31
CA GLU G 406 -0.56 -21.85 15.91
C GLU G 406 -0.63 -21.55 14.42
N ALA G 407 -0.91 -22.57 13.60
CA ALA G 407 -1.04 -22.36 12.17
C ALA G 407 -2.26 -21.50 11.85
N LYS G 408 -3.37 -21.72 12.56
CA LYS G 408 -4.55 -20.88 12.36
C LYS G 408 -4.26 -19.43 12.75
N LYS G 409 -3.55 -19.23 13.86
CA LYS G 409 -3.20 -17.87 14.28
C LYS G 409 -2.31 -17.19 13.24
N LEU G 410 -1.33 -17.93 12.70
CA LEU G 410 -0.48 -17.38 11.65
C LEU G 410 -1.28 -17.05 10.39
N ASN G 411 -2.25 -17.92 10.05
CA ASN G 411 -3.09 -17.67 8.89
C ASN G 411 -3.92 -16.41 9.05
N GLU G 412 -4.52 -16.21 10.23
CA GLU G 412 -5.28 -14.99 10.47
C GLU G 412 -4.38 -13.77 10.54
N HIS G 413 -3.14 -13.93 11.00
CA HIS G 413 -2.19 -12.82 11.01
C HIS G 413 -1.88 -12.35 9.59
N GLN G 414 -1.69 -13.29 8.67
CA GLN G 414 -1.38 -12.97 7.28
C GLN G 414 -2.62 -12.83 6.41
N ALA G 415 -3.81 -12.91 7.00
CA ALA G 415 -5.04 -12.81 6.22
C ALA G 415 -5.16 -11.42 5.61
N PRO G 416 -5.52 -11.30 4.32
CA PRO G 416 -5.67 -10.02 3.64
C PRO G 416 -7.11 -9.51 3.66
N GLY G 424 -10.39 -11.31 16.82
CA GLY G 424 -10.43 -12.37 17.81
C GLY G 424 -11.18 -11.97 19.07
N SER G 425 -12.14 -12.80 19.48
CA SER G 425 -12.94 -12.54 20.66
C SER G 425 -13.07 -13.71 21.61
N GLY G 426 -12.69 -14.93 21.20
CA GLY G 426 -12.81 -16.11 22.05
C GLY G 426 -12.10 -16.00 23.37
N ASP G 427 -10.76 -15.92 23.34
CA ASP G 427 -10.00 -15.73 24.56
C ASP G 427 -10.18 -14.33 25.15
N GLN G 428 -10.59 -13.37 24.34
CA GLN G 428 -10.71 -11.99 24.80
C GLN G 428 -11.79 -11.86 25.87
N GLN G 429 -12.95 -12.49 25.64
CA GLN G 429 -14.02 -12.45 26.63
C GLN G 429 -13.64 -13.18 27.91
N SER G 430 -12.93 -14.31 27.78
CA SER G 430 -12.49 -15.04 28.96
C SER G 430 -11.51 -14.20 29.79
N ALA G 431 -10.56 -13.53 29.12
CA ALA G 431 -9.64 -12.66 29.84
C ALA G 431 -10.38 -11.49 30.48
N PHE G 432 -11.35 -10.92 29.77
CA PHE G 432 -12.21 -9.87 30.32
C PHE G 432 -12.87 -10.33 31.61
N TYR G 433 -13.54 -11.49 31.56
CA TYR G 433 -14.27 -11.99 32.72
C TYR G 433 -13.32 -12.30 33.88
N GLU G 434 -12.14 -12.84 33.57
CA GLU G 434 -11.18 -13.14 34.64
C GLU G 434 -10.69 -11.87 35.31
N ILE G 435 -10.42 -10.82 34.52
CA ILE G 435 -9.89 -9.59 35.10
C ILE G 435 -10.97 -8.84 35.88
N LEU G 436 -12.20 -8.81 35.38
CA LEU G 436 -13.25 -8.11 36.11
C LEU G 436 -13.56 -8.75 37.46
N ASN G 437 -13.17 -10.00 37.67
CA ASN G 437 -13.35 -10.68 38.95
C ASN G 437 -12.16 -10.52 39.89
N MET G 438 -11.16 -9.75 39.52
CA MET G 438 -9.90 -9.72 40.25
C MET G 438 -10.10 -8.98 41.57
N PRO G 439 -9.90 -9.63 42.73
CA PRO G 439 -10.32 -9.01 43.99
C PRO G 439 -9.33 -8.05 44.61
N ASN G 440 -8.02 -8.29 44.45
CA ASN G 440 -7.02 -7.44 45.05
C ASN G 440 -6.58 -6.30 44.15
N LEU G 441 -7.06 -6.26 42.91
CA LEU G 441 -6.70 -5.23 41.96
C LEU G 441 -7.62 -4.03 42.15
N ASN G 442 -7.03 -2.84 42.32
CA ASN G 442 -7.83 -1.64 42.42
C ASN G 442 -8.38 -1.25 41.05
N GLU G 443 -9.28 -0.26 41.06
CA GLU G 443 -10.03 0.07 39.85
C GLU G 443 -9.12 0.60 38.74
N ALA G 444 -8.09 1.36 39.09
CA ALA G 444 -7.20 1.93 38.08
C ALA G 444 -6.45 0.84 37.33
N GLN G 445 -5.89 -0.13 38.05
CA GLN G 445 -5.15 -1.20 37.40
C GLN G 445 -6.07 -2.11 36.59
N ARG G 446 -7.28 -2.38 37.10
CA ARG G 446 -8.24 -3.16 36.32
C ARG G 446 -8.61 -2.44 35.03
N ASN G 447 -8.84 -1.14 35.09
CA ASN G 447 -9.16 -0.38 33.88
C ASN G 447 -7.99 -0.38 32.91
N GLY G 448 -6.76 -0.25 33.42
CA GLY G 448 -5.60 -0.31 32.54
C GLY G 448 -5.44 -1.64 31.85
N PHE G 449 -5.61 -2.73 32.60
CA PHE G 449 -5.50 -4.06 32.02
C PHE G 449 -6.62 -4.33 31.02
N ILE G 450 -7.83 -3.85 31.32
CA ILE G 450 -8.96 -4.01 30.41
C ILE G 450 -8.70 -3.24 29.11
N GLN G 451 -8.18 -2.01 29.23
CA GLN G 451 -7.87 -1.22 28.04
C GLN G 451 -6.79 -1.90 27.22
N SER G 452 -5.77 -2.46 27.88
CA SER G 452 -4.72 -3.18 27.16
C SER G 452 -5.27 -4.41 26.45
N LEU G 453 -6.18 -5.14 27.11
CA LEU G 453 -6.78 -6.31 26.48
C LEU G 453 -7.61 -5.92 25.26
N LYS G 454 -8.45 -4.90 25.40
CA LYS G 454 -9.24 -4.44 24.26
C LYS G 454 -8.38 -3.86 23.16
N ASP G 455 -7.17 -3.41 23.49
CA ASP G 455 -6.33 -2.70 22.54
C ASP G 455 -5.46 -3.65 21.73
N ASP G 456 -4.74 -4.55 22.42
CA ASP G 456 -3.93 -5.58 21.75
C ASP G 456 -4.39 -6.95 22.23
N PRO G 457 -5.25 -7.63 21.49
CA PRO G 457 -5.74 -8.94 21.96
C PRO G 457 -4.78 -10.09 21.74
N SER G 458 -3.91 -10.02 20.73
CA SER G 458 -3.03 -11.13 20.41
C SER G 458 -2.01 -11.40 21.51
N GLN G 459 -1.71 -10.41 22.36
CA GLN G 459 -0.85 -10.60 23.51
C GLN G 459 -1.64 -10.74 24.80
N SER G 460 -2.91 -11.18 24.71
CA SER G 460 -3.75 -11.30 25.90
C SER G 460 -3.19 -12.33 26.88
N THR G 461 -2.75 -13.48 26.37
CA THR G 461 -2.37 -14.59 27.23
C THR G 461 -1.23 -14.21 28.15
N ASN G 462 -0.24 -13.47 27.65
CA ASN G 462 0.81 -12.93 28.50
C ASN G 462 0.24 -11.95 29.52
N VAL G 463 -0.56 -10.99 29.05
CA VAL G 463 -1.01 -9.89 29.90
C VAL G 463 -1.80 -10.43 31.09
N LEU G 464 -2.71 -11.37 30.83
CA LEU G 464 -3.46 -12.02 31.90
C LEU G 464 -2.53 -12.55 32.97
N GLY G 465 -1.49 -13.29 32.56
CA GLY G 465 -0.53 -13.81 33.52
C GLY G 465 0.11 -12.70 34.33
N GLU G 466 0.48 -11.61 33.67
CA GLU G 466 1.05 -10.47 34.38
C GLU G 466 0.08 -9.96 35.44
N ALA G 467 -1.20 -9.83 35.06
CA ALA G 467 -2.21 -9.44 36.03
C ALA G 467 -2.23 -10.39 37.21
N LYS G 468 -2.20 -11.70 36.92
CA LYS G 468 -2.17 -12.71 37.97
C LYS G 468 -0.96 -12.49 38.87
N LYS G 469 0.19 -12.17 38.27
CA LYS G 469 1.38 -11.88 39.06
C LYS G 469 1.12 -10.74 40.03
N LEU G 470 0.50 -9.66 39.54
CA LEU G 470 0.21 -8.53 40.39
C LEU G 470 -0.75 -8.92 41.50
N ASN G 471 -1.67 -9.85 41.22
CA ASN G 471 -2.61 -10.32 42.24
C ASN G 471 -1.87 -10.94 43.42
N GLU G 472 -0.70 -11.53 43.18
CA GLU G 472 0.08 -12.09 44.28
C GLU G 472 0.78 -10.99 45.09
N SER G 473 1.15 -9.89 44.45
CA SER G 473 1.88 -8.85 45.17
C SER G 473 0.96 -8.03 46.07
N GLN G 474 -0.29 -7.83 45.65
CA GLN G 474 -1.23 -6.99 46.38
C GLN G 474 -2.06 -7.75 47.40
N ALA G 475 -1.80 -9.04 47.57
CA ALA G 475 -2.56 -9.85 48.53
C ALA G 475 -2.22 -9.46 49.97
N VAL G 488 -9.91 12.64 46.05
CA VAL G 488 -9.17 13.82 46.49
C VAL G 488 -9.36 14.96 45.48
N THR G 489 -9.54 16.17 46.01
CA THR G 489 -9.73 17.36 45.19
C THR G 489 -8.40 18.06 45.00
N THR G 490 -8.07 18.39 43.75
CA THR G 490 -6.90 19.20 43.45
C THR G 490 -7.19 20.66 43.76
N TYR G 491 -6.45 21.23 44.70
CA TYR G 491 -6.56 22.63 45.07
C TYR G 491 -5.41 23.42 44.47
N LYS G 492 -5.69 24.65 44.04
CA LYS G 492 -4.74 25.52 43.37
C LYS G 492 -4.39 26.70 44.28
N LEU G 493 -3.12 27.07 44.31
CA LEU G 493 -2.65 28.33 44.87
C LEU G 493 -2.32 29.30 43.74
N VAL G 494 -2.89 30.50 43.82
CA VAL G 494 -2.53 31.57 42.90
C VAL G 494 -1.69 32.64 43.60
N LEU G 500 6.67 37.00 45.43
CA LEU G 500 6.56 35.69 44.78
C LEU G 500 5.25 35.57 44.01
N LYS G 501 5.35 35.32 42.70
CA LYS G 501 4.20 35.18 41.83
C LYS G 501 4.22 33.81 41.18
N GLY G 502 3.13 33.08 41.30
CA GLY G 502 3.05 31.76 40.69
C GLY G 502 1.83 31.00 41.17
N GLU G 503 1.64 29.84 40.56
CA GLU G 503 0.51 28.96 40.86
C GLU G 503 1.02 27.55 41.15
N THR G 504 0.34 26.86 42.05
CA THR G 504 0.66 25.49 42.40
C THR G 504 -0.63 24.70 42.56
N THR G 505 -0.50 23.38 42.58
CA THR G 505 -1.62 22.50 42.91
C THR G 505 -1.17 21.42 43.87
N THR G 506 -2.08 21.01 44.76
CA THR G 506 -1.88 19.86 45.61
C THR G 506 -3.19 19.10 45.76
N LYS G 507 -3.10 17.78 45.89
CA LYS G 507 -4.29 16.93 46.02
C LYS G 507 -4.58 16.73 47.51
N ALA G 508 -5.79 17.09 47.94
CA ALA G 508 -6.15 17.02 49.35
C ALA G 508 -7.58 16.53 49.50
N VAL G 509 -7.85 15.89 50.64
CA VAL G 509 -9.18 15.33 50.90
C VAL G 509 -10.19 16.38 51.33
N ASP G 510 -9.73 17.55 51.77
CA ASP G 510 -10.64 18.60 52.24
C ASP G 510 -9.92 19.94 52.22
N ALA G 511 -10.71 21.01 52.38
CA ALA G 511 -10.17 22.36 52.21
C ALA G 511 -9.10 22.70 53.24
N GLU G 512 -9.26 22.28 54.50
CA GLU G 512 -8.32 22.68 55.54
C GLU G 512 -6.95 22.01 55.36
N THR G 513 -6.92 20.75 54.91
CA THR G 513 -5.64 20.10 54.65
C THR G 513 -4.88 20.81 53.54
N ALA G 514 -5.58 21.18 52.47
CA ALA G 514 -4.95 21.95 51.40
C ALA G 514 -4.50 23.31 51.88
N GLU G 515 -5.28 23.94 52.77
CA GLU G 515 -4.88 25.21 53.34
C GLU G 515 -3.59 25.07 54.15
N LYS G 516 -3.49 24.00 54.94
CA LYS G 516 -2.27 23.75 55.70
C LYS G 516 -1.07 23.53 54.78
N ALA G 517 -1.26 22.72 53.74
CA ALA G 517 -0.16 22.46 52.81
C ALA G 517 0.28 23.73 52.08
N PHE G 518 -0.69 24.54 51.65
CA PHE G 518 -0.37 25.78 50.95
C PHE G 518 0.31 26.77 51.89
N LYS G 519 -0.13 26.83 53.14
CA LYS G 519 0.54 27.72 54.10
C LYS G 519 1.97 27.28 54.35
N GLN G 520 2.21 25.97 54.44
CA GLN G 520 3.58 25.48 54.55
C GLN G 520 4.40 25.87 53.32
N TYR G 521 3.85 25.66 52.12
CA TYR G 521 4.53 26.00 50.89
C TYR G 521 4.89 27.48 50.83
N ALA G 522 3.96 28.34 51.23
CA ALA G 522 4.23 29.76 51.32
C ALA G 522 5.30 30.06 52.36
N ASN G 523 5.31 29.31 53.47
CA ASN G 523 6.31 29.52 54.50
C ASN G 523 7.71 29.25 53.99
N ASP G 524 7.90 28.17 53.23
CA ASP G 524 9.25 27.87 52.73
C ASP G 524 9.72 28.88 51.69
N ASN G 525 8.79 29.58 51.02
CA ASN G 525 9.13 30.47 49.91
C ASN G 525 8.92 31.95 50.24
N GLY G 526 8.81 32.29 51.52
CA GLY G 526 8.78 33.69 51.92
C GLY G 526 7.49 34.43 51.68
N VAL G 527 6.34 33.77 51.77
CA VAL G 527 5.07 34.46 51.67
C VAL G 527 4.30 34.34 52.98
N TRP G 531 -4.92 35.64 53.20
CA TRP G 531 -5.39 34.43 52.55
C TRP G 531 -6.88 34.48 52.22
N THR G 532 -7.22 34.16 50.97
CA THR G 532 -8.61 34.08 50.54
C THR G 532 -8.84 32.73 49.87
N TYR G 533 -10.05 32.18 50.04
CA TYR G 533 -10.37 30.85 49.54
C TYR G 533 -11.70 30.91 48.77
N ASP G 534 -11.70 30.34 47.57
CA ASP G 534 -12.85 30.37 46.67
C ASP G 534 -13.26 28.94 46.33
N ASP G 535 -14.37 28.49 46.94
CA ASP G 535 -15.04 27.27 46.50
C ASP G 535 -15.41 27.33 45.03
N ALA G 536 -15.76 28.53 44.53
CA ALA G 536 -16.25 28.65 43.17
C ALA G 536 -15.21 28.23 42.15
N THR G 537 -13.95 28.57 42.40
CA THR G 537 -12.85 28.17 41.52
C THR G 537 -11.90 27.19 42.19
N LYS G 538 -12.24 26.72 43.39
CA LYS G 538 -11.40 25.80 44.18
C LYS G 538 -9.96 26.31 44.27
N THR G 539 -9.81 27.50 44.87
CA THR G 539 -8.55 28.20 44.76
C THR G 539 -8.25 29.00 46.01
N PHE G 540 -7.03 28.83 46.54
CA PHE G 540 -6.49 29.71 47.56
C PHE G 540 -5.66 30.79 46.87
N THR G 541 -5.95 32.04 47.21
CA THR G 541 -5.22 33.20 46.69
C THR G 541 -4.52 33.89 47.84
N VAL G 542 -3.22 34.11 47.69
CA VAL G 542 -2.38 34.75 48.69
C VAL G 542 -1.93 36.10 48.13
N THR G 543 -1.96 37.12 48.97
CA THR G 543 -1.55 38.46 48.56
C THR G 543 -0.69 39.13 49.63
N PRO H 66 -26.59 11.30 25.88
CA PRO H 66 -27.98 10.86 25.65
C PRO H 66 -28.09 9.36 25.39
N ASP H 67 -29.17 8.75 25.87
CA ASP H 67 -29.36 7.32 25.70
C ASP H 67 -29.91 7.00 24.31
N ILE H 68 -31.09 7.53 24.00
CA ILE H 68 -31.77 7.23 22.74
C ILE H 68 -32.15 8.54 22.07
N ILE H 69 -32.01 8.58 20.75
CA ILE H 69 -32.32 9.75 19.93
C ILE H 69 -33.51 9.43 19.04
N PHE H 70 -34.53 10.28 19.10
CA PHE H 70 -35.70 10.16 18.22
C PHE H 70 -35.47 11.11 17.04
N TRP H 71 -35.35 10.56 15.84
CA TRP H 71 -35.08 11.40 14.68
C TRP H 71 -35.44 10.64 13.42
N ALA H 72 -35.44 11.34 12.29
CA ALA H 72 -35.62 10.71 10.99
C ALA H 72 -34.44 9.79 10.67
N HIS H 73 -34.73 8.75 9.88
CA HIS H 73 -33.82 7.62 9.68
C HIS H 73 -32.60 7.94 8.82
N ASP H 74 -32.43 9.17 8.32
CA ASP H 74 -31.33 9.44 7.41
C ASP H 74 -29.99 9.49 8.13
N ARG H 75 -29.96 10.05 9.34
CA ARG H 75 -28.70 10.28 10.04
C ARG H 75 -28.23 9.06 10.83
N PHE H 76 -29.14 8.17 11.21
CA PHE H 76 -28.74 6.95 11.93
C PHE H 76 -27.80 6.09 11.09
N GLY H 77 -27.93 6.13 9.76
CA GLY H 77 -26.99 5.40 8.92
C GLY H 77 -25.56 5.91 9.07
N GLY H 78 -25.40 7.23 9.03
CA GLY H 78 -24.07 7.79 9.27
C GLY H 78 -23.58 7.57 10.68
N TYR H 79 -24.50 7.59 11.65
CA TYR H 79 -24.14 7.31 13.03
C TYR H 79 -23.61 5.88 13.18
N ALA H 80 -24.27 4.91 12.54
CA ALA H 80 -23.79 3.54 12.55
C ALA H 80 -22.47 3.40 11.81
N GLN H 81 -22.33 4.13 10.69
CA GLN H 81 -21.06 4.11 9.95
C GLN H 81 -19.93 4.66 10.80
N SER H 82 -20.18 5.74 11.54
CA SER H 82 -19.17 6.34 12.39
C SER H 82 -19.05 5.66 13.75
N GLY H 83 -19.91 4.70 14.05
CA GLY H 83 -19.88 4.02 15.33
C GLY H 83 -20.81 4.64 16.36
N ALA H 93 -40.94 -12.35 16.35
CA ALA H 93 -42.27 -11.90 16.71
C ALA H 93 -42.33 -10.37 16.82
N PHE H 94 -41.27 -9.80 17.41
CA PHE H 94 -41.20 -8.34 17.52
C PHE H 94 -41.11 -7.67 16.16
N GLN H 95 -40.36 -8.27 15.24
CA GLN H 95 -40.28 -7.74 13.88
C GLN H 95 -41.64 -7.80 13.18
N ASP H 96 -42.39 -8.88 13.40
CA ASP H 96 -43.71 -9.03 12.81
C ASP H 96 -44.75 -8.10 13.43
N LYS H 97 -44.43 -7.46 14.56
CA LYS H 97 -45.35 -6.52 15.18
C LYS H 97 -45.43 -5.20 14.43
N LEU H 98 -44.46 -4.89 13.58
CA LEU H 98 -44.42 -3.65 12.83
C LEU H 98 -44.49 -3.93 11.33
N TYR H 99 -44.61 -2.86 10.56
CA TYR H 99 -44.64 -2.99 9.12
C TYR H 99 -43.27 -3.40 8.59
N PRO H 100 -43.22 -4.16 7.50
CA PRO H 100 -41.91 -4.65 7.01
C PRO H 100 -41.05 -3.55 6.40
N PHE H 101 -41.66 -2.62 5.65
CA PHE H 101 -40.87 -1.55 5.04
C PHE H 101 -40.27 -0.62 6.08
N THR H 102 -40.91 -0.49 7.24
CA THR H 102 -40.33 0.31 8.31
C THR H 102 -39.03 -0.30 8.83
N TRP H 103 -39.01 -1.63 8.99
CA TRP H 103 -37.76 -2.30 9.38
C TRP H 103 -36.74 -2.26 8.26
N ASP H 104 -37.20 -2.37 7.00
CA ASP H 104 -36.27 -2.33 5.88
C ASP H 104 -35.61 -0.97 5.74
N ALA H 105 -36.34 0.11 6.05
CA ALA H 105 -35.79 1.45 5.92
C ALA H 105 -34.70 1.71 6.96
N VAL H 106 -34.86 1.18 8.17
CA VAL H 106 -33.91 1.41 9.24
C VAL H 106 -32.83 0.34 9.21
N ARG H 107 -32.88 -0.53 8.20
CA ARG H 107 -31.89 -1.58 8.04
C ARG H 107 -30.64 -1.05 7.34
N LEU H 112 -29.94 -4.34 11.59
CA LEU H 112 -30.87 -3.33 12.09
C LEU H 112 -30.16 -2.37 13.03
N ILE H 113 -30.52 -1.09 12.96
CA ILE H 113 -29.88 -0.07 13.79
C ILE H 113 -30.88 0.75 14.60
N ALA H 114 -32.16 0.79 14.25
CA ALA H 114 -33.12 1.61 14.99
C ALA H 114 -34.48 0.92 14.97
N TYR H 115 -35.32 1.29 15.94
CA TYR H 115 -36.67 0.77 16.02
C TYR H 115 -37.63 1.81 15.47
N PRO H 116 -38.34 1.54 14.37
CA PRO H 116 -39.29 2.52 13.84
C PRO H 116 -40.40 2.82 14.82
N ILE H 117 -40.78 4.09 14.90
CA ILE H 117 -41.84 4.54 15.79
C ILE H 117 -42.97 5.15 14.98
N ALA H 118 -42.64 6.11 14.12
CA ALA H 118 -43.64 6.79 13.31
C ALA H 118 -43.15 6.92 11.88
N VAL H 119 -44.10 7.00 10.95
CA VAL H 119 -43.82 7.27 9.54
C VAL H 119 -44.53 8.58 9.19
N GLU H 120 -43.76 9.59 8.83
CA GLU H 120 -44.28 10.93 8.57
C GLU H 120 -44.07 11.32 7.12
N ALA H 121 -45.09 11.91 6.51
CA ALA H 121 -45.02 12.45 5.16
C ALA H 121 -45.72 13.81 5.14
N LEU H 122 -45.22 14.69 4.27
CA LEU H 122 -45.79 16.03 4.17
C LEU H 122 -47.14 16.00 3.50
N SER H 123 -47.95 17.03 3.76
CA SER H 123 -49.29 17.13 3.20
C SER H 123 -49.66 18.59 3.04
N LEU H 124 -50.60 18.85 2.13
CA LEU H 124 -51.10 20.19 1.86
C LEU H 124 -52.28 20.46 2.78
N ILE H 125 -52.13 21.40 3.70
CA ILE H 125 -53.18 21.77 4.64
C ILE H 125 -53.72 23.13 4.23
N TYR H 126 -55.01 23.17 3.90
CA TYR H 126 -55.70 24.38 3.47
C TYR H 126 -56.79 24.74 4.48
N ASN H 127 -57.26 25.98 4.37
CA ASN H 127 -58.32 26.49 5.24
C ASN H 127 -59.66 26.33 4.51
N LYS H 128 -60.61 25.65 5.18
CA LYS H 128 -61.88 25.36 4.54
C LYS H 128 -62.68 26.63 4.24
N ASP H 129 -62.67 27.59 5.16
CA ASP H 129 -63.39 28.83 4.92
C ASP H 129 -62.74 29.65 3.80
N LEU H 130 -61.42 29.56 3.65
CA LEU H 130 -60.74 30.28 2.59
C LEU H 130 -61.15 29.75 1.21
N LEU H 131 -61.25 28.43 1.06
CA LEU H 131 -61.57 27.83 -0.23
C LEU H 131 -62.32 26.52 -0.07
N PRO H 132 -63.29 26.25 -0.94
CA PRO H 132 -64.01 24.96 -0.86
C PRO H 132 -63.12 23.77 -1.17
N ASN H 133 -62.37 23.81 -2.28
CA ASN H 133 -61.55 22.69 -2.71
C ASN H 133 -60.13 23.14 -2.96
N PRO H 134 -59.14 22.31 -2.65
CA PRO H 134 -57.75 22.69 -2.83
C PRO H 134 -57.38 22.74 -4.30
N PRO H 135 -56.39 23.54 -4.68
CA PRO H 135 -55.91 23.52 -6.06
C PRO H 135 -55.22 22.20 -6.38
N LYS H 136 -55.35 21.78 -7.64
CA LYS H 136 -54.75 20.53 -8.10
C LYS H 136 -53.41 20.72 -8.77
N THR H 137 -53.11 21.91 -9.28
CA THR H 137 -51.86 22.19 -9.96
C THR H 137 -51.18 23.39 -9.32
N TRP H 138 -49.85 23.39 -9.40
CA TRP H 138 -49.06 24.48 -8.83
C TRP H 138 -49.24 25.79 -9.59
N GLU H 139 -49.62 25.74 -10.86
CA GLU H 139 -49.76 26.95 -11.66
C GLU H 139 -50.93 27.81 -11.19
N GLU H 140 -51.99 27.19 -10.67
CA GLU H 140 -53.15 27.95 -10.23
C GLU H 140 -52.91 28.67 -8.90
N ILE H 141 -51.93 28.21 -8.11
CA ILE H 141 -51.69 28.81 -6.80
C ILE H 141 -51.33 30.29 -6.87
N PRO H 142 -50.48 30.77 -7.79
CA PRO H 142 -50.27 32.23 -7.89
C PRO H 142 -51.55 33.02 -8.11
N ALA H 143 -52.48 32.50 -8.92
CA ALA H 143 -53.74 33.21 -9.16
C ALA H 143 -54.55 33.32 -7.87
N LEU H 144 -54.63 32.23 -7.10
CA LEU H 144 -55.36 32.28 -5.83
C LEU H 144 -54.68 33.22 -4.84
N ASP H 145 -53.35 33.21 -4.80
CA ASP H 145 -52.63 34.08 -3.87
C ASP H 145 -52.80 35.54 -4.22
N LYS H 146 -52.74 35.89 -5.51
CA LYS H 146 -52.97 37.27 -5.92
C LYS H 146 -54.43 37.67 -5.74
N GLU H 147 -55.35 36.69 -5.79
CA GLU H 147 -56.73 36.96 -5.40
C GLU H 147 -56.82 37.30 -3.91
N LEU H 148 -56.02 36.61 -3.09
CA LEU H 148 -56.03 36.88 -1.66
C LEU H 148 -55.57 38.30 -1.35
N LYS H 149 -54.55 38.77 -2.05
CA LYS H 149 -54.04 40.13 -1.85
C LYS H 149 -55.08 41.17 -2.27
N LEU H 156 -49.98 31.30 -0.43
CA LEU H 156 -49.17 30.14 -0.10
C LEU H 156 -47.84 30.57 0.53
N MET H 157 -47.58 30.08 1.74
CA MET H 157 -46.29 30.28 2.39
C MET H 157 -46.12 29.19 3.44
N PHE H 158 -44.89 28.72 3.60
CA PHE H 158 -44.56 27.64 4.52
C PHE H 158 -43.14 27.85 5.01
N ASN H 159 -42.52 26.81 5.55
CA ASN H 159 -41.15 26.89 6.01
C ASN H 159 -40.21 26.86 4.81
N LEU H 160 -39.50 27.96 4.57
CA LEU H 160 -38.57 28.06 3.46
C LEU H 160 -37.13 27.75 3.85
N GLN H 161 -36.80 27.85 5.13
CA GLN H 161 -35.41 27.66 5.56
C GLN H 161 -34.97 26.21 5.44
N GLU H 162 -35.88 25.26 5.68
CA GLU H 162 -35.47 23.86 5.66
C GLU H 162 -35.75 23.26 4.28
N PRO H 163 -34.76 22.61 3.67
CA PRO H 163 -34.98 22.01 2.35
C PRO H 163 -36.05 20.95 2.34
N TYR H 164 -36.27 20.27 3.47
CA TYR H 164 -37.27 19.22 3.64
C TYR H 164 -38.62 19.56 3.00
N PHE H 165 -39.15 20.74 3.33
CA PHE H 165 -40.49 21.11 2.82
C PHE H 165 -40.47 21.53 1.37
N THR H 166 -39.40 22.17 0.90
CA THR H 166 -39.34 22.62 -0.49
C THR H 166 -38.95 21.50 -1.45
N TRP H 167 -38.45 20.38 -0.93
CA TRP H 167 -37.97 19.30 -1.79
C TRP H 167 -39.04 18.69 -2.70
N PRO H 168 -40.30 18.48 -2.27
CA PRO H 168 -41.29 17.86 -3.18
C PRO H 168 -41.46 18.56 -4.52
N LEU H 169 -41.42 19.90 -4.54
CA LEU H 169 -41.53 20.61 -5.81
C LEU H 169 -40.37 20.28 -6.74
N ILE H 170 -39.16 20.19 -6.18
CA ILE H 170 -37.99 19.80 -6.98
C ILE H 170 -38.12 18.37 -7.47
N ALA H 171 -38.56 17.46 -6.59
CA ALA H 171 -38.65 16.04 -6.93
C ALA H 171 -39.82 15.71 -7.83
N ALA H 172 -40.79 16.62 -7.99
CA ALA H 172 -41.94 16.34 -8.83
C ALA H 172 -41.55 16.12 -10.28
N ASP H 173 -40.60 16.91 -10.78
CA ASP H 173 -40.23 16.88 -12.20
C ASP H 173 -38.98 16.03 -12.46
N GLY H 174 -38.80 14.95 -11.70
CA GLY H 174 -37.71 14.02 -11.94
C GLY H 174 -36.53 14.17 -11.01
N GLY H 175 -36.49 15.20 -10.18
CA GLY H 175 -35.39 15.39 -9.24
C GLY H 175 -35.26 14.27 -8.23
N TYR H 176 -34.05 13.72 -8.10
CA TYR H 176 -33.79 12.63 -7.16
C TYR H 176 -32.49 12.89 -6.42
N ALA H 177 -32.47 12.56 -5.13
CA ALA H 177 -31.26 12.75 -4.34
C ALA H 177 -30.15 11.80 -4.78
N PHE H 178 -30.49 10.54 -4.98
CA PHE H 178 -29.52 9.54 -5.43
C PHE H 178 -30.24 8.53 -6.30
N LYS H 179 -29.52 7.98 -7.27
CA LYS H 179 -30.12 7.04 -8.22
C LYS H 179 -30.35 5.70 -7.54
N TYR H 180 -31.62 5.34 -7.35
CA TYR H 180 -32.01 4.07 -6.74
C TYR H 180 -32.25 3.07 -7.86
N GLU H 181 -31.24 2.26 -8.15
CA GLU H 181 -31.29 1.28 -9.23
C GLU H 181 -31.03 -0.10 -8.66
N ASN H 182 -31.86 -1.06 -9.09
CA ASN H 182 -31.91 -2.44 -8.59
C ASN H 182 -31.73 -2.50 -7.06
N GLY H 183 -32.45 -1.62 -6.37
CA GLY H 183 -32.46 -1.62 -4.92
C GLY H 183 -31.24 -1.03 -4.24
N LYS H 184 -30.30 -0.48 -4.99
CA LYS H 184 -29.08 0.08 -4.44
C LYS H 184 -28.97 1.56 -4.83
N TYR H 185 -28.35 2.33 -3.94
CA TYR H 185 -28.15 3.75 -4.16
C TYR H 185 -26.80 3.98 -4.83
N ASP H 186 -26.80 4.67 -5.96
CA ASP H 186 -25.57 4.98 -6.70
C ASP H 186 -25.10 6.36 -6.26
N ILE H 187 -24.09 6.39 -5.39
CA ILE H 187 -23.55 7.66 -4.89
C ILE H 187 -22.90 8.45 -6.01
N LYS H 188 -22.33 7.76 -7.01
CA LYS H 188 -21.67 8.44 -8.12
C LYS H 188 -22.63 9.27 -8.95
N ASP H 189 -23.92 8.94 -8.96
CA ASP H 189 -24.91 9.65 -9.75
C ASP H 189 -25.78 10.48 -8.81
N VAL H 190 -25.81 11.80 -9.05
CA VAL H 190 -26.63 12.73 -8.27
C VAL H 190 -27.47 13.53 -9.25
N GLY H 191 -28.78 13.52 -9.04
CA GLY H 191 -29.70 14.11 -10.00
C GLY H 191 -30.24 15.49 -9.66
N VAL H 192 -29.57 16.19 -8.74
CA VAL H 192 -30.01 17.53 -8.35
C VAL H 192 -29.91 18.51 -9.51
N ASP H 193 -28.99 18.28 -10.44
CA ASP H 193 -28.77 19.19 -11.57
C ASP H 193 -29.65 18.87 -12.77
N ASN H 194 -30.73 18.09 -12.58
CA ASN H 194 -31.61 17.76 -13.69
C ASN H 194 -32.41 18.97 -14.14
N ALA H 195 -32.87 18.93 -15.39
CA ALA H 195 -33.63 20.03 -15.97
C ALA H 195 -34.95 20.25 -15.24
N GLY H 196 -35.62 19.16 -14.82
CA GLY H 196 -36.84 19.30 -14.06
C GLY H 196 -36.61 19.99 -12.72
N ALA H 197 -35.48 19.69 -12.09
CA ALA H 197 -35.10 20.41 -10.86
C ALA H 197 -34.90 21.89 -11.14
N LYS H 198 -34.30 22.23 -12.28
CA LYS H 198 -34.15 23.63 -12.67
C LYS H 198 -35.51 24.29 -12.85
N ALA H 199 -36.45 23.60 -13.50
CA ALA H 199 -37.78 24.15 -13.69
C ALA H 199 -38.48 24.37 -12.36
N GLY H 200 -38.38 23.41 -11.44
CA GLY H 200 -39.00 23.57 -10.13
C GLY H 200 -38.41 24.73 -9.35
N LEU H 201 -37.08 24.84 -9.35
CA LEU H 201 -36.42 25.91 -8.61
C LEU H 201 -36.70 27.27 -9.23
N THR H 202 -36.78 27.35 -10.56
CA THR H 202 -37.09 28.63 -11.19
C THR H 202 -38.55 29.01 -11.00
N PHE H 203 -39.45 28.02 -10.89
CA PHE H 203 -40.83 28.34 -10.51
C PHE H 203 -40.89 28.85 -9.08
N LEU H 204 -40.10 28.26 -8.18
CA LEU H 204 -40.08 28.73 -6.80
C LEU H 204 -39.54 30.15 -6.72
N VAL H 205 -38.47 30.46 -7.45
CA VAL H 205 -37.93 31.82 -7.40
C VAL H 205 -38.88 32.80 -8.11
N ASP H 206 -39.64 32.32 -9.10
CA ASP H 206 -40.68 33.15 -9.70
C ASP H 206 -41.76 33.49 -8.70
N LEU H 207 -42.14 32.52 -7.86
CA LEU H 207 -43.07 32.81 -6.76
C LEU H 207 -42.46 33.81 -5.79
N ILE H 208 -41.16 33.68 -5.52
CA ILE H 208 -40.48 34.58 -4.58
C ILE H 208 -40.49 36.01 -5.10
N LYS H 209 -40.11 36.21 -6.37
CA LYS H 209 -39.98 37.56 -6.89
C LYS H 209 -41.32 38.24 -7.09
N ASN H 210 -42.38 37.46 -7.34
CA ASN H 210 -43.72 38.02 -7.49
C ASN H 210 -44.39 38.32 -6.15
N LYS H 211 -43.63 38.25 -5.05
CA LYS H 211 -44.09 38.55 -3.70
C LYS H 211 -45.20 37.60 -3.24
N HIS H 212 -45.40 36.49 -3.95
CA HIS H 212 -46.35 35.49 -3.51
C HIS H 212 -45.80 34.62 -2.38
N MET H 213 -44.47 34.58 -2.23
CA MET H 213 -43.82 33.69 -1.28
C MET H 213 -42.76 34.47 -0.52
N ASN H 214 -42.68 34.23 0.79
CA ASN H 214 -41.74 34.92 1.65
C ASN H 214 -40.43 34.15 1.69
N ALA H 215 -39.32 34.82 1.35
CA ALA H 215 -38.02 34.17 1.35
C ALA H 215 -37.43 34.00 2.74
N ASP H 216 -37.81 34.84 3.70
CA ASP H 216 -37.22 34.83 5.03
C ASP H 216 -38.09 34.15 6.08
N THR H 217 -39.27 33.67 5.71
CA THR H 217 -40.15 33.02 6.67
C THR H 217 -39.63 31.65 7.05
N ASP H 218 -40.04 31.17 8.22
CA ASP H 218 -39.64 29.86 8.71
C ASP H 218 -40.83 29.05 9.18
N TYR H 219 -40.56 27.92 9.86
CA TYR H 219 -41.62 27.04 10.31
C TYR H 219 -42.54 27.72 11.33
N SER H 220 -41.95 28.46 12.28
CA SER H 220 -42.74 29.09 13.33
C SER H 220 -43.65 30.19 12.75
N ILE H 221 -43.11 31.01 11.84
CA ILE H 221 -43.91 32.08 11.25
C ILE H 221 -45.02 31.49 10.38
N ALA H 222 -44.72 30.41 9.65
CA ALA H 222 -45.75 29.75 8.86
C ALA H 222 -46.84 29.17 9.73
N GLU H 223 -46.47 28.55 10.85
CA GLU H 223 -47.45 28.02 11.79
C GLU H 223 -48.31 29.14 12.35
N ALA H 224 -47.70 30.26 12.74
CA ALA H 224 -48.46 31.38 13.27
C ALA H 224 -49.42 31.95 12.23
N ALA H 225 -48.97 32.08 10.98
CA ALA H 225 -49.81 32.61 9.92
C ALA H 225 -50.99 31.68 9.64
N PHE H 226 -50.76 30.37 9.63
CA PHE H 226 -51.87 29.45 9.38
C PHE H 226 -52.82 29.38 10.56
N ASN H 227 -52.29 29.50 11.79
CA ASN H 227 -53.15 29.55 12.97
C ASN H 227 -54.03 30.79 12.95
N LYS H 228 -53.47 31.93 12.55
CA LYS H 228 -54.23 33.17 12.44
C LYS H 228 -54.98 33.29 11.12
N GLY H 229 -54.81 32.34 10.20
CA GLY H 229 -55.51 32.37 8.94
C GLY H 229 -54.93 33.30 7.90
N GLU H 230 -53.71 33.77 8.08
CA GLU H 230 -53.10 34.67 7.10
C GLU H 230 -52.87 33.98 5.76
N THR H 231 -52.39 32.74 5.80
CA THR H 231 -52.11 31.98 4.58
C THR H 231 -53.23 30.97 4.32
N ALA H 232 -53.63 30.87 3.06
CA ALA H 232 -54.73 29.98 2.70
C ALA H 232 -54.29 28.52 2.64
N MET H 233 -53.05 28.26 2.21
CA MET H 233 -52.51 26.90 2.21
C MET H 233 -51.15 26.89 2.88
N THR H 234 -50.73 25.69 3.28
CA THR H 234 -49.38 25.45 3.78
C THR H 234 -49.01 23.99 3.52
N ILE H 235 -47.71 23.72 3.57
CA ILE H 235 -47.17 22.37 3.46
C ILE H 235 -46.64 21.98 4.84
N ASN H 236 -47.18 20.91 5.41
CA ASN H 236 -46.77 20.53 6.75
C ASN H 236 -47.07 19.06 6.98
N GLY H 237 -46.41 18.50 7.99
CA GLY H 237 -46.59 17.11 8.36
C GLY H 237 -47.68 16.92 9.40
N PRO H 238 -47.85 15.68 9.85
CA PRO H 238 -48.89 15.40 10.86
C PRO H 238 -48.68 16.12 12.18
N TRP H 239 -47.43 16.34 12.59
CA TRP H 239 -47.13 16.82 13.94
C TRP H 239 -47.78 18.17 14.21
N ALA H 240 -47.84 19.03 13.20
CA ALA H 240 -48.41 20.36 13.40
C ALA H 240 -49.92 20.35 13.61
N TRP H 241 -50.59 19.24 13.27
CA TRP H 241 -52.06 19.21 13.30
C TRP H 241 -52.60 19.55 14.68
N SER H 242 -52.03 18.95 15.73
CA SER H 242 -52.46 19.26 17.09
C SER H 242 -52.32 20.74 17.38
N ASN H 243 -51.21 21.35 16.94
CA ASN H 243 -51.06 22.79 17.09
C ASN H 243 -52.17 23.53 16.33
N ILE H 244 -52.47 23.08 15.11
CA ILE H 244 -53.61 23.63 14.39
C ILE H 244 -54.90 23.34 15.15
N ASP H 245 -54.96 22.17 15.79
CA ASP H 245 -56.11 21.84 16.63
C ASP H 245 -56.24 22.81 17.79
N THR H 246 -55.12 23.37 18.27
CA THR H 246 -55.21 24.38 19.32
C THR H 246 -55.79 25.68 18.79
N SER H 247 -55.62 25.95 17.49
CA SER H 247 -56.19 27.15 16.88
C SER H 247 -57.67 27.00 16.53
N LYS H 248 -58.23 25.79 16.67
CA LYS H 248 -59.63 25.45 16.45
C LYS H 248 -60.16 25.85 15.07
N VAL H 249 -59.27 26.22 14.14
CA VAL H 249 -59.69 26.60 12.81
C VAL H 249 -59.85 25.35 11.95
N ASN H 250 -60.87 25.34 11.10
CA ASN H 250 -61.11 24.20 10.22
C ASN H 250 -59.98 24.08 9.21
N TYR H 251 -59.39 22.89 9.12
CA TYR H 251 -58.27 22.64 8.24
C TYR H 251 -58.49 21.33 7.49
N GLY H 252 -58.22 21.35 6.19
CA GLY H 252 -58.35 20.18 5.34
C GLY H 252 -56.99 19.77 4.80
N VAL H 253 -56.68 18.49 4.93
CA VAL H 253 -55.41 17.94 4.48
C VAL H 253 -55.62 17.19 3.18
N THR H 254 -54.65 17.27 2.28
CA THR H 254 -54.75 16.61 0.99
C THR H 254 -53.34 16.37 0.44
N VAL H 255 -53.30 15.71 -0.72
CA VAL H 255 -52.04 15.48 -1.42
C VAL H 255 -51.53 16.79 -2.01
N LEU H 256 -50.21 16.93 -2.04
CA LEU H 256 -49.59 18.11 -2.63
C LEU H 256 -49.96 18.22 -4.10
N PRO H 257 -50.17 19.43 -4.62
CA PRO H 257 -50.63 19.57 -6.02
C PRO H 257 -49.58 19.11 -7.02
N THR H 258 -50.07 18.68 -8.18
CA THR H 258 -49.18 18.24 -9.24
C THR H 258 -48.45 19.43 -9.87
N PHE H 259 -47.21 19.19 -10.29
CA PHE H 259 -46.38 20.20 -10.93
C PHE H 259 -46.21 19.83 -12.39
N LYS H 260 -46.70 20.71 -13.28
CA LYS H 260 -46.64 20.50 -14.73
C LYS H 260 -47.27 19.17 -15.13
N GLY H 261 -48.38 18.83 -14.48
CA GLY H 261 -49.06 17.58 -14.73
C GLY H 261 -48.44 16.36 -14.07
N GLN H 262 -47.41 16.55 -13.25
CA GLN H 262 -46.73 15.45 -12.59
C GLN H 262 -46.87 15.60 -11.07
N PRO H 263 -47.34 14.57 -10.37
CA PRO H 263 -47.48 14.68 -8.92
C PRO H 263 -46.13 14.78 -8.22
N SER H 264 -46.14 15.41 -7.05
CA SER H 264 -44.92 15.60 -6.28
C SER H 264 -44.44 14.27 -5.70
N LYS H 265 -43.17 14.25 -5.32
CA LYS H 265 -42.54 13.07 -4.72
C LYS H 265 -41.87 13.48 -3.42
N PRO H 266 -42.67 13.73 -2.37
CA PRO H 266 -42.09 14.17 -1.09
C PRO H 266 -41.28 13.08 -0.42
N PHE H 267 -40.27 13.50 0.33
CA PHE H 267 -39.51 12.57 1.16
C PHE H 267 -40.39 12.02 2.27
N VAL H 268 -40.30 10.72 2.49
CA VAL H 268 -41.02 10.04 3.57
C VAL H 268 -40.03 9.78 4.68
N GLY H 269 -40.23 10.44 5.82
CA GLY H 269 -39.33 10.27 6.95
C GLY H 269 -39.85 9.19 7.89
N VAL H 270 -38.93 8.50 8.54
CA VAL H 270 -39.27 7.52 9.56
C VAL H 270 -38.68 8.04 10.86
N LEU H 271 -39.55 8.48 11.77
CA LEU H 271 -39.12 8.90 13.09
C LEU H 271 -38.89 7.65 13.92
N SER H 272 -37.62 7.35 14.17
CA SER H 272 -37.21 6.14 14.87
C SER H 272 -36.23 6.51 15.98
N ALA H 273 -35.99 5.54 16.85
CA ALA H 273 -35.16 5.70 18.04
C ALA H 273 -33.86 4.93 17.84
N GLY H 274 -32.73 5.64 17.97
CA GLY H 274 -31.41 5.04 17.89
C GLY H 274 -30.74 5.08 19.25
N ILE H 275 -30.20 3.93 19.65
CA ILE H 275 -29.56 3.78 20.94
C ILE H 275 -28.08 4.12 20.82
N ASN H 276 -27.58 4.89 21.79
CA ASN H 276 -26.17 5.25 21.83
C ASN H 276 -25.31 4.02 22.10
N GLU H 283 -29.43 -2.01 27.48
CA GLU H 283 -30.45 -3.06 27.53
C GLU H 283 -31.74 -2.54 28.18
N LEU H 284 -31.57 -1.74 29.24
CA LEU H 284 -32.74 -1.16 29.90
C LEU H 284 -33.49 -0.22 28.98
N ALA H 285 -32.76 0.62 28.25
CA ALA H 285 -33.39 1.52 27.29
C ALA H 285 -34.04 0.75 26.15
N LYS H 286 -33.37 -0.31 25.66
CA LYS H 286 -33.93 -1.12 24.59
C LYS H 286 -35.22 -1.80 25.04
N GLU H 287 -35.23 -2.38 26.25
CA GLU H 287 -36.43 -3.03 26.75
C GLU H 287 -37.54 -2.02 27.01
N PHE H 288 -37.19 -0.84 27.51
CA PHE H 288 -38.18 0.21 27.74
C PHE H 288 -38.80 0.67 26.43
N LEU H 289 -38.00 0.73 25.37
CA LEU H 289 -38.55 1.00 24.04
C LEU H 289 -39.45 -0.13 23.56
N GLU H 290 -39.06 -1.38 23.83
CA GLU H 290 -39.76 -2.52 23.26
C GLU H 290 -41.09 -2.79 23.95
N ASN H 291 -41.07 -3.12 25.24
CA ASN H 291 -42.27 -3.59 25.91
C ASN H 291 -43.10 -2.49 26.56
N TYR H 292 -42.62 -1.25 26.57
CA TYR H 292 -43.39 -0.13 27.09
C TYR H 292 -43.74 0.90 26.04
N LEU H 293 -42.76 1.44 25.33
CA LEU H 293 -43.06 2.47 24.32
C LEU H 293 -43.77 1.86 23.11
N LEU H 294 -43.28 0.72 22.62
CA LEU H 294 -43.89 0.06 21.46
C LEU H 294 -45.12 -0.74 21.91
N THR H 295 -46.11 -0.01 22.41
CA THR H 295 -47.39 -0.56 22.82
C THR H 295 -48.50 0.35 22.33
N ASP H 296 -49.71 -0.19 22.30
CA ASP H 296 -50.86 0.61 21.86
C ASP H 296 -51.08 1.80 22.80
N GLU H 297 -50.98 1.57 24.11
CA GLU H 297 -51.17 2.66 25.06
C GLU H 297 -50.07 3.71 24.93
N GLY H 298 -48.81 3.27 24.78
CA GLY H 298 -47.72 4.22 24.62
C GLY H 298 -47.82 4.99 23.31
N LEU H 299 -48.14 4.31 22.21
CA LEU H 299 -48.28 4.98 20.93
C LEU H 299 -49.43 5.99 20.96
N GLU H 300 -50.56 5.62 21.56
CA GLU H 300 -51.68 6.55 21.63
C GLU H 300 -51.37 7.72 22.56
N ALA H 301 -50.63 7.48 23.64
CA ALA H 301 -50.24 8.57 24.54
C ALA H 301 -49.30 9.55 23.83
N VAL H 302 -48.38 9.04 23.03
CA VAL H 302 -47.49 9.92 22.27
C VAL H 302 -48.28 10.67 21.19
N ASN H 303 -49.20 9.98 20.51
CA ASN H 303 -49.95 10.60 19.43
C ASN H 303 -50.91 11.67 19.94
N LYS H 304 -51.44 11.52 21.15
CA LYS H 304 -52.33 12.53 21.69
C LYS H 304 -51.62 13.86 21.90
N ASP H 305 -50.38 13.82 22.38
CA ASP H 305 -49.61 15.05 22.58
C ASP H 305 -49.31 15.72 21.23
N LYS H 306 -48.77 14.95 20.29
CA LYS H 306 -48.47 15.43 18.95
C LYS H 306 -48.75 14.28 17.99
N PRO H 307 -49.44 14.52 16.89
CA PRO H 307 -49.81 13.42 15.98
C PRO H 307 -48.58 12.82 15.32
N LEU H 308 -48.37 11.52 15.55
CA LEU H 308 -47.25 10.82 14.95
C LEU H 308 -47.48 10.46 13.49
N GLY H 309 -48.70 10.61 12.99
CA GLY H 309 -49.00 10.23 11.63
C GLY H 309 -49.18 8.74 11.49
N ALA H 310 -48.36 8.10 10.66
CA ALA H 310 -48.39 6.65 10.48
C ALA H 310 -47.49 6.01 11.54
N VAL H 311 -48.09 5.32 12.49
CA VAL H 311 -47.32 4.63 13.51
C VAL H 311 -46.83 3.30 12.98
N ALA H 312 -45.69 2.84 13.49
CA ALA H 312 -45.14 1.56 13.06
C ALA H 312 -45.93 0.39 13.60
N LEU H 313 -46.62 0.56 14.72
CA LEU H 313 -47.39 -0.52 15.31
C LEU H 313 -48.63 -0.81 14.47
N LYS H 314 -48.92 -2.10 14.27
CA LYS H 314 -49.97 -2.50 13.34
C LYS H 314 -51.36 -2.16 13.87
N SER H 315 -51.63 -2.48 15.14
CA SER H 315 -52.98 -2.32 15.68
C SER H 315 -53.38 -0.85 15.77
N TYR H 316 -52.46 0.01 16.22
CA TYR H 316 -52.76 1.43 16.30
C TYR H 316 -52.92 2.03 14.91
N GLU H 317 -52.18 1.53 13.93
CA GLU H 317 -52.40 1.91 12.53
C GLU H 317 -53.80 1.51 12.07
N GLU H 318 -54.23 0.30 12.40
CA GLU H 318 -55.55 -0.16 11.98
C GLU H 318 -56.66 0.65 12.63
N GLU H 319 -56.53 0.95 13.92
CA GLU H 319 -57.56 1.74 14.59
C GLU H 319 -57.46 3.22 14.26
N LEU H 320 -56.33 3.67 13.72
CA LEU H 320 -56.14 5.06 13.35
C LEU H 320 -56.29 5.31 11.85
N ALA H 321 -56.41 4.25 11.05
CA ALA H 321 -56.57 4.41 9.60
C ALA H 321 -57.92 5.02 9.24
N LYS H 322 -58.89 4.99 10.16
CA LYS H 322 -60.19 5.59 9.89
C LYS H 322 -60.11 7.11 9.74
N ASP H 323 -59.09 7.74 10.30
CA ASP H 323 -58.92 9.18 10.18
C ASP H 323 -58.45 9.53 8.77
N PRO H 324 -59.19 10.37 8.03
CA PRO H 324 -58.79 10.67 6.64
C PRO H 324 -57.45 11.39 6.52
N ARG H 325 -57.00 12.08 7.56
CA ARG H 325 -55.71 12.75 7.51
C ARG H 325 -54.58 11.75 7.35
N ILE H 326 -54.66 10.62 8.06
CA ILE H 326 -53.67 9.56 7.91
C ILE H 326 -53.72 8.98 6.50
N ALA H 327 -54.92 8.86 5.93
CA ALA H 327 -55.05 8.37 4.57
C ALA H 327 -54.39 9.31 3.57
N ALA H 328 -54.58 10.62 3.74
CA ALA H 328 -53.90 11.59 2.89
C ALA H 328 -52.40 11.53 3.06
N THR H 329 -51.93 11.34 4.30
CA THR H 329 -50.50 11.21 4.56
C THR H 329 -49.92 10.00 3.82
N MET H 330 -50.62 8.86 3.87
CA MET H 330 -50.14 7.69 3.14
C MET H 330 -50.23 7.86 1.64
N GLU H 331 -51.24 8.58 1.15
CA GLU H 331 -51.29 8.87 -0.28
C GLU H 331 -50.07 9.68 -0.71
N ASN H 332 -49.72 10.70 0.08
CA ASN H 332 -48.50 11.46 -0.19
C ASN H 332 -47.27 10.58 -0.09
N ALA H 333 -47.28 9.62 0.84
CA ALA H 333 -46.13 8.74 1.03
C ALA H 333 -45.91 7.84 -0.18
N GLN H 334 -46.98 7.20 -0.67
CA GLN H 334 -46.83 6.33 -1.84
C GLN H 334 -46.51 7.16 -3.09
N LYS H 335 -47.07 8.36 -3.20
CA LYS H 335 -46.64 9.26 -4.25
C LYS H 335 -45.21 9.72 -4.07
N GLY H 336 -44.69 9.66 -2.85
CA GLY H 336 -43.33 10.09 -2.56
C GLY H 336 -42.32 8.95 -2.59
N GLU H 337 -41.11 9.26 -2.15
CA GLU H 337 -40.00 8.33 -2.09
C GLU H 337 -39.42 8.32 -0.69
N ILE H 338 -39.08 7.14 -0.19
CA ILE H 338 -38.53 7.02 1.16
C ILE H 338 -37.13 7.62 1.19
N MET H 339 -36.77 8.22 2.34
CA MET H 339 -35.48 8.85 2.47
C MET H 339 -34.38 7.80 2.60
N PRO H 340 -33.23 8.00 1.96
CA PRO H 340 -32.16 7.00 2.03
C PRO H 340 -31.51 6.95 3.41
N ASN H 341 -30.79 5.85 3.65
CA ASN H 341 -30.11 5.60 4.91
C ASN H 341 -28.59 5.70 4.78
N ILE H 342 -28.07 6.05 3.60
CA ILE H 342 -26.64 6.14 3.37
C ILE H 342 -26.06 7.29 4.18
N PRO H 343 -24.78 7.25 4.56
CA PRO H 343 -24.19 8.37 5.31
C PRO H 343 -23.96 9.63 4.49
N GLN H 344 -24.20 9.60 3.18
CA GLN H 344 -23.96 10.73 2.30
C GLN H 344 -25.14 11.71 2.24
N MET H 345 -26.00 11.73 3.25
CA MET H 345 -27.17 12.62 3.21
C MET H 345 -26.93 13.96 3.89
N SER H 346 -26.21 13.98 5.01
CA SER H 346 -26.16 15.17 5.85
C SER H 346 -25.56 16.36 5.09
N ALA H 347 -24.36 16.18 4.53
CA ALA H 347 -23.77 17.22 3.71
C ALA H 347 -24.66 17.52 2.51
N PHE H 348 -25.27 16.47 1.93
CA PHE H 348 -26.26 16.65 0.89
C PHE H 348 -27.34 17.62 1.34
N TRP H 349 -27.91 17.39 2.52
CA TRP H 349 -28.91 18.30 3.03
C TRP H 349 -28.36 19.70 3.14
N TYR H 350 -27.15 19.81 3.72
CA TYR H 350 -26.48 21.10 3.83
C TYR H 350 -26.38 21.74 2.47
N ALA H 351 -25.91 20.97 1.48
CA ALA H 351 -25.76 21.51 0.14
C ALA H 351 -27.09 22.02 -0.38
N VAL H 352 -28.14 21.21 -0.25
CA VAL H 352 -29.43 21.61 -0.78
C VAL H 352 -29.91 22.84 -0.03
N ARG H 353 -29.69 22.88 1.29
CA ARG H 353 -30.08 24.05 2.08
C ARG H 353 -29.42 25.30 1.52
N THR H 354 -28.11 25.23 1.27
CA THR H 354 -27.41 26.40 0.75
C THR H 354 -28.00 26.80 -0.59
N ALA H 355 -28.27 25.80 -1.45
CA ALA H 355 -28.84 26.12 -2.76
C ALA H 355 -30.17 26.83 -2.58
N VAL H 356 -31.02 26.33 -1.67
CA VAL H 356 -32.30 26.97 -1.44
C VAL H 356 -32.09 28.39 -0.93
N ILE H 357 -31.15 28.55 0.00
CA ILE H 357 -30.84 29.89 0.50
C ILE H 357 -30.28 30.75 -0.62
N ASN H 358 -29.50 30.14 -1.52
CA ASN H 358 -29.06 30.85 -2.71
C ASN H 358 -30.23 31.10 -3.66
N ALA H 359 -31.13 30.12 -3.77
CA ALA H 359 -32.21 30.24 -4.77
C ALA H 359 -33.27 31.22 -4.32
N ALA H 360 -33.65 31.18 -3.04
CA ALA H 360 -34.74 32.02 -2.56
C ALA H 360 -34.36 33.50 -2.51
N SER H 361 -33.16 33.79 -2.01
CA SER H 361 -32.75 35.18 -1.80
C SER H 361 -32.47 35.91 -3.10
N GLY H 362 -32.33 35.20 -4.22
CA GLY H 362 -32.03 35.85 -5.49
C GLY H 362 -30.59 36.27 -5.66
N ARG H 363 -29.70 35.90 -4.75
CA ARG H 363 -28.29 36.25 -4.88
C ARG H 363 -27.63 35.52 -6.05
N GLN H 364 -28.16 34.36 -6.43
CA GLN H 364 -27.57 33.58 -7.51
C GLN H 364 -28.69 32.89 -8.27
N THR H 365 -28.41 32.56 -9.53
CA THR H 365 -29.41 31.94 -10.38
C THR H 365 -29.59 30.47 -10.00
N VAL H 366 -30.63 29.85 -10.57
CA VAL H 366 -30.98 28.48 -10.24
C VAL H 366 -29.87 27.52 -10.65
N ASP H 367 -29.34 27.69 -11.86
CA ASP H 367 -28.30 26.80 -12.35
C ASP H 367 -27.03 26.89 -11.51
N GLN H 368 -26.64 28.11 -11.15
CA GLN H 368 -25.45 28.28 -10.31
C GLN H 368 -25.65 27.71 -8.92
N ALA H 369 -26.85 27.88 -8.35
CA ALA H 369 -27.13 27.30 -7.04
C ALA H 369 -27.08 25.78 -7.09
N LEU H 370 -27.64 25.19 -8.14
CA LEU H 370 -27.59 23.74 -8.28
C LEU H 370 -26.16 23.25 -8.47
N ALA H 371 -25.36 23.99 -9.23
CA ALA H 371 -23.95 23.62 -9.41
C ALA H 371 -23.19 23.70 -8.09
N PHE H 372 -23.44 24.74 -7.30
CA PHE H 372 -22.82 24.86 -5.99
C PHE H 372 -23.23 23.70 -5.09
N ALA H 373 -24.51 23.33 -5.10
CA ALA H 373 -24.98 22.20 -4.31
C ALA H 373 -24.32 20.91 -4.76
N GLN H 374 -24.19 20.70 -6.07
CA GLN H 374 -23.54 19.51 -6.60
C GLN H 374 -22.08 19.45 -6.17
N ILE H 375 -21.38 20.57 -6.23
CA ILE H 375 -19.98 20.61 -5.81
C ILE H 375 -19.85 20.30 -4.33
N LEU H 376 -20.75 20.86 -3.50
CA LEU H 376 -20.73 20.55 -2.08
C LEU H 376 -21.06 19.08 -1.82
N ILE H 377 -21.89 18.47 -2.65
CA ILE H 377 -22.27 17.08 -2.50
C ILE H 377 -21.07 16.16 -2.75
N MET H 378 -20.14 16.58 -3.60
CA MET H 378 -19.06 15.71 -4.05
C MET H 378 -18.19 15.28 -2.87
N PRO H 379 -18.02 13.98 -2.63
CA PRO H 379 -17.44 13.53 -1.35
C PRO H 379 -15.93 13.72 -1.20
N ASN H 380 -15.15 13.37 -2.22
CA ASN H 380 -13.70 13.23 -2.06
C ASN H 380 -12.92 14.48 -2.46
N LEU H 381 -13.58 15.56 -2.84
CA LEU H 381 -12.85 16.78 -3.17
C LEU H 381 -12.25 17.40 -1.92
N THR H 382 -10.99 17.82 -2.02
CA THR H 382 -10.32 18.51 -0.93
C THR H 382 -10.93 19.90 -0.75
N GLU H 383 -10.73 20.47 0.44
CA GLU H 383 -11.29 21.78 0.75
C GLU H 383 -10.75 22.85 -0.20
N GLU H 384 -9.44 22.82 -0.49
CA GLU H 384 -8.87 23.75 -1.45
C GLU H 384 -9.44 23.52 -2.85
N GLN H 385 -9.55 22.25 -3.25
CA GLN H 385 -10.10 21.93 -4.57
C GLN H 385 -11.57 22.34 -4.67
N ARG H 386 -12.34 22.07 -3.62
CA ARG H 386 -13.75 22.44 -3.61
C ARG H 386 -13.92 23.96 -3.66
N ASN H 387 -13.10 24.69 -2.89
CA ASN H 387 -13.16 26.14 -2.92
C ASN H 387 -12.78 26.69 -4.29
N GLY H 388 -11.77 26.10 -4.92
CA GLY H 388 -11.39 26.53 -6.26
C GLY H 388 -12.49 26.30 -7.28
N PHE H 389 -13.14 25.13 -7.22
CA PHE H 389 -14.25 24.86 -8.12
C PHE H 389 -15.43 25.79 -7.84
N ILE H 390 -15.67 26.10 -6.57
CA ILE H 390 -16.75 27.03 -6.21
C ILE H 390 -16.47 28.41 -6.80
N GLN H 391 -15.24 28.89 -6.67
CA GLN H 391 -14.87 30.18 -7.24
C GLN H 391 -14.99 30.16 -8.77
N SER H 392 -14.54 29.07 -9.40
CA SER H 392 -14.60 28.97 -10.85
C SER H 392 -16.05 28.98 -11.35
N LEU H 393 -16.95 28.31 -10.63
CA LEU H 393 -18.36 28.37 -10.98
C LEU H 393 -18.94 29.76 -10.72
N LYS H 394 -18.47 30.43 -9.66
CA LYS H 394 -19.02 31.72 -9.29
C LYS H 394 -18.69 32.78 -10.33
N ASP H 395 -17.43 32.86 -10.76
CA ASP H 395 -17.00 33.97 -11.60
C ASP H 395 -17.23 33.73 -13.09
N ASP H 396 -17.64 32.53 -13.49
CA ASP H 396 -17.92 32.27 -14.90
C ASP H 396 -18.89 31.10 -15.04
N PRO H 397 -20.17 31.37 -15.29
CA PRO H 397 -21.15 30.28 -15.44
C PRO H 397 -21.32 29.76 -16.86
N SER H 398 -20.48 30.17 -17.80
CA SER H 398 -20.65 29.74 -19.19
C SER H 398 -20.30 28.26 -19.36
N VAL H 399 -19.32 27.77 -18.61
CA VAL H 399 -18.78 26.43 -18.81
C VAL H 399 -19.07 25.57 -17.59
N SER H 400 -20.23 25.80 -16.95
CA SER H 400 -20.58 25.08 -15.73
C SER H 400 -20.63 23.57 -15.95
N LYS H 401 -21.12 23.13 -17.11
CA LYS H 401 -21.16 21.71 -17.42
C LYS H 401 -19.75 21.11 -17.46
N GLU H 402 -18.82 21.81 -18.13
CA GLU H 402 -17.44 21.33 -18.20
C GLU H 402 -16.79 21.33 -16.82
N ILE H 403 -17.08 22.35 -16.00
CA ILE H 403 -16.54 22.40 -14.65
C ILE H 403 -17.04 21.23 -13.82
N LEU H 404 -18.34 20.92 -13.93
CA LEU H 404 -18.90 19.79 -13.21
C LEU H 404 -18.29 18.48 -13.68
N ALA H 405 -18.10 18.32 -15.00
CA ALA H 405 -17.50 17.11 -15.53
C ALA H 405 -16.06 16.94 -15.04
N GLU H 406 -15.29 18.03 -15.03
CA GLU H 406 -13.92 17.96 -14.55
C GLU H 406 -13.86 17.65 -13.06
N ALA H 407 -14.77 18.24 -12.28
CA ALA H 407 -14.82 17.95 -10.85
C ALA H 407 -15.19 16.50 -10.60
N LYS H 408 -16.15 15.96 -11.36
CA LYS H 408 -16.50 14.55 -11.22
C LYS H 408 -15.34 13.65 -11.59
N LYS H 409 -14.60 14.00 -12.65
CA LYS H 409 -13.44 13.21 -13.05
C LYS H 409 -12.37 13.23 -11.95
N LEU H 410 -12.11 14.40 -11.36
CA LEU H 410 -11.15 14.49 -10.27
C LEU H 410 -11.60 13.68 -9.06
N ASN H 411 -12.89 13.75 -8.72
CA ASN H 411 -13.40 12.99 -7.59
C ASN H 411 -13.27 11.49 -7.81
N GLU H 412 -13.59 11.02 -9.03
CA GLU H 412 -13.40 9.61 -9.34
C GLU H 412 -11.93 9.23 -9.31
N HIS H 413 -11.04 10.13 -9.72
CA HIS H 413 -9.61 9.86 -9.68
C HIS H 413 -9.12 9.73 -8.25
N GLN H 414 -9.62 10.57 -7.34
CA GLN H 414 -9.19 10.57 -5.95
C GLN H 414 -10.04 9.63 -5.08
N ALA H 415 -10.95 8.88 -5.66
CA ALA H 415 -11.77 7.96 -4.90
C ALA H 415 -10.92 6.81 -4.37
N PRO H 416 -10.90 6.58 -3.04
CA PRO H 416 -10.12 5.49 -2.44
C PRO H 416 -10.74 4.12 -2.67
N GLN H 428 -16.28 5.93 -23.27
CA GLN H 428 -15.45 4.82 -23.71
C GLN H 428 -16.22 3.88 -24.62
N GLN H 429 -17.47 3.59 -24.25
CA GLN H 429 -18.33 2.77 -25.10
C GLN H 429 -18.61 3.44 -26.43
N SER H 430 -18.85 4.75 -26.41
CA SER H 430 -18.99 5.50 -27.65
C SER H 430 -17.69 5.46 -28.46
N ALA H 431 -16.55 5.57 -27.78
CA ALA H 431 -15.26 5.41 -28.45
C ALA H 431 -15.10 3.99 -28.98
N PHE H 432 -15.56 3.00 -28.22
CA PHE H 432 -15.53 1.60 -28.67
C PHE H 432 -16.30 1.43 -29.97
N TYR H 433 -17.49 2.04 -30.06
CA TYR H 433 -18.28 1.96 -31.28
C TYR H 433 -17.63 2.75 -32.41
N GLU H 434 -17.06 3.91 -32.11
CA GLU H 434 -16.51 4.79 -33.14
C GLU H 434 -15.27 4.19 -33.79
N ILE H 435 -14.41 3.56 -33.00
CA ILE H 435 -13.15 3.04 -33.53
C ILE H 435 -13.38 1.95 -34.57
N LEU H 436 -14.42 1.13 -34.38
CA LEU H 436 -14.68 0.03 -35.31
C LEU H 436 -15.12 0.51 -36.69
N ASN H 437 -15.45 1.79 -36.86
CA ASN H 437 -16.09 2.27 -38.07
C ASN H 437 -15.15 3.00 -39.03
N MET H 438 -13.84 3.02 -38.77
CA MET H 438 -12.92 3.56 -39.78
C MET H 438 -12.77 2.58 -40.92
N PRO H 439 -13.15 2.95 -42.15
CA PRO H 439 -13.07 2.00 -43.28
C PRO H 439 -11.66 1.71 -43.76
N ASN H 440 -10.88 2.77 -44.02
CA ASN H 440 -9.57 2.59 -44.65
C ASN H 440 -8.56 1.98 -43.69
N LEU H 441 -8.69 2.26 -42.39
CA LEU H 441 -7.83 1.66 -41.36
C LEU H 441 -7.77 0.14 -41.47
N ASN H 442 -6.58 -0.40 -41.69
CA ASN H 442 -6.44 -1.84 -41.73
C ASN H 442 -6.62 -2.46 -40.35
N GLU H 443 -6.88 -3.76 -40.33
CA GLU H 443 -7.32 -4.49 -39.14
C GLU H 443 -6.32 -4.37 -37.99
N ALA H 444 -5.02 -4.42 -38.30
CA ALA H 444 -4.00 -4.49 -37.25
C ALA H 444 -4.03 -3.26 -36.34
N GLN H 445 -3.97 -2.06 -36.93
CA GLN H 445 -3.96 -0.87 -36.09
C GLN H 445 -5.31 -0.65 -35.43
N ARG H 446 -6.39 -1.16 -36.03
CA ARG H 446 -7.69 -1.06 -35.36
C ARG H 446 -7.69 -1.85 -34.05
N ASN H 447 -7.13 -3.07 -34.07
CA ASN H 447 -7.00 -3.81 -32.82
C ASN H 447 -6.05 -3.11 -31.87
N GLY H 448 -4.96 -2.53 -32.38
CA GLY H 448 -4.03 -1.82 -31.51
C GLY H 448 -4.69 -0.66 -30.80
N PHE H 449 -5.45 0.14 -31.55
CA PHE H 449 -6.13 1.30 -30.97
C PHE H 449 -7.21 0.86 -29.98
N ILE H 450 -7.97 -0.19 -30.31
CA ILE H 450 -9.01 -0.60 -29.38
C ILE H 450 -8.40 -1.23 -28.13
N GLN H 451 -7.24 -1.87 -28.26
CA GLN H 451 -6.52 -2.38 -27.09
C GLN H 451 -6.05 -1.23 -26.20
N SER H 452 -5.55 -0.15 -26.82
CA SER H 452 -5.19 1.02 -26.03
C SER H 452 -6.41 1.64 -25.37
N LEU H 453 -7.55 1.67 -26.07
CA LEU H 453 -8.78 2.23 -25.51
C LEU H 453 -9.25 1.46 -24.29
N LYS H 454 -9.34 0.13 -24.41
CA LYS H 454 -9.70 -0.70 -23.27
C LYS H 454 -8.64 -0.61 -22.17
N ASP H 455 -7.38 -0.38 -22.57
CA ASP H 455 -6.29 -0.38 -21.62
C ASP H 455 -6.31 0.88 -20.75
N ASP H 456 -6.65 2.03 -21.34
CA ASP H 456 -6.67 3.30 -20.63
C ASP H 456 -7.89 4.12 -21.07
N PRO H 457 -8.97 4.10 -20.30
CA PRO H 457 -10.17 4.86 -20.71
C PRO H 457 -10.01 6.37 -20.62
N SER H 458 -9.28 6.86 -19.62
CA SER H 458 -9.21 8.30 -19.36
C SER H 458 -8.42 9.06 -20.42
N GLN H 459 -7.71 8.36 -21.31
CA GLN H 459 -7.01 8.98 -22.42
C GLN H 459 -7.81 8.86 -23.72
N SER H 460 -9.04 8.36 -23.62
CA SER H 460 -9.81 7.99 -24.81
C SER H 460 -10.03 9.18 -25.72
N THR H 461 -10.34 10.35 -25.15
CA THR H 461 -10.59 11.54 -25.95
C THR H 461 -9.36 11.91 -26.78
N ASN H 462 -8.17 11.62 -26.25
CA ASN H 462 -6.98 11.77 -27.08
C ASN H 462 -6.88 10.65 -28.12
N VAL H 463 -7.09 9.41 -27.68
CA VAL H 463 -6.84 8.25 -28.54
C VAL H 463 -7.77 8.25 -29.74
N LEU H 464 -9.01 8.68 -29.53
CA LEU H 464 -9.93 8.87 -30.65
C LEU H 464 -9.35 9.87 -31.65
N GLY H 465 -8.99 11.05 -31.16
CA GLY H 465 -8.71 12.16 -32.07
C GLY H 465 -7.53 11.90 -32.97
N GLU H 466 -6.42 11.44 -32.40
CA GLU H 466 -5.25 11.15 -33.21
C GLU H 466 -5.52 10.00 -34.18
N ALA H 467 -6.44 9.09 -33.82
CA ALA H 467 -6.84 8.04 -34.75
C ALA H 467 -7.42 8.66 -36.02
N LYS H 468 -8.26 9.68 -35.85
CA LYS H 468 -8.76 10.41 -37.02
C LYS H 468 -7.61 11.07 -37.77
N LYS H 469 -6.64 11.61 -37.04
CA LYS H 469 -5.46 12.18 -37.67
C LYS H 469 -4.70 11.11 -38.45
N LEU H 470 -4.80 9.86 -38.01
CA LEU H 470 -4.22 8.76 -38.77
C LEU H 470 -5.08 8.42 -39.98
N ASN H 471 -6.41 8.48 -39.83
CA ASN H 471 -7.31 7.96 -40.85
C ASN H 471 -7.09 8.63 -42.20
N GLU H 472 -7.07 9.97 -42.22
CA GLU H 472 -6.82 10.71 -43.45
C GLU H 472 -5.44 10.37 -44.02
N SER H 473 -4.47 10.09 -43.15
CA SER H 473 -3.17 9.61 -43.62
C SER H 473 -3.30 8.27 -44.33
N GLN H 474 -4.08 7.36 -43.76
CA GLN H 474 -4.23 6.04 -44.37
C GLN H 474 -4.98 6.12 -45.70
N ALA H 475 -6.02 6.94 -45.76
CA ALA H 475 -6.86 7.04 -46.94
C ALA H 475 -6.16 7.82 -48.05
N VAL H 488 1.57 -15.11 -44.37
CA VAL H 488 2.86 -15.59 -44.87
C VAL H 488 3.45 -16.62 -43.92
N THR H 489 4.10 -17.63 -44.50
CA THR H 489 4.71 -18.72 -43.73
C THR H 489 6.18 -18.42 -43.50
N THR H 490 6.62 -18.58 -42.26
CA THR H 490 8.04 -18.47 -41.90
C THR H 490 8.76 -19.76 -42.27
N TYR H 491 9.71 -19.67 -43.20
CA TYR H 491 10.53 -20.80 -43.63
C TYR H 491 11.93 -20.69 -43.02
N LYS H 492 12.52 -21.83 -42.70
CA LYS H 492 13.84 -21.91 -42.08
C LYS H 492 14.83 -22.59 -43.02
N LEU H 493 15.98 -21.96 -43.22
CA LEU H 493 17.10 -22.53 -43.94
C LEU H 493 18.08 -23.09 -42.92
N VAL H 494 18.52 -24.33 -43.14
CA VAL H 494 19.62 -24.92 -42.40
C VAL H 494 20.75 -25.18 -43.38
N ILE H 495 21.85 -24.46 -43.24
CA ILE H 495 23.05 -24.68 -44.01
C ILE H 495 23.98 -25.58 -43.19
N ASN H 496 24.11 -26.83 -43.63
CA ASN H 496 25.07 -27.76 -43.08
C ASN H 496 26.24 -27.86 -44.06
N GLY H 497 27.14 -26.89 -43.97
CA GLY H 497 28.27 -26.86 -44.88
C GLY H 497 29.61 -26.81 -44.19
N LYS H 498 30.67 -27.24 -44.89
CA LYS H 498 32.02 -27.14 -44.35
C LYS H 498 32.47 -25.67 -44.27
N THR H 499 31.89 -24.80 -45.08
CA THR H 499 32.21 -23.38 -45.06
C THR H 499 31.24 -22.58 -44.21
N LEU H 500 30.01 -23.05 -44.01
CA LEU H 500 29.00 -22.29 -43.28
C LEU H 500 28.03 -23.26 -42.62
N LYS H 501 27.90 -23.17 -41.30
CA LYS H 501 26.94 -23.96 -40.53
C LYS H 501 26.02 -22.99 -39.79
N GLY H 502 24.72 -23.20 -39.92
CA GLY H 502 23.77 -22.35 -39.21
C GLY H 502 22.36 -22.50 -39.73
N GLU H 503 21.45 -21.73 -39.13
CA GLU H 503 20.07 -21.66 -39.58
C GLU H 503 19.59 -20.21 -39.58
N THR H 504 18.71 -19.90 -40.53
CA THR H 504 18.13 -18.56 -40.68
C THR H 504 16.65 -18.69 -41.05
N THR H 505 15.91 -17.59 -40.93
CA THR H 505 14.49 -17.58 -41.22
C THR H 505 14.15 -16.47 -42.20
N THR H 506 13.11 -16.71 -43.01
CA THR H 506 12.50 -15.64 -43.80
C THR H 506 11.02 -15.92 -43.98
N LYS H 507 10.23 -14.85 -44.13
CA LYS H 507 8.79 -14.96 -44.33
C LYS H 507 8.50 -14.93 -45.83
N ALA H 508 7.73 -15.91 -46.30
CA ALA H 508 7.40 -16.00 -47.72
C ALA H 508 5.97 -16.49 -47.89
N VAL H 509 5.36 -16.13 -49.02
CA VAL H 509 3.99 -16.56 -49.31
C VAL H 509 3.92 -18.03 -49.74
N ASP H 510 5.04 -18.62 -50.15
CA ASP H 510 5.06 -19.99 -50.62
C ASP H 510 6.46 -20.54 -50.55
N ALA H 511 6.57 -21.87 -50.66
CA ALA H 511 7.89 -22.52 -50.65
C ALA H 511 8.75 -22.07 -51.82
N GLU H 512 8.14 -21.63 -52.92
CA GLU H 512 8.91 -21.22 -54.10
C GLU H 512 9.63 -19.90 -53.87
N THR H 513 8.93 -18.90 -53.33
CA THR H 513 9.60 -17.64 -53.01
C THR H 513 10.65 -17.82 -51.92
N ALA H 514 10.33 -18.63 -50.91
CA ALA H 514 11.32 -18.94 -49.88
C ALA H 514 12.52 -19.66 -50.46
N GLU H 515 12.29 -20.54 -51.45
CA GLU H 515 13.38 -21.25 -52.08
C GLU H 515 14.30 -20.29 -52.82
N LYS H 516 13.73 -19.35 -53.59
CA LYS H 516 14.57 -18.35 -54.25
C LYS H 516 15.32 -17.48 -53.25
N ALA H 517 14.65 -17.06 -52.18
CA ALA H 517 15.30 -16.21 -51.18
C ALA H 517 16.45 -16.95 -50.50
N PHE H 518 16.23 -18.21 -50.15
CA PHE H 518 17.26 -19.00 -49.48
C PHE H 518 18.41 -19.31 -50.42
N LYS H 519 18.11 -19.59 -51.69
CA LYS H 519 19.17 -19.83 -52.66
C LYS H 519 20.02 -18.58 -52.87
N GLN H 520 19.37 -17.41 -52.90
CA GLN H 520 20.12 -16.16 -53.00
C GLN H 520 21.02 -15.95 -51.78
N TYR H 521 20.46 -16.17 -50.58
CA TYR H 521 21.23 -16.05 -49.34
C TYR H 521 22.44 -16.96 -49.36
N ALA H 522 22.26 -18.21 -49.80
CA ALA H 522 23.38 -19.12 -49.95
C ALA H 522 24.38 -18.62 -50.99
N ASN H 523 23.88 -18.01 -52.07
CA ASN H 523 24.77 -17.50 -53.11
C ASN H 523 25.68 -16.41 -52.58
N ASP H 524 25.14 -15.48 -51.76
CA ASP H 524 26.01 -14.46 -51.19
C ASP H 524 26.92 -15.03 -50.11
N ASN H 525 26.61 -16.20 -49.56
CA ASN H 525 27.34 -16.74 -48.41
C ASN H 525 28.18 -17.97 -48.78
N GLY H 526 28.44 -18.18 -50.07
CA GLY H 526 29.22 -19.32 -50.51
C GLY H 526 28.48 -20.63 -50.35
N VAL H 530 23.34 -29.61 -52.26
CA VAL H 530 22.10 -30.37 -52.38
C VAL H 530 21.00 -29.74 -51.53
N TRP H 531 19.89 -29.38 -52.15
CA TRP H 531 18.77 -28.72 -51.48
C TRP H 531 17.65 -29.72 -51.26
N THR H 532 17.15 -29.78 -50.03
CA THR H 532 15.99 -30.61 -49.69
C THR H 532 14.97 -29.76 -48.96
N TYR H 533 13.70 -30.08 -49.13
CA TYR H 533 12.61 -29.34 -48.51
C TYR H 533 11.72 -30.27 -47.71
N ASP H 534 11.59 -30.00 -46.41
CA ASP H 534 10.69 -30.72 -45.53
C ASP H 534 9.49 -29.80 -45.35
N ASP H 535 8.37 -30.16 -46.00
CA ASP H 535 7.17 -29.34 -45.93
C ASP H 535 6.55 -29.33 -44.55
N ALA H 536 6.71 -30.41 -43.78
CA ALA H 536 6.05 -30.52 -42.49
C ALA H 536 6.54 -29.46 -41.50
N THR H 537 7.84 -29.15 -41.51
CA THR H 537 8.38 -28.08 -40.68
C THR H 537 8.79 -26.86 -41.50
N LYS H 538 8.50 -26.85 -42.80
CA LYS H 538 8.80 -25.73 -43.69
C LYS H 538 10.30 -25.39 -43.67
N THR H 539 11.12 -26.43 -43.80
CA THR H 539 12.56 -26.29 -43.66
C THR H 539 13.27 -26.67 -44.94
N PHE H 540 14.05 -25.74 -45.49
CA PHE H 540 14.99 -26.05 -46.56
C PHE H 540 16.35 -26.34 -45.94
N THR H 541 16.90 -27.50 -46.26
CA THR H 541 18.21 -27.91 -45.77
C THR H 541 19.15 -27.98 -46.96
N VAL H 542 20.26 -27.25 -46.88
CA VAL H 542 21.27 -27.24 -47.94
C VAL H 542 22.57 -27.81 -47.38
N THR H 543 23.06 -28.86 -48.03
CA THR H 543 24.27 -29.57 -47.65
C THR H 543 25.34 -29.32 -48.72
N GLU H 544 26.45 -28.73 -48.30
CA GLU H 544 27.56 -28.46 -49.22
C GLU H 544 28.25 -29.74 -49.63
C2 BGC I . -21.39 -35.14 -9.45
C3 BGC I . -20.62 -33.96 -8.85
C4 BGC I . -19.25 -34.36 -8.33
C5 BGC I . -18.53 -35.31 -9.29
C6 BGC I . -18.20 -36.62 -8.57
C1 BGC I . -20.58 -35.84 -10.54
O1 BGC I . -20.71 -37.23 -10.44
O2 BGC I . -22.59 -34.66 -9.99
O3 BGC I . -21.39 -33.42 -7.79
O4 BGC I . -18.43 -33.22 -8.18
O5 BGC I . -19.20 -35.49 -10.53
O6 BGC I . -17.15 -36.37 -7.67
C1 GLC I . -18.47 -32.75 -6.81
C2 GLC I . -18.15 -31.25 -6.81
C3 GLC I . -16.72 -31.01 -7.27
C4 GLC I . -15.77 -31.87 -6.45
C5 GLC I . -16.21 -33.34 -6.46
C6 GLC I . -15.29 -34.15 -5.56
O2 GLC I . -19.03 -30.57 -7.68
O3 GLC I . -16.39 -29.64 -7.09
O4 GLC I . -14.46 -31.81 -6.97
O5 GLC I . -17.54 -33.42 -5.99
O6 GLC I . -15.47 -35.52 -5.83
C2 BGC J . -39.21 16.26 9.63
C3 BGC J . -37.82 15.73 9.28
C4 BGC J . -36.92 16.87 8.80
C5 BGC J . -36.98 18.06 9.76
C6 BGC J . -37.38 19.36 9.04
C1 BGC J . -39.12 17.33 10.71
O1 BGC J . -40.03 18.38 10.41
O2 BGC J . -40.02 15.20 10.11
O3 BGC J . -37.92 14.72 8.30
O4 BGC J . -35.57 16.46 8.67
O5 BGC J . -37.80 17.82 10.90
O6 BGC J . -36.26 19.85 8.33
C1 GLC J . -35.26 16.17 7.29
C2 GLC J . -34.07 15.20 7.26
C3 GLC J . -32.81 15.88 7.80
C4 GLC J . -32.56 17.22 7.12
C5 GLC J . -33.83 18.08 7.08
C6 GLC J . -33.62 19.33 6.25
O2 GLC J . -34.38 14.08 8.04
O3 GLC J . -31.71 15.02 7.60
O4 GLC J . -31.53 17.92 7.79
O5 GLC J . -34.91 17.34 6.55
O6 GLC J . -32.77 20.22 6.94
#